data_6EL3
#
_entry.id   6EL3
#
_cell.length_a   92.460
_cell.length_b   94.860
_cell.length_c   313.530
_cell.angle_alpha   90.00
_cell.angle_beta   90.00
_cell.angle_gamma   90.00
#
_symmetry.space_group_name_H-M   'P 21 21 21'
#
loop_
_entity.id
_entity.type
_entity.pdbx_description
1 polymer '3-oxo-Delta(4,5)-steroid 5-beta-reductase'
2 polymer '3-oxo-Delta(4,5)-steroid 5-beta-reductase'
3 polymer '3-oxo-Delta(4,5)-steroid 5-beta-reductase'
4 polymer '3-oxo-Delta(4,5)-steroid 5-beta-reductase'
5 polymer '3-oxo-Delta(4,5)-steroid 5-beta-reductase'
6 polymer '3-oxo-Delta(4,5)-steroid 5-beta-reductase'
7 non-polymer 'NADP NICOTINAMIDE-ADENINE-DINUCLEOTIDE PHOSPHATE'
8 non-polymer 'CHLORIDE ION'
9 water water
#
loop_
_entity_poly.entity_id
_entity_poly.type
_entity_poly.pdbx_seq_one_letter_code
_entity_poly.pdbx_strand_id
1 'polypeptide(L)'
;MKHHHHHHQDEDEPSQSFESVALIIGVTGIVGNSLAEILPLSDTPGGPW(MLY)VYGVARRPRPTWNADHPIDYIQCDVS
DAEDTRS(MLY)LSPLTDVTHVFYVTWTNRESESENCEANGSMLRNVLQAIIPYAPNLRHVCLQTGT(MLY)HYLGPFTN
VDGPRHDPPFTEDMPRLQIQNFYYTQEDILFEEIK(MLY)IETVTWSIHRPNMIFGFSPYSLMNIVGTLCVYAAIC
(MLY)HEGSPLLFPGS(MLY)(MLY)AWEGFMTASDADLIAEQQIWAAVDPYA(MLY)NEAFNCNNADIF(MLY)W
(MLY)HLW(MLY)ILAEQFGIEEYGFEEGKNLGLVEMMKG(MLY)ERVWEEMVKENQLQEKKLEEVGVWWFADVILGVEG
MIDSMNKSKEYGFLGFRNSNNSFISWIDKY(MLY)AFKIVP
;
A
2 'polypeptide(L)'
;MKHHHHHHQDEDEPSQSFESVALIIGVTGIVGNSLAEILPLSDTPGGPW(MLY)VYGVARRPRPTWNADHPIDYIQCDVS
DAEDTRS(MLY)LSPLTDVTHVFYVTWTNRESESENCEANGSMLRNVLQAIIPYAPNLRHVCLQTGT(MLY)HYLGPFTN
VDGPRHDPPFTEDMPRLQIQNFYYTQEDILFEEIK(MLY)IETVTWSIHRPNMIFGFSPYSLMNIVGTLCVYAAIC
(MLY)HEGSPLLFPGS(MLY)KAWEGFMTASDADLIAEQQIWAAVDPYAKNEAFNCNNADIF(MLY)W(MLY)HLW
(MLY)ILAEQFGIEEYGFEEGKNLGLVEMMKG(MLY)ERVWEEMV(MLY)ENQLQE(MLY)KLEEVGVWWFADVILGVEG
MIDSMNKSKEYGFLGFRNSNNSFISWIDKY(MLY)AF(MLY)IVP
;
B
3 'polypeptide(L)'
;MKHHHHHHQDEDEPSQSFESVALIIGVTGIVGNSLAEILPLSDTPGGPW(MLY)VYGVARRPRPTWNADHPIDYIQCDVS
DAEDTRS(MLY)LSPLTDVTHVFYVTWTNRESESENCEANGSMLRNVLQAIIPYAPNLRHVCLQTGT(MLY)HYLGPFTN
VDGPRHDPPFTEDMPRLQIQNFYYTQEDILFEEIKKIETVTWSIHRPNMIFGFSPYSLMNIVGTLCVYAAIC(MLY)HEG
SPLLFPGS(MLY)(MLY)AWEGFMTASDADLIAEQQIWAAVDPYAKNEAFNCNNADIF(MLY)WKHLW(MLY)ILAEQFG
IEEYGFEEGKNLGLVEMM(MLY)G(MLY)ERVWEEMV(MLY)ENQLQE(MLY)KLEEVGVWWFADVILGVEGMIDSMNKS
KEYGFLGFRNSNNSFISWIDKY(MLY)AFKIVP
;
C
4 'polypeptide(L)'
;MKHHHHHHQDEDEPSQSFESVALIIGVTGIVGNSLAEILPLSDTPGGPW(MLY)VYGVARRPRPTWNADHPIDYIQCDVS
DAEDTRS(MLY)LSPLTDVTHVFYVTWTNRESESENCEANGSMLRNVLQAIIPYAPNLRHVCLQTGT(MLY)HYLGPFTN
VDGPRHDPPFTEDMPRLQIQNFYYTQEDILFEEIK(MLY)IETVTWSIHRPNMIFGFSPYSLMNIVGTLCVYAAIC
(MLY)HEGSPLLFPGS(MLY)KAWEGFMTASDADLIAEQQIWAAVDPYAKNEAFNCNNADIF(MLY)W(MLY)HLW
(MLY)ILAEQFGIEEYGFEEGKNLGLVEMMKG(MLY)ERVWEEMVKENQLQEKKLEEVGVWWFADVILGVEGMIDSMNKS
KEYGFLGFRNSNNSFISWIDKY(MLY)AFKIVP
;
D
5 'polypeptide(L)'
;MKHHHHHHQDEDEPSQSFESVALIIGVTGIVGNSLAEILPLSDTPGGPW(MLY)VYGVARRPRPTWNADHPIDYIQCDVS
DAEDTRS(MLY)LSPLTDVTHVFYVTWTNRESESENCEANGSMLRNVLQAIIPYAPNLRHVCLQTGT(MLY)HYLGPFTN
VDGPRHDPPFTEDMPRLQIQNFYYTQEDILFEEIK(MLY)IETVTWSIHRPNMIFGFSPYSLMNIVGTLCVYAAIC
(MLY)HEGSPLLFPGS(MLY)KAWEGFMTASDADLIAEQQIWAAVDPYAKNEAFNCNNADIF(MLY)W(MLY)HLW
(MLY)ILAEQFGIEEYGFEEGKNLGLVEMMKG(MLY)ERVWEEMV(MLY)ENQLQE(MLY)KLEEVGVWWFADVILGVEG
MIDSMNKSKEYGFLGFRNSNNSFISWIDKY(MLY)AFKIVP
;
E
6 'polypeptide(L)'
;MKHHHHHHQDEDEPSQSFESVALIIGVTGIVGNSLAEILPLSDTPGGPW(MLY)VYGVARRPRPTWNADHPIDYIQCDVS
DAEDTRS(MLY)LSPLTDVTHVFYVTWTNRESESENCEANGSMLRNVLQAIIPYAPNLRHVCLQTGT(MLY)HYLGPFTN
VDGPRHDPPFTEDMPRLQIQNFYYTQEDILFEEIKKIETVTWSIHRPNMIFGFSPYSLMNIVGTLCVYAAIC(MLY)HEG
SPLLFPGS(MLY)KAWEGFMTASDADLIAEQQIWAAVDPYAKNEAFNCNNADIF(MLY)W(MLY)HLW(MLY)ILAEQFG
IEEYGFEEGKNLGLVEMMKG(MLY)ERVWEEMVKENQLQEKKLEEVGVWWFADVILGVEGMIDSMNKSKEYGFLGFRNSN
NSFISWIDKY(MLY)AFKIVP
;
F
#
# COMPACT_ATOMS: atom_id res chain seq x y z
N PHE A 18 13.16 -6.79 -29.01
CA PHE A 18 12.03 -6.04 -28.47
C PHE A 18 11.88 -6.18 -26.96
N GLU A 19 11.61 -5.07 -26.30
CA GLU A 19 11.41 -5.05 -24.86
C GLU A 19 9.92 -5.09 -24.56
N SER A 20 9.14 -4.51 -25.47
CA SER A 20 7.72 -4.38 -25.28
C SER A 20 7.01 -4.50 -26.62
N VAL A 21 5.77 -4.98 -26.59
CA VAL A 21 4.98 -5.25 -27.79
C VAL A 21 3.60 -4.63 -27.66
N ALA A 22 3.35 -3.60 -28.47
CA ALA A 22 2.11 -2.84 -28.39
C ALA A 22 1.05 -3.36 -29.35
N LEU A 23 -0.19 -3.33 -28.88
CA LEU A 23 -1.36 -3.53 -29.71
C LEU A 23 -2.19 -2.25 -29.69
N ILE A 24 -2.22 -1.55 -30.83
CA ILE A 24 -2.99 -0.32 -30.94
C ILE A 24 -4.32 -0.62 -31.60
N ILE A 25 -5.42 -0.40 -30.86
CA ILE A 25 -6.75 -0.53 -31.44
C ILE A 25 -7.25 0.83 -31.91
N GLY A 26 -7.21 1.05 -33.22
CA GLY A 26 -7.58 2.32 -33.81
C GLY A 26 -6.37 3.07 -34.34
N VAL A 27 -5.55 2.36 -35.10
CA VAL A 27 -4.20 2.83 -35.42
C VAL A 27 -4.21 3.96 -36.46
N THR A 28 -5.33 4.11 -37.16
CA THR A 28 -5.44 5.24 -38.09
C THR A 28 -6.19 6.42 -37.49
N GLY A 29 -6.52 6.33 -36.20
CA GLY A 29 -7.23 7.43 -35.54
C GLY A 29 -6.31 8.56 -35.13
N ILE A 30 -6.90 9.62 -34.58
CA ILE A 30 -6.15 10.83 -34.29
C ILE A 30 -5.09 10.61 -33.18
N VAL A 31 -5.32 9.65 -32.29
CA VAL A 31 -4.27 9.30 -31.34
C VAL A 31 -3.53 8.05 -31.82
N GLY A 32 -4.26 7.10 -32.39
CA GLY A 32 -3.64 5.89 -32.90
C GLY A 32 -2.51 6.19 -33.85
N ASN A 33 -2.69 7.20 -34.70
CA ASN A 33 -1.65 7.52 -35.65
C ASN A 33 -0.41 8.12 -34.97
N SER A 34 -0.60 8.85 -33.87
CA SER A 34 0.56 9.35 -33.12
C SER A 34 1.28 8.20 -32.42
N LEU A 35 0.52 7.30 -31.80
CA LEU A 35 1.11 6.13 -31.14
C LEU A 35 1.94 5.32 -32.13
N ALA A 36 1.40 5.14 -33.32
CA ALA A 36 2.04 4.32 -34.35
C ALA A 36 3.40 4.90 -34.76
N GLU A 37 3.50 6.22 -34.78
CA GLU A 37 4.75 6.89 -35.17
C GLU A 37 5.74 6.95 -34.01
N ILE A 38 5.23 7.10 -32.80
CA ILE A 38 6.10 7.37 -31.66
C ILE A 38 6.64 6.11 -30.99
N LEU A 39 5.79 5.10 -30.82
CA LEU A 39 6.21 3.87 -30.16
C LEU A 39 7.51 3.24 -30.74
N PRO A 40 7.67 3.19 -32.07
CA PRO A 40 8.90 2.55 -32.56
C PRO A 40 10.17 3.41 -32.48
N LEU A 41 10.07 4.68 -32.10
CA LEU A 41 11.25 5.54 -32.06
C LEU A 41 12.26 4.98 -31.06
N SER A 42 13.55 5.19 -31.33
CA SER A 42 14.58 4.52 -30.55
C SER A 42 14.62 4.97 -29.10
N ASP A 43 14.20 6.19 -28.81
CA ASP A 43 14.30 6.69 -27.44
C ASP A 43 12.96 6.64 -26.70
N THR A 44 11.99 5.92 -27.24
CA THR A 44 10.70 5.83 -26.59
C THR A 44 10.81 4.96 -25.33
N PRO A 45 10.32 5.46 -24.20
CA PRO A 45 10.30 4.65 -22.96
C PRO A 45 9.68 3.27 -23.17
N GLY A 46 10.34 2.24 -22.65
CA GLY A 46 9.85 0.89 -22.75
C GLY A 46 10.29 0.18 -24.01
N GLY A 47 11.05 0.90 -24.84
CA GLY A 47 11.51 0.37 -26.11
C GLY A 47 12.73 -0.54 -25.98
N PRO A 48 13.12 -1.18 -27.09
CA PRO A 48 12.50 -1.01 -28.41
C PRO A 48 11.12 -1.66 -28.53
N TRP A 49 10.19 -0.98 -29.20
CA TRP A 49 8.82 -1.48 -29.32
C TRP A 49 8.56 -2.17 -30.65
N VAL A 51 5.18 -3.12 -32.82
CA VAL A 51 3.83 -2.56 -32.85
C VAL A 51 2.90 -3.23 -33.85
N TYR A 52 1.78 -3.74 -33.33
CA TYR A 52 0.62 -4.12 -34.14
C TYR A 52 -0.37 -2.97 -34.11
N GLY A 53 -1.03 -2.70 -35.23
CA GLY A 53 -2.06 -1.69 -35.27
C GLY A 53 -3.30 -2.20 -35.97
N VAL A 54 -4.46 -1.89 -35.41
CA VAL A 54 -5.73 -2.43 -35.88
C VAL A 54 -6.70 -1.32 -36.30
N ALA A 55 -7.34 -1.51 -37.44
CA ALA A 55 -8.47 -0.68 -37.88
C ALA A 55 -9.22 -1.49 -38.92
N ARG A 56 -10.38 -1.02 -39.37
CA ARG A 56 -11.13 -1.79 -40.34
C ARG A 56 -10.68 -1.51 -41.77
N ARG A 57 -10.52 -0.25 -42.13
CA ARG A 57 -10.22 0.11 -43.52
C ARG A 57 -8.82 -0.30 -43.93
N PRO A 58 -8.59 -0.45 -45.25
CA PRO A 58 -7.23 -0.72 -45.70
C PRO A 58 -6.32 0.42 -45.24
N ARG A 59 -5.06 0.12 -44.95
CA ARG A 59 -4.13 1.14 -44.49
C ARG A 59 -4.03 2.30 -45.49
N PRO A 60 -4.38 3.52 -45.05
CA PRO A 60 -4.31 4.69 -45.92
C PRO A 60 -2.87 5.17 -46.10
N THR A 61 -2.62 5.89 -47.19
CA THR A 61 -1.24 6.21 -47.54
C THR A 61 -0.55 7.09 -46.50
N TRP A 62 -1.30 8.01 -45.90
CA TRP A 62 -0.73 8.91 -44.89
C TRP A 62 -0.39 8.19 -43.57
N ASN A 63 -0.75 6.92 -43.46
CA ASN A 63 -0.43 6.09 -42.30
C ASN A 63 0.77 5.16 -42.59
N ALA A 64 1.15 5.08 -43.87
CA ALA A 64 2.03 4.00 -44.35
C ALA A 64 3.47 4.01 -43.84
N ASP A 65 3.98 5.16 -43.43
CA ASP A 65 5.40 5.24 -43.13
C ASP A 65 5.75 4.50 -41.85
N HIS A 66 4.81 4.41 -40.91
CA HIS A 66 5.12 3.86 -39.59
C HIS A 66 5.53 2.41 -39.68
N PRO A 67 6.60 2.03 -38.97
CA PRO A 67 7.06 0.65 -39.01
C PRO A 67 6.25 -0.24 -38.08
N ILE A 68 5.05 -0.62 -38.52
CA ILE A 68 4.13 -1.42 -37.69
C ILE A 68 3.55 -2.57 -38.50
N ASP A 69 2.96 -3.53 -37.78
CA ASP A 69 2.21 -4.61 -38.42
C ASP A 69 0.73 -4.21 -38.44
N TYR A 70 0.26 -3.75 -39.60
CA TYR A 70 -1.13 -3.29 -39.75
C TYR A 70 -2.08 -4.46 -39.94
N ILE A 71 -3.09 -4.54 -39.08
CA ILE A 71 -4.04 -5.66 -39.14
C ILE A 71 -5.46 -5.15 -39.33
N GLN A 72 -6.10 -5.56 -40.43
CA GLN A 72 -7.52 -5.27 -40.59
C GLN A 72 -8.35 -6.17 -39.68
N CYS A 73 -9.11 -5.54 -38.79
CA CYS A 73 -9.95 -6.29 -37.87
C CYS A 73 -11.10 -5.39 -37.42
N ASP A 74 -12.31 -5.95 -37.41
CA ASP A 74 -13.45 -5.24 -36.86
C ASP A 74 -13.67 -5.71 -35.43
N VAL A 75 -13.33 -4.88 -34.45
CA VAL A 75 -13.41 -5.33 -33.07
C VAL A 75 -14.86 -5.37 -32.54
N SER A 76 -15.83 -4.94 -33.35
CA SER A 76 -17.23 -5.12 -32.96
C SER A 76 -17.69 -6.55 -33.22
N ASP A 77 -16.82 -7.31 -33.90
CA ASP A 77 -17.09 -8.70 -34.26
C ASP A 77 -16.21 -9.63 -33.43
N ALA A 78 -16.81 -10.31 -32.45
CA ALA A 78 -16.07 -11.16 -31.53
C ALA A 78 -15.36 -12.30 -32.26
N GLU A 79 -16.03 -12.84 -33.27
CA GLU A 79 -15.41 -13.87 -34.10
C GLU A 79 -14.15 -13.33 -34.78
N ASP A 80 -14.22 -12.11 -35.27
CA ASP A 80 -13.09 -11.48 -35.96
C ASP A 80 -11.94 -11.21 -34.99
N THR A 81 -12.25 -10.76 -33.78
CA THR A 81 -11.19 -10.48 -32.82
C THR A 81 -10.48 -11.75 -32.39
N ARG A 82 -11.24 -12.82 -32.12
CA ARG A 82 -10.63 -14.09 -31.75
C ARG A 82 -9.77 -14.62 -32.89
N SER A 83 -10.21 -14.39 -34.12
CA SER A 83 -9.46 -14.87 -35.27
C SER A 83 -8.18 -14.07 -35.52
N LEU A 85 -6.80 -11.30 -33.37
CA LEU A 85 -6.05 -10.73 -32.24
C LEU A 85 -5.51 -11.80 -31.30
N SER A 86 -6.29 -12.85 -31.05
CA SER A 86 -5.82 -13.95 -30.21
C SER A 86 -4.49 -14.57 -30.67
N PRO A 87 -4.22 -14.62 -31.99
CA PRO A 87 -2.89 -15.10 -32.35
C PRO A 87 -1.71 -14.18 -31.96
N LEU A 88 -1.98 -12.96 -31.51
CA LEU A 88 -0.90 -12.04 -31.18
C LEU A 88 -0.39 -12.30 -29.75
N THR A 89 0.18 -13.47 -29.56
CA THR A 89 0.52 -13.95 -28.22
C THR A 89 1.70 -13.21 -27.57
N ASP A 90 2.42 -12.39 -28.32
CA ASP A 90 3.55 -11.69 -27.70
C ASP A 90 3.20 -10.28 -27.21
N VAL A 91 1.94 -9.87 -27.31
CA VAL A 91 1.53 -8.53 -26.87
C VAL A 91 1.82 -8.31 -25.38
N THR A 92 2.40 -7.16 -25.04
CA THR A 92 2.62 -6.81 -23.63
C THR A 92 1.79 -5.60 -23.18
N HIS A 93 1.40 -4.74 -24.12
CA HIS A 93 0.62 -3.55 -23.81
C HIS A 93 -0.47 -3.31 -24.84
N VAL A 94 -1.68 -2.99 -24.38
CA VAL A 94 -2.77 -2.64 -25.28
C VAL A 94 -3.07 -1.16 -25.16
N PHE A 95 -3.18 -0.47 -26.29
CA PHE A 95 -3.59 0.93 -26.32
C PHE A 95 -4.93 1.03 -27.03
N TYR A 96 -5.99 1.30 -26.29
CA TYR A 96 -7.32 1.27 -26.88
C TYR A 96 -7.77 2.69 -27.18
N VAL A 97 -7.79 3.04 -28.47
CA VAL A 97 -8.06 4.42 -28.87
C VAL A 97 -9.05 4.46 -30.05
N THR A 98 -10.26 3.99 -29.80
CA THR A 98 -11.30 3.91 -30.83
C THR A 98 -12.68 4.08 -30.22
N TRP A 99 -13.66 4.40 -31.06
CA TRP A 99 -15.07 4.37 -30.66
C TRP A 99 -15.97 4.30 -31.90
N THR A 100 -17.22 3.95 -31.67
CA THR A 100 -18.26 4.01 -32.69
C THR A 100 -19.33 5.01 -32.25
N ASN A 101 -19.76 5.87 -33.18
CA ASN A 101 -20.68 6.96 -32.88
C ASN A 101 -22.12 6.55 -33.23
N ARG A 102 -22.90 6.19 -32.21
CA ARG A 102 -24.25 5.70 -32.47
C ARG A 102 -25.32 6.75 -32.15
N GLU A 103 -26.57 6.50 -32.54
CA GLU A 103 -27.62 7.50 -32.47
C GLU A 103 -28.24 7.73 -31.07
N SER A 104 -27.96 6.84 -30.13
CA SER A 104 -28.44 7.03 -28.76
C SER A 104 -27.35 6.60 -27.80
N GLU A 105 -27.39 7.10 -26.57
CA GLU A 105 -26.34 6.70 -25.63
C GLU A 105 -26.48 5.22 -25.25
N SER A 106 -27.69 4.70 -25.20
CA SER A 106 -27.85 3.30 -24.84
C SER A 106 -27.18 2.41 -25.90
N GLU A 107 -27.28 2.81 -27.16
CA GLU A 107 -26.60 2.09 -28.23
C GLU A 107 -25.09 2.33 -28.12
N ASN A 108 -24.69 3.54 -27.77
CA ASN A 108 -23.25 3.82 -27.54
C ASN A 108 -22.67 2.89 -26.47
N CYS A 109 -23.40 2.72 -25.36
CA CYS A 109 -22.92 1.85 -24.28
C CYS A 109 -22.79 0.39 -24.69
N GLU A 110 -23.80 -0.14 -25.37
CA GLU A 110 -23.71 -1.52 -25.82
CA GLU A 110 -23.73 -1.52 -25.83
C GLU A 110 -22.60 -1.70 -26.83
N ALA A 111 -22.62 -0.90 -27.90
CA ALA A 111 -21.66 -1.02 -28.98
C ALA A 111 -20.23 -0.82 -28.51
N ASN A 112 -19.96 0.29 -27.83
CA ASN A 112 -18.59 0.58 -27.40
C ASN A 112 -18.13 -0.33 -26.26
N GLY A 113 -19.08 -0.73 -25.43
CA GLY A 113 -18.80 -1.73 -24.41
C GLY A 113 -18.37 -3.04 -25.06
N SER A 114 -19.12 -3.46 -26.07
CA SER A 114 -18.81 -4.71 -26.75
C SER A 114 -17.45 -4.71 -27.46
N MET A 115 -17.09 -3.57 -28.07
CA MET A 115 -15.81 -3.45 -28.74
C MET A 115 -14.65 -3.65 -27.76
N LEU A 116 -14.70 -2.95 -26.63
CA LEU A 116 -13.65 -3.08 -25.64
C LEU A 116 -13.61 -4.51 -25.10
N ARG A 117 -14.78 -5.07 -24.78
CA ARG A 117 -14.84 -6.43 -24.26
C ARG A 117 -14.22 -7.43 -25.22
N ASN A 118 -14.54 -7.31 -26.50
CA ASN A 118 -14.02 -8.22 -27.51
C ASN A 118 -12.50 -8.18 -27.57
N VAL A 119 -11.94 -6.98 -27.50
CA VAL A 119 -10.49 -6.85 -27.49
C VAL A 119 -9.89 -7.51 -26.26
N LEU A 120 -10.44 -7.20 -25.09
CA LEU A 120 -9.86 -7.71 -23.85
C LEU A 120 -9.97 -9.23 -23.78
N GLN A 121 -11.10 -9.77 -24.23
CA GLN A 121 -11.34 -11.20 -24.16
C GLN A 121 -10.55 -11.97 -25.22
N ALA A 122 -10.12 -11.28 -26.28
CA ALA A 122 -9.33 -11.93 -27.31
C ALA A 122 -7.87 -11.99 -26.90
N ILE A 123 -7.44 -11.05 -26.07
CA ILE A 123 -6.02 -10.90 -25.74
C ILE A 123 -5.64 -11.46 -24.36
N ILE A 124 -6.42 -11.14 -23.34
CA ILE A 124 -6.03 -11.50 -21.97
C ILE A 124 -5.75 -13.02 -21.79
N PRO A 125 -6.58 -13.91 -22.37
CA PRO A 125 -6.29 -15.33 -22.17
C PRO A 125 -5.11 -15.88 -22.99
N TYR A 126 -4.67 -15.16 -24.03
CA TYR A 126 -3.72 -15.72 -24.98
C TYR A 126 -2.36 -15.02 -25.03
N ALA A 127 -2.26 -13.87 -24.36
CA ALA A 127 -1.00 -13.15 -24.32
C ALA A 127 -0.42 -13.25 -22.91
N PRO A 128 0.44 -14.27 -22.68
CA PRO A 128 0.93 -14.60 -21.34
C PRO A 128 1.80 -13.52 -20.74
N ASN A 129 2.36 -12.64 -21.58
CA ASN A 129 3.22 -11.56 -21.11
C ASN A 129 2.51 -10.21 -21.09
N LEU A 130 1.19 -10.21 -21.27
CA LEU A 130 0.40 -8.99 -21.21
C LEU A 130 0.59 -8.30 -19.85
N ARG A 131 0.92 -7.01 -19.86
CA ARG A 131 1.19 -6.31 -18.61
C ARG A 131 0.26 -5.14 -18.32
N HIS A 132 -0.30 -4.52 -19.35
CA HIS A 132 -1.00 -3.25 -19.13
C HIS A 132 -1.96 -2.90 -20.26
N VAL A 133 -3.06 -2.26 -19.90
CA VAL A 133 -4.02 -1.77 -20.89
C VAL A 133 -4.26 -0.28 -20.66
N CYS A 134 -4.02 0.53 -21.70
CA CYS A 134 -4.43 1.92 -21.72
C CYS A 134 -5.79 2.06 -22.38
N LEU A 135 -6.73 2.71 -21.67
CA LEU A 135 -8.05 3.03 -22.20
C LEU A 135 -8.21 4.53 -22.33
N GLN A 136 -8.44 5.01 -23.54
CA GLN A 136 -8.68 6.43 -23.76
C GLN A 136 -10.18 6.71 -23.75
N THR A 137 -10.59 7.65 -22.92
CA THR A 137 -11.96 8.15 -22.95
C THR A 137 -11.84 9.66 -23.19
N GLY A 138 -12.32 10.49 -22.25
CA GLY A 138 -12.27 11.93 -22.47
C GLY A 138 -13.07 12.78 -21.50
N THR A 139 -13.10 14.09 -21.77
CA THR A 139 -13.75 15.09 -20.92
C THR A 139 -15.26 14.85 -20.75
N HIS A 141 -16.44 12.37 -19.72
CA HIS A 141 -16.53 11.71 -18.43
C HIS A 141 -17.19 12.63 -17.41
N TYR A 142 -16.88 13.92 -17.52
CA TYR A 142 -17.32 14.91 -16.55
C TYR A 142 -18.58 15.64 -17.00
N LEU A 143 -18.82 15.62 -18.30
CA LEU A 143 -19.87 16.44 -18.90
C LEU A 143 -21.06 15.62 -19.35
N GLY A 144 -20.83 14.31 -19.51
CA GLY A 144 -21.83 13.45 -20.11
C GLY A 144 -21.80 13.54 -21.61
N PRO A 145 -22.60 12.71 -22.29
CA PRO A 145 -22.66 12.71 -23.75
C PRO A 145 -23.11 14.07 -24.29
N PHE A 146 -22.88 14.33 -25.56
CA PHE A 146 -23.35 15.56 -26.18
C PHE A 146 -24.87 15.65 -26.05
N THR A 147 -25.54 14.51 -25.92
CA THR A 147 -26.99 14.48 -25.75
C THR A 147 -27.46 14.83 -24.32
N ASN A 148 -26.52 15.09 -23.42
CA ASN A 148 -26.87 15.41 -22.02
C ASN A 148 -27.08 16.90 -21.79
N VAL A 149 -28.31 17.36 -21.98
CA VAL A 149 -28.60 18.78 -21.89
C VAL A 149 -29.33 19.17 -20.60
N ASP A 150 -30.23 18.32 -20.14
CA ASP A 150 -31.05 18.61 -18.98
C ASP A 150 -30.54 17.94 -17.71
N GLY A 151 -29.40 17.27 -17.81
CA GLY A 151 -28.88 16.48 -16.72
C GLY A 151 -27.84 17.19 -15.88
N PRO A 152 -27.25 16.47 -14.92
CA PRO A 152 -26.32 17.04 -13.96
C PRO A 152 -24.97 17.28 -14.60
N ARG A 153 -24.15 18.12 -13.96
CA ARG A 153 -22.86 18.44 -14.53
C ARG A 153 -21.89 19.03 -13.51
N HIS A 154 -20.62 18.70 -13.68
CA HIS A 154 -19.58 19.16 -12.78
C HIS A 154 -19.11 20.56 -13.17
N ASP A 155 -18.48 21.25 -12.22
CA ASP A 155 -17.92 22.59 -12.42
C ASP A 155 -16.42 22.51 -12.74
N PRO A 156 -16.01 23.05 -13.90
CA PRO A 156 -14.58 23.09 -14.23
C PRO A 156 -13.79 23.91 -13.20
N PRO A 157 -12.48 23.64 -13.04
CA PRO A 157 -11.70 22.63 -13.77
C PRO A 157 -11.97 21.20 -13.28
N PHE A 158 -12.24 20.31 -14.23
CA PHE A 158 -12.57 18.93 -13.90
C PHE A 158 -11.38 18.22 -13.30
N THR A 159 -11.63 17.48 -12.22
CA THR A 159 -10.60 16.66 -11.60
C THR A 159 -11.05 15.20 -11.58
N GLU A 160 -10.08 14.28 -11.58
CA GLU A 160 -10.34 12.89 -11.93
C GLU A 160 -11.21 12.16 -10.91
N ASP A 161 -11.24 12.67 -9.69
CA ASP A 161 -12.02 12.10 -8.60
C ASP A 161 -13.48 12.55 -8.57
N MET A 162 -13.87 13.48 -9.44
CA MET A 162 -15.25 13.92 -9.47
C MET A 162 -16.18 12.73 -9.71
N PRO A 163 -17.22 12.58 -8.88
CA PRO A 163 -18.09 11.41 -8.95
C PRO A 163 -18.78 11.30 -10.30
N ARG A 164 -18.91 10.08 -10.81
CA ARG A 164 -19.66 9.88 -12.03
C ARG A 164 -21.03 10.55 -11.96
N LEU A 165 -21.42 11.15 -13.07
CA LEU A 165 -22.77 11.66 -13.22
C LEU A 165 -23.75 10.50 -13.25
N GLN A 166 -24.95 10.71 -12.71
CA GLN A 166 -25.94 9.64 -12.64
C GLN A 166 -26.75 9.60 -13.92
N ILE A 167 -26.07 9.28 -15.02
CA ILE A 167 -26.67 9.22 -16.34
C ILE A 167 -25.97 8.13 -17.15
N GLN A 168 -26.58 7.69 -18.23
CA GLN A 168 -25.92 6.79 -19.18
CA GLN A 168 -25.91 6.78 -19.16
C GLN A 168 -24.72 7.49 -19.81
N ASN A 169 -23.60 6.78 -19.90
CA ASN A 169 -22.35 7.34 -20.44
C ASN A 169 -21.45 6.17 -20.80
N PHE A 170 -21.11 5.99 -22.09
CA PHE A 170 -20.43 4.74 -22.45
C PHE A 170 -19.00 4.68 -21.90
N TYR A 171 -18.45 5.82 -21.53
CA TYR A 171 -17.17 5.84 -20.80
C TYR A 171 -17.27 5.05 -19.48
N TYR A 172 -18.38 5.19 -18.77
CA TYR A 172 -18.53 4.51 -17.48
C TYR A 172 -18.64 3.01 -17.74
N THR A 173 -19.43 2.67 -18.75
CA THR A 173 -19.60 1.29 -19.17
C THR A 173 -18.27 0.65 -19.51
N GLN A 174 -17.46 1.38 -20.27
CA GLN A 174 -16.17 0.87 -20.69
C GLN A 174 -15.20 0.70 -19.52
N GLU A 175 -15.17 1.67 -18.60
CA GLU A 175 -14.31 1.56 -17.43
C GLU A 175 -14.62 0.27 -16.67
N ASP A 176 -15.90 0.01 -16.47
CA ASP A 176 -16.30 -1.14 -15.66
C ASP A 176 -15.99 -2.46 -16.35
N ILE A 177 -16.12 -2.49 -17.67
CA ILE A 177 -15.74 -3.67 -18.45
C ILE A 177 -14.23 -3.88 -18.33
N LEU A 178 -13.46 -2.79 -18.46
CA LEU A 178 -12.01 -2.84 -18.29
C LEU A 178 -11.65 -3.48 -16.95
N PHE A 179 -12.22 -2.95 -15.87
CA PHE A 179 -11.95 -3.45 -14.52
C PHE A 179 -12.33 -4.92 -14.36
N GLU A 180 -13.53 -5.25 -14.83
CA GLU A 180 -14.05 -6.60 -14.73
C GLU A 180 -13.18 -7.64 -15.43
N GLU A 181 -12.73 -7.32 -16.64
CA GLU A 181 -11.92 -8.26 -17.41
C GLU A 181 -10.51 -8.40 -16.84
N ILE A 182 -9.99 -7.32 -16.33
CA ILE A 182 -8.64 -7.29 -15.79
C ILE A 182 -8.56 -7.96 -14.43
N LYS A 183 -9.68 -7.94 -13.71
CA LYS A 183 -9.76 -8.58 -12.40
C LYS A 183 -9.70 -10.09 -12.49
N ILE A 185 -7.53 -11.71 -13.86
CA ILE A 185 -6.12 -12.08 -13.93
C ILE A 185 -5.44 -11.20 -12.89
N GLU A 186 -4.17 -11.47 -12.58
CA GLU A 186 -3.52 -10.76 -11.47
C GLU A 186 -2.32 -9.93 -11.91
N THR A 187 -1.87 -10.16 -13.12
CA THR A 187 -0.61 -9.60 -13.58
C THR A 187 -0.79 -8.40 -14.51
N VAL A 188 -2.02 -7.93 -14.67
CA VAL A 188 -2.27 -6.85 -15.63
C VAL A 188 -2.75 -5.57 -14.93
N THR A 189 -2.16 -4.44 -15.30
CA THR A 189 -2.59 -3.15 -14.79
C THR A 189 -3.30 -2.35 -15.87
N TRP A 190 -3.89 -1.21 -15.49
CA TRP A 190 -4.59 -0.39 -16.46
C TRP A 190 -4.31 1.09 -16.19
N SER A 191 -4.64 1.92 -17.18
CA SER A 191 -4.64 3.34 -16.95
C SER A 191 -5.72 3.92 -17.84
N ILE A 192 -6.35 4.98 -17.39
CA ILE A 192 -7.42 5.61 -18.16
C ILE A 192 -6.95 7.02 -18.50
N HIS A 193 -7.20 7.46 -19.73
CA HIS A 193 -6.71 8.77 -20.16
C HIS A 193 -7.87 9.56 -20.75
N ARG A 194 -8.05 10.78 -20.27
CA ARG A 194 -9.25 11.56 -20.57
C ARG A 194 -8.90 12.91 -21.24
N PRO A 195 -8.56 12.87 -22.54
CA PRO A 195 -8.21 14.08 -23.26
C PRO A 195 -9.39 15.01 -23.49
N ASN A 196 -9.10 16.29 -23.68
CA ASN A 196 -10.06 17.27 -24.13
C ASN A 196 -10.07 17.23 -25.67
N MET A 197 -10.54 18.30 -26.32
CA MET A 197 -10.53 18.33 -27.79
C MET A 197 -9.11 18.05 -28.28
N ILE A 198 -8.99 17.14 -29.25
CA ILE A 198 -7.67 16.69 -29.61
C ILE A 198 -7.12 17.47 -30.83
N PHE A 199 -5.91 17.98 -30.68
CA PHE A 199 -5.15 18.55 -31.80
C PHE A 199 -4.29 17.44 -32.38
N GLY A 200 -4.57 17.00 -33.61
CA GLY A 200 -3.76 15.94 -34.17
C GLY A 200 -4.01 15.65 -35.63
N PHE A 201 -3.30 14.67 -36.17
CA PHE A 201 -3.42 14.36 -37.59
C PHE A 201 -4.06 13.01 -37.82
N SER A 202 -5.26 13.03 -38.39
CA SER A 202 -5.93 11.83 -38.87
C SER A 202 -7.14 12.23 -39.70
N PRO A 203 -7.01 12.16 -41.04
CA PRO A 203 -8.13 12.42 -41.94
C PRO A 203 -9.37 11.58 -41.60
N TYR A 204 -9.15 10.36 -41.11
CA TYR A 204 -10.22 9.43 -40.79
C TYR A 204 -10.95 9.70 -39.46
N SER A 205 -10.41 10.57 -38.63
CA SER A 205 -10.97 10.79 -37.29
C SER A 205 -12.41 11.34 -37.30
N LEU A 206 -13.24 10.86 -36.37
CA LEU A 206 -14.64 11.29 -36.30
C LEU A 206 -14.81 12.66 -35.67
N MET A 207 -13.80 13.09 -34.90
CA MET A 207 -13.86 14.38 -34.22
C MET A 207 -12.49 15.03 -34.36
N ASN A 208 -12.42 16.10 -35.13
CA ASN A 208 -11.11 16.58 -35.57
C ASN A 208 -11.09 18.09 -35.77
N ILE A 209 -10.88 18.84 -34.69
CA ILE A 209 -11.02 20.28 -34.77
C ILE A 209 -9.98 20.92 -35.71
N VAL A 210 -8.73 20.45 -35.66
CA VAL A 210 -7.68 21.05 -36.50
C VAL A 210 -7.89 20.72 -37.99
N GLY A 211 -8.15 19.45 -38.29
CA GLY A 211 -8.37 19.05 -39.67
C GLY A 211 -9.54 19.82 -40.29
N THR A 212 -10.61 19.94 -39.52
CA THR A 212 -11.83 20.55 -40.02
C THR A 212 -11.66 22.06 -40.20
N LEU A 213 -11.00 22.71 -39.25
CA LEU A 213 -10.68 24.13 -39.40
C LEU A 213 -9.70 24.36 -40.55
N CYS A 214 -8.81 23.40 -40.84
CA CYS A 214 -7.92 23.53 -41.99
C CYS A 214 -8.70 23.50 -43.30
N VAL A 215 -9.69 22.62 -43.35
CA VAL A 215 -10.52 22.52 -44.55
C VAL A 215 -11.33 23.80 -44.74
N TYR A 216 -11.96 24.27 -43.67
CA TYR A 216 -12.68 25.53 -43.71
C TYR A 216 -11.79 26.70 -44.15
N ALA A 217 -10.62 26.85 -43.54
CA ALA A 217 -9.70 27.91 -43.92
C ALA A 217 -9.20 27.75 -45.36
N ALA A 218 -8.93 26.52 -45.76
CA ALA A 218 -8.47 26.24 -47.12
C ALA A 218 -9.49 26.75 -48.14
N ILE A 219 -10.75 26.47 -47.88
CA ILE A 219 -11.84 26.88 -48.75
C ILE A 219 -11.97 28.40 -48.78
N CYS A 220 -11.87 29.05 -47.61
CA CYS A 220 -11.93 30.51 -47.57
C CYS A 220 -10.81 31.16 -48.38
N HIS A 222 -9.13 29.74 -50.89
CA HIS A 222 -9.37 29.46 -52.31
C HIS A 222 -10.42 30.39 -52.91
N GLU A 223 -11.45 30.67 -52.11
CA GLU A 223 -12.55 31.56 -52.50
C GLU A 223 -12.20 33.02 -52.41
N GLY A 224 -11.17 33.36 -51.63
CA GLY A 224 -10.84 34.75 -51.37
C GLY A 224 -11.81 35.42 -50.41
N SER A 225 -12.59 34.62 -49.71
CA SER A 225 -13.59 35.12 -48.77
C SER A 225 -13.03 35.16 -47.34
N PRO A 226 -13.65 35.93 -46.44
CA PRO A 226 -12.98 36.14 -45.16
C PRO A 226 -13.12 34.94 -44.24
N LEU A 227 -12.13 34.73 -43.38
CA LEU A 227 -12.18 33.67 -42.37
C LEU A 227 -13.08 34.09 -41.22
N LEU A 228 -14.38 33.87 -41.38
CA LEU A 228 -15.33 34.30 -40.38
C LEU A 228 -15.52 33.21 -39.32
N PHE A 229 -15.53 33.61 -38.05
CA PHE A 229 -15.75 32.65 -36.97
C PHE A 229 -17.15 32.04 -37.08
N PRO A 230 -17.25 30.71 -37.12
CA PRO A 230 -18.56 30.06 -37.25
C PRO A 230 -19.36 29.97 -35.96
N GLY A 231 -18.71 30.14 -34.81
CA GLY A 231 -19.31 29.82 -33.53
C GLY A 231 -19.77 30.98 -32.67
N SER A 232 -19.96 30.72 -31.38
CA SER A 232 -20.60 31.69 -30.50
C SER A 232 -19.61 32.71 -29.98
N ALA A 235 -17.70 31.42 -26.97
CA ALA A 235 -16.59 30.55 -27.35
C ALA A 235 -15.42 31.37 -27.90
N TRP A 236 -15.74 32.43 -28.63
CA TRP A 236 -14.74 33.35 -29.18
C TRP A 236 -13.92 33.98 -28.06
N GLU A 237 -14.64 34.38 -27.01
CA GLU A 237 -14.06 35.15 -25.92
C GLU A 237 -13.60 34.30 -24.73
N GLY A 238 -14.10 33.08 -24.62
CA GLY A 238 -13.87 32.27 -23.44
C GLY A 238 -12.53 31.55 -23.42
N PHE A 239 -12.20 30.98 -22.27
CA PHE A 239 -11.00 30.16 -22.14
C PHE A 239 -11.27 28.69 -22.44
N MET A 240 -10.36 28.06 -23.15
CA MET A 240 -10.43 26.64 -23.42
C MET A 240 -9.04 26.03 -23.34
N THR A 241 -9.00 24.72 -23.43
CA THR A 241 -7.74 24.00 -23.52
C THR A 241 -7.90 22.87 -24.53
N ALA A 242 -6.78 22.29 -24.94
CA ALA A 242 -6.83 21.22 -25.93
C ALA A 242 -5.79 20.16 -25.59
N SER A 243 -5.86 19.06 -26.31
CA SER A 243 -5.02 17.93 -26.03
C SER A 243 -4.26 17.50 -27.28
N ASP A 244 -2.97 17.81 -27.30
CA ASP A 244 -2.07 17.45 -28.40
C ASP A 244 -1.97 15.92 -28.52
N ALA A 245 -2.22 15.39 -29.72
CA ALA A 245 -2.25 13.94 -29.91
C ALA A 245 -0.92 13.26 -29.56
N ASP A 246 0.21 13.90 -29.86
CA ASP A 246 1.50 13.36 -29.46
C ASP A 246 1.63 13.36 -27.94
N LEU A 247 1.14 14.42 -27.30
CA LEU A 247 1.17 14.49 -25.83
C LEU A 247 0.36 13.35 -25.21
N ILE A 248 -0.82 13.10 -25.78
CA ILE A 248 -1.66 11.98 -25.33
C ILE A 248 -0.89 10.67 -25.46
N ALA A 249 -0.26 10.46 -26.62
CA ALA A 249 0.56 9.27 -26.83
C ALA A 249 1.65 9.18 -25.76
N GLU A 250 2.31 10.29 -25.50
CA GLU A 250 3.35 10.35 -24.48
C GLU A 250 2.84 10.00 -23.08
N GLN A 251 1.64 10.43 -22.75
CA GLN A 251 1.10 10.10 -21.44
C GLN A 251 0.72 8.62 -21.36
N GLN A 252 0.19 8.06 -22.44
CA GLN A 252 -0.17 6.65 -22.46
C GLN A 252 1.08 5.79 -22.32
N ILE A 253 2.12 6.15 -23.04
CA ILE A 253 3.39 5.46 -22.94
C ILE A 253 3.97 5.58 -21.53
N TRP A 254 3.85 6.76 -20.95
CA TRP A 254 4.31 6.99 -19.58
C TRP A 254 3.55 6.06 -18.64
N ALA A 255 2.23 6.01 -18.76
CA ALA A 255 1.44 5.16 -17.88
C ALA A 255 1.76 3.69 -18.11
N ALA A 256 2.08 3.34 -19.35
CA ALA A 256 2.39 1.96 -19.68
C ALA A 256 3.67 1.46 -19.00
N VAL A 257 4.59 2.36 -18.68
CA VAL A 257 5.86 1.91 -18.12
C VAL A 257 6.16 2.38 -16.68
N ASP A 258 5.42 3.37 -16.20
CA ASP A 258 5.80 4.05 -14.96
C ASP A 258 5.14 3.41 -13.74
N PRO A 259 5.93 3.11 -12.71
CA PRO A 259 5.40 2.40 -11.54
C PRO A 259 4.43 3.25 -10.72
N TYR A 260 4.53 4.57 -10.81
CA TYR A 260 3.62 5.43 -10.07
C TYR A 260 2.23 5.54 -10.69
N ALA A 261 2.14 5.32 -12.00
CA ALA A 261 0.91 5.58 -12.77
C ALA A 261 -0.14 4.48 -12.72
N ASN A 263 -2.99 1.73 -12.50
CA ASN A 263 -4.38 1.67 -12.05
C ASN A 263 -4.90 3.04 -11.60
N GLU A 264 -4.66 4.05 -12.43
CA GLU A 264 -5.19 5.39 -12.19
C GLU A 264 -5.78 6.00 -13.46
N ALA A 265 -6.72 6.93 -13.30
CA ALA A 265 -7.25 7.72 -14.40
C ALA A 265 -6.55 9.09 -14.39
N PHE A 266 -6.25 9.59 -15.58
CA PHE A 266 -5.65 10.92 -15.71
C PHE A 266 -6.34 11.75 -16.77
N ASN A 267 -6.54 13.04 -16.50
CA ASN A 267 -6.76 13.98 -17.59
C ASN A 267 -5.51 14.09 -18.42
N CYS A 268 -5.64 14.60 -19.64
CA CYS A 268 -4.48 14.85 -20.47
C CYS A 268 -4.72 15.96 -21.46
N ASN A 269 -4.39 17.18 -21.07
CA ASN A 269 -4.40 18.29 -22.01
C ASN A 269 -3.06 19.03 -21.97
N ASN A 270 -2.94 20.06 -22.81
CA ASN A 270 -1.65 20.72 -23.05
C ASN A 270 -1.12 21.47 -21.84
N ALA A 271 -2.00 21.72 -20.87
CA ALA A 271 -1.70 22.34 -19.57
C ALA A 271 -1.65 23.86 -19.64
N ASP A 272 -1.93 24.41 -20.81
CA ASP A 272 -2.10 25.86 -20.90
C ASP A 272 -3.56 26.14 -21.27
N ILE A 273 -3.86 27.41 -21.44
CA ILE A 273 -5.19 27.87 -21.78
C ILE A 273 -5.10 28.76 -23.01
N PHE A 274 -6.14 28.77 -23.83
CA PHE A 274 -6.18 29.70 -24.95
C PHE A 274 -7.59 30.24 -25.14
N TRP A 276 -10.24 31.21 -28.47
CA TRP A 276 -10.38 30.98 -29.90
C TRP A 276 -10.08 32.26 -30.71
N HIS A 278 -7.70 34.22 -30.23
CA HIS A 278 -6.26 34.23 -30.41
C HIS A 278 -5.83 33.19 -31.45
N LEU A 279 -6.35 31.97 -31.34
CA LEU A 279 -6.00 30.94 -32.31
C LEU A 279 -6.53 31.26 -33.69
N TRP A 280 -7.60 32.06 -33.77
CA TRP A 280 -8.19 32.38 -35.06
C TRP A 280 -7.22 33.19 -35.91
N ILE A 282 -3.97 33.12 -35.67
CA ILE A 282 -2.95 32.19 -36.09
C ILE A 282 -3.41 31.36 -37.29
N LEU A 283 -4.65 30.91 -37.26
CA LEU A 283 -5.20 30.14 -38.37
C LEU A 283 -5.17 30.92 -39.69
N ALA A 284 -5.73 32.12 -39.66
CA ALA A 284 -5.71 33.01 -40.81
C ALA A 284 -4.29 33.21 -41.35
N GLU A 285 -3.35 33.52 -40.45
CA GLU A 285 -1.96 33.75 -40.84
C GLU A 285 -1.33 32.53 -41.50
N GLN A 286 -1.58 31.35 -40.94
CA GLN A 286 -1.04 30.12 -41.51
C GLN A 286 -1.55 29.89 -42.92
N PHE A 287 -2.79 30.30 -43.18
CA PHE A 287 -3.39 30.11 -44.50
C PHE A 287 -3.28 31.37 -45.39
N GLY A 288 -2.63 32.41 -44.88
CA GLY A 288 -2.46 33.65 -45.61
C GLY A 288 -3.76 34.38 -45.94
N ILE A 289 -4.69 34.36 -44.99
CA ILE A 289 -5.94 35.10 -45.13
C ILE A 289 -5.89 36.42 -44.39
N GLU A 290 -6.00 37.53 -45.10
CA GLU A 290 -5.83 38.82 -44.44
C GLU A 290 -7.14 39.32 -43.82
N GLU A 291 -8.28 38.85 -44.31
CA GLU A 291 -9.56 39.23 -43.73
C GLU A 291 -10.11 38.14 -42.82
N TYR A 292 -10.13 38.38 -41.50
CA TYR A 292 -10.58 37.37 -40.56
C TYR A 292 -11.19 37.98 -39.32
N GLY A 293 -12.03 37.21 -38.64
CA GLY A 293 -12.54 37.65 -37.35
C GLY A 293 -13.93 37.17 -37.00
N PHE A 294 -14.49 37.82 -35.99
CA PHE A 294 -15.83 37.51 -35.51
C PHE A 294 -16.81 38.56 -36.00
N GLU A 295 -17.87 38.11 -36.66
CA GLU A 295 -18.96 39.00 -37.06
C GLU A 295 -20.31 38.38 -36.75
N GLU A 296 -20.93 38.84 -35.66
CA GLU A 296 -22.23 38.35 -35.22
C GLU A 296 -23.22 38.41 -36.39
N GLY A 297 -24.05 37.38 -36.51
CA GLY A 297 -24.97 37.27 -37.63
C GLY A 297 -24.45 36.38 -38.74
N LYS A 298 -23.13 36.32 -38.88
CA LYS A 298 -22.50 35.49 -39.92
C LYS A 298 -21.90 34.24 -39.32
N ASN A 299 -21.93 34.16 -37.99
CA ASN A 299 -21.50 32.97 -37.26
C ASN A 299 -22.64 31.98 -37.16
N LEU A 300 -22.85 31.21 -38.22
CA LEU A 300 -24.04 30.37 -38.31
C LEU A 300 -23.76 28.88 -38.18
N GLY A 301 -22.51 28.54 -37.83
CA GLY A 301 -22.10 27.16 -37.74
C GLY A 301 -21.63 26.61 -39.07
N LEU A 302 -20.58 25.78 -39.04
CA LEU A 302 -19.98 25.27 -40.27
C LEU A 302 -20.92 24.35 -41.05
N VAL A 303 -21.78 23.61 -40.35
CA VAL A 303 -22.74 22.77 -41.03
C VAL A 303 -23.58 23.62 -42.01
N GLU A 304 -24.11 24.74 -41.52
CA GLU A 304 -24.83 25.67 -42.37
C GLU A 304 -23.93 26.37 -43.39
N MET A 305 -22.82 26.93 -42.91
CA MET A 305 -21.95 27.75 -43.75
C MET A 305 -21.29 26.96 -44.87
N MET A 306 -21.07 25.67 -44.69
CA MET A 306 -20.38 24.89 -45.71
C MET A 306 -21.31 24.11 -46.63
N LYS A 307 -22.61 24.24 -46.43
CA LYS A 307 -23.58 23.66 -47.36
C LYS A 307 -23.30 24.16 -48.77
N GLY A 308 -23.24 23.23 -49.73
CA GLY A 308 -23.07 23.60 -51.13
C GLY A 308 -21.66 23.98 -51.53
N GLU A 310 -19.30 21.75 -52.14
CA GLU A 310 -18.69 20.59 -52.76
C GLU A 310 -17.98 20.95 -54.07
N ARG A 311 -18.59 21.85 -54.84
CA ARG A 311 -18.04 22.22 -56.13
C ARG A 311 -16.71 22.96 -55.99
N VAL A 312 -16.63 23.90 -55.04
CA VAL A 312 -15.37 24.60 -54.83
C VAL A 312 -14.32 23.62 -54.29
N TRP A 313 -14.74 22.68 -53.45
CA TRP A 313 -13.82 21.67 -52.92
C TRP A 313 -13.26 20.83 -54.07
N GLU A 314 -14.15 20.33 -54.92
CA GLU A 314 -13.74 19.59 -56.10
C GLU A 314 -12.73 20.39 -56.93
N GLU A 315 -12.93 21.70 -57.02
CA GLU A 315 -12.03 22.58 -57.75
C GLU A 315 -10.65 22.61 -57.08
N MET A 316 -10.64 22.74 -55.76
CA MET A 316 -9.38 22.77 -55.01
C MET A 316 -8.63 21.45 -55.10
N VAL A 317 -9.38 20.35 -55.05
CA VAL A 317 -8.78 19.02 -55.15
C VAL A 317 -8.07 18.87 -56.48
N LYS A 318 -8.71 19.36 -57.55
CA LYS A 318 -8.13 19.29 -58.88
C LYS A 318 -6.86 20.14 -59.00
N GLU A 319 -6.97 21.40 -58.60
CA GLU A 319 -5.88 22.36 -58.79
C GLU A 319 -4.67 22.10 -57.89
N ASN A 320 -4.87 21.36 -56.81
CA ASN A 320 -3.79 21.16 -55.84
C ASN A 320 -3.45 19.70 -55.62
N GLN A 321 -4.14 18.82 -56.36
CA GLN A 321 -3.92 17.38 -56.28
C GLN A 321 -4.05 16.92 -54.83
N LEU A 322 -5.13 17.34 -54.17
CA LEU A 322 -5.40 16.93 -52.80
C LEU A 322 -5.77 15.45 -52.77
N GLN A 323 -5.60 14.81 -51.62
CA GLN A 323 -5.65 13.36 -51.59
C GLN A 323 -6.94 12.79 -51.03
N GLU A 324 -7.82 13.68 -50.55
CA GLU A 324 -9.17 13.28 -50.16
C GLU A 324 -10.16 14.17 -50.89
N LYS A 325 -10.90 13.60 -51.84
CA LYS A 325 -11.77 14.42 -52.68
C LYS A 325 -13.20 14.46 -52.14
N LYS A 326 -13.48 13.66 -51.13
CA LYS A 326 -14.79 13.69 -50.50
C LYS A 326 -14.80 14.72 -49.39
N LEU A 327 -15.47 15.85 -49.61
CA LEU A 327 -15.44 16.95 -48.65
C LEU A 327 -15.82 16.52 -47.24
N GLU A 328 -16.84 15.68 -47.11
CA GLU A 328 -17.36 15.31 -45.80
C GLU A 328 -16.46 14.33 -45.07
N GLU A 329 -15.50 13.74 -45.77
CA GLU A 329 -14.54 12.86 -45.11
C GLU A 329 -13.59 13.66 -44.22
N VAL A 330 -13.31 14.90 -44.60
CA VAL A 330 -12.34 15.68 -43.84
C VAL A 330 -12.91 17.00 -43.32
N GLY A 331 -14.05 17.42 -43.85
CA GLY A 331 -14.76 18.55 -43.27
C GLY A 331 -15.84 18.03 -42.32
N VAL A 332 -15.45 17.75 -41.08
CA VAL A 332 -16.36 17.15 -40.11
C VAL A 332 -17.04 18.26 -39.31
N TRP A 333 -18.01 18.90 -39.96
CA TRP A 333 -18.56 20.16 -39.48
C TRP A 333 -19.31 20.06 -38.14
N TRP A 334 -20.06 18.98 -37.94
CA TRP A 334 -20.87 18.87 -36.72
C TRP A 334 -20.03 18.97 -35.45
N PHE A 335 -18.85 18.37 -35.45
CA PHE A 335 -18.03 18.37 -34.24
C PHE A 335 -17.43 19.74 -33.98
N ALA A 336 -16.93 20.40 -35.03
CA ALA A 336 -16.44 21.76 -34.88
C ALA A 336 -17.54 22.64 -34.30
N ASP A 337 -18.76 22.44 -34.76
CA ASP A 337 -19.87 23.24 -34.27
C ASP A 337 -20.17 22.98 -32.80
N VAL A 338 -19.91 21.75 -32.32
CA VAL A 338 -20.04 21.49 -30.89
C VAL A 338 -18.97 22.27 -30.12
N ILE A 339 -17.73 22.14 -30.56
CA ILE A 339 -16.58 22.75 -29.91
C ILE A 339 -16.66 24.28 -29.89
N LEU A 340 -17.10 24.87 -31.00
CA LEU A 340 -17.07 26.33 -31.13
C LEU A 340 -18.35 26.99 -30.61
N GLY A 341 -19.13 26.23 -29.83
CA GLY A 341 -20.31 26.76 -29.17
C GLY A 341 -20.22 26.71 -27.66
N VAL A 342 -19.05 26.34 -27.14
CA VAL A 342 -18.88 26.19 -25.70
C VAL A 342 -17.63 26.90 -25.20
N GLU A 343 -17.51 27.01 -23.88
CA GLU A 343 -16.34 27.67 -23.30
C GLU A 343 -16.12 27.22 -21.88
N GLY A 344 -14.87 27.34 -21.43
CA GLY A 344 -14.55 27.11 -20.03
C GLY A 344 -14.54 25.65 -19.61
N MET A 345 -14.80 24.74 -20.53
CA MET A 345 -14.81 23.31 -20.19
C MET A 345 -13.39 22.76 -20.10
N ILE A 346 -12.68 23.16 -19.06
CA ILE A 346 -11.27 22.88 -18.90
C ILE A 346 -11.03 21.81 -17.83
N ASP A 347 -10.02 20.99 -18.00
CA ASP A 347 -9.70 19.93 -17.07
C ASP A 347 -8.43 20.27 -16.33
N SER A 348 -8.28 19.79 -15.12
CA SER A 348 -7.08 20.05 -14.35
C SER A 348 -5.96 19.05 -14.68
N MET A 349 -4.73 19.54 -14.84
CA MET A 349 -3.58 18.65 -14.99
C MET A 349 -2.80 18.43 -13.70
N ASN A 350 -3.35 18.85 -12.56
CA ASN A 350 -2.61 18.71 -11.30
C ASN A 350 -2.29 17.25 -10.94
N LYS A 351 -3.24 16.34 -11.12
CA LYS A 351 -2.95 14.94 -10.77
C LYS A 351 -1.79 14.40 -11.61
N SER A 352 -1.83 14.62 -12.92
CA SER A 352 -0.73 14.17 -13.79
C SER A 352 0.61 14.67 -13.29
N LYS A 353 0.69 15.97 -12.98
CA LYS A 353 1.95 16.54 -12.52
C LYS A 353 2.38 15.91 -11.19
N GLU A 354 1.40 15.75 -10.29
CA GLU A 354 1.69 15.17 -8.98
C GLU A 354 2.20 13.72 -9.10
N TYR A 355 1.74 13.02 -10.12
CA TYR A 355 2.23 11.66 -10.37
C TYR A 355 3.55 11.63 -11.15
N GLY A 356 4.01 12.79 -11.58
CA GLY A 356 5.31 12.89 -12.24
C GLY A 356 5.24 12.95 -13.75
N PHE A 357 4.04 13.14 -14.29
CA PHE A 357 3.92 13.37 -15.72
C PHE A 357 3.90 14.87 -15.95
N LEU A 358 5.03 15.38 -16.44
CA LEU A 358 5.22 16.81 -16.62
C LEU A 358 5.19 17.19 -18.11
N GLY A 359 4.66 16.31 -18.94
CA GLY A 359 4.49 16.60 -20.35
C GLY A 359 3.59 17.81 -20.53
N PHE A 360 3.82 18.58 -21.58
CA PHE A 360 3.00 19.76 -21.86
C PHE A 360 3.09 20.10 -23.34
N ARG A 361 2.21 20.96 -23.83
CA ARG A 361 2.47 21.65 -25.09
C ARG A 361 2.04 23.10 -25.02
N ASN A 362 2.79 23.95 -25.69
CA ASN A 362 2.34 25.30 -26.02
C ASN A 362 1.25 25.16 -27.07
N SER A 363 0.01 25.52 -26.74
CA SER A 363 -1.13 25.28 -27.64
C SER A 363 -1.02 26.05 -28.97
N ASN A 364 -0.42 27.25 -28.91
CA ASN A 364 -0.15 28.03 -30.12
C ASN A 364 0.71 27.22 -31.09
N ASN A 365 1.81 26.67 -30.59
CA ASN A 365 2.74 25.93 -31.42
C ASN A 365 2.20 24.57 -31.83
N SER A 366 1.45 23.92 -30.93
CA SER A 366 0.79 22.66 -31.24
C SER A 366 -0.18 22.86 -32.41
N PHE A 367 -1.01 23.89 -32.31
CA PHE A 367 -1.97 24.24 -33.36
C PHE A 367 -1.25 24.42 -34.71
N ILE A 368 -0.17 25.18 -34.71
CA ILE A 368 0.57 25.44 -35.93
C ILE A 368 1.17 24.15 -36.48
N SER A 369 1.67 23.32 -35.58
CA SER A 369 2.33 22.09 -36.00
C SER A 369 1.37 21.16 -36.70
N TRP A 370 0.15 21.04 -36.18
CA TRP A 370 -0.81 20.12 -36.77
C TRP A 370 -1.39 20.67 -38.07
N ILE A 371 -1.55 21.99 -38.17
CA ILE A 371 -1.90 22.63 -39.45
C ILE A 371 -0.91 22.25 -40.54
N ASP A 372 0.37 22.37 -40.25
CA ASP A 372 1.42 21.99 -41.19
CA ASP A 372 1.41 21.99 -41.20
C ASP A 372 1.23 20.54 -41.69
N LYS A 373 0.84 19.63 -40.80
CA LYS A 373 0.65 18.24 -41.19
C LYS A 373 -0.43 18.04 -42.26
N TYR A 374 -1.55 18.75 -42.13
CA TYR A 374 -2.62 18.61 -43.11
C TYR A 374 -2.20 19.14 -44.48
N ALA A 376 1.16 19.13 -45.44
CA ALA A 376 2.23 18.23 -45.86
C ALA A 376 1.68 16.93 -46.45
N PHE A 377 0.57 16.43 -45.91
CA PHE A 377 -0.03 15.22 -46.46
C PHE A 377 -1.06 15.51 -47.55
N LYS A 378 -1.07 16.75 -48.04
CA LYS A 378 -1.91 17.16 -49.16
C LYS A 378 -3.41 16.95 -48.92
N ILE A 379 -3.85 17.20 -47.69
CA ILE A 379 -5.27 17.18 -47.38
C ILE A 379 -5.86 18.55 -47.74
N VAL A 380 -5.09 19.60 -47.48
CA VAL A 380 -5.43 20.95 -47.92
C VAL A 380 -4.19 21.57 -48.55
N PRO A 381 -4.39 22.58 -49.42
CA PRO A 381 -3.23 23.28 -49.98
C PRO A 381 -2.43 24.02 -48.91
N PHE B 18 30.84 27.97 1.94
CA PHE B 18 29.70 28.47 1.15
C PHE B 18 30.02 28.46 -0.33
N GLU B 19 29.09 27.95 -1.13
CA GLU B 19 29.19 28.00 -2.57
C GLU B 19 28.69 29.33 -3.14
N SER B 20 27.59 29.83 -2.58
CA SER B 20 26.95 31.05 -3.06
C SER B 20 26.56 31.95 -1.89
N VAL B 21 26.50 33.25 -2.16
CA VAL B 21 26.15 34.23 -1.13
C VAL B 21 25.02 35.11 -1.64
N ALA B 22 23.86 34.96 -1.01
CA ALA B 22 22.66 35.68 -1.42
C ALA B 22 22.49 36.98 -0.66
N LEU B 23 22.00 37.99 -1.37
CA LEU B 23 21.55 39.23 -0.75
C LEU B 23 20.09 39.44 -1.10
N ILE B 24 19.22 39.24 -0.11
CA ILE B 24 17.78 39.43 -0.31
C ILE B 24 17.34 40.82 0.08
N ILE B 25 16.80 41.57 -0.88
CA ILE B 25 16.27 42.89 -0.58
C ILE B 25 14.75 42.80 -0.39
N GLY B 26 14.32 42.84 0.86
CA GLY B 26 12.93 42.64 1.21
C GLY B 26 12.71 41.29 1.90
N VAL B 27 13.58 40.99 2.86
CA VAL B 27 13.66 39.63 3.38
C VAL B 27 12.49 39.25 4.31
N THR B 28 11.71 40.25 4.72
CA THR B 28 10.50 39.97 5.51
C THR B 28 9.25 40.03 4.67
N GLY B 29 9.41 40.25 3.36
CA GLY B 29 8.28 40.27 2.45
C GLY B 29 7.75 38.89 2.11
N ILE B 30 6.69 38.84 1.31
CA ILE B 30 5.97 37.61 1.07
C ILE B 30 6.80 36.60 0.27
N VAL B 31 7.72 37.08 -0.57
CA VAL B 31 8.64 36.17 -1.24
C VAL B 31 9.99 36.15 -0.53
N GLY B 32 10.42 37.32 -0.04
CA GLY B 32 11.64 37.43 0.73
C GLY B 32 11.70 36.44 1.87
N ASN B 33 10.57 36.25 2.55
CA ASN B 33 10.54 35.32 3.67
C ASN B 33 10.65 33.87 3.20
N SER B 34 10.15 33.57 2.00
CA SER B 34 10.31 32.24 1.44
C SER B 34 11.77 31.98 1.07
N LEU B 35 12.41 32.95 0.42
CA LEU B 35 13.81 32.83 0.07
C LEU B 35 14.69 32.63 1.30
N ALA B 36 14.40 33.36 2.37
CA ALA B 36 15.21 33.31 3.59
C ALA B 36 15.18 31.92 4.22
N GLU B 37 14.06 31.22 4.05
CA GLU B 37 13.91 29.87 4.60
C GLU B 37 14.48 28.81 3.68
N ILE B 38 14.32 29.00 2.37
CA ILE B 38 14.68 27.97 1.39
C ILE B 38 16.17 27.99 1.01
N LEU B 39 16.75 29.17 0.84
CA LEU B 39 18.15 29.24 0.42
C LEU B 39 19.09 28.45 1.33
N PRO B 40 18.96 28.58 2.67
CA PRO B 40 19.92 27.87 3.51
C PRO B 40 19.76 26.35 3.58
N LEU B 41 18.70 25.79 3.00
CA LEU B 41 18.47 24.35 3.12
C LEU B 41 19.58 23.56 2.43
N SER B 42 19.83 22.35 2.92
CA SER B 42 21.03 21.62 2.48
C SER B 42 20.96 21.22 1.00
N ASP B 43 19.78 20.97 0.48
CA ASP B 43 19.66 20.48 -0.90
C ASP B 43 19.29 21.56 -1.92
N THR B 44 19.30 22.82 -1.51
CA THR B 44 18.96 23.90 -2.42
C THR B 44 20.05 24.05 -3.50
N PRO B 45 19.64 24.09 -4.78
CA PRO B 45 20.59 24.34 -5.87
C PRO B 45 21.48 25.56 -5.61
N GLY B 46 22.77 25.41 -5.87
CA GLY B 46 23.72 26.50 -5.71
C GLY B 46 24.31 26.54 -4.31
N GLY B 47 23.84 25.64 -3.45
CA GLY B 47 24.25 25.64 -2.06
C GLY B 47 25.60 25.00 -1.80
N PRO B 48 26.13 25.15 -0.58
CA PRO B 48 25.53 25.83 0.58
C PRO B 48 25.52 27.36 0.45
N TRP B 49 24.36 27.94 0.72
CA TRP B 49 24.15 29.38 0.63
C TRP B 49 24.44 30.09 1.94
N VAL B 51 23.35 33.73 3.50
CA VAL B 51 22.28 34.67 3.19
C VAL B 51 22.33 35.94 4.04
N TYR B 52 22.38 37.07 3.35
CA TYR B 52 22.05 38.37 3.92
C TYR B 52 20.62 38.76 3.59
N GLY B 53 19.88 39.28 4.56
CA GLY B 53 18.53 39.77 4.33
C GLY B 53 18.36 41.21 4.74
N VAL B 54 17.71 42.00 3.91
CA VAL B 54 17.55 43.44 4.14
C VAL B 54 16.09 43.86 4.27
N ALA B 55 15.82 44.71 5.25
CA ALA B 55 14.53 45.38 5.39
C ALA B 55 14.71 46.57 6.34
N ARG B 56 13.70 47.42 6.48
CA ARG B 56 13.85 48.59 7.35
C ARG B 56 13.53 48.28 8.82
N ARG B 57 12.43 47.58 9.04
CA ARG B 57 11.95 47.33 10.39
C ARG B 57 12.85 46.39 11.19
N PRO B 58 12.78 46.46 12.52
CA PRO B 58 13.43 45.44 13.34
C PRO B 58 12.95 44.06 12.94
N ARG B 59 13.83 43.07 12.96
CA ARG B 59 13.47 41.71 12.57
C ARG B 59 12.31 41.17 13.39
N PRO B 60 11.21 40.78 12.71
CA PRO B 60 10.04 40.23 13.41
C PRO B 60 10.26 38.81 13.86
N THR B 61 9.56 38.41 14.92
CA THR B 61 9.76 37.10 15.52
C THR B 61 9.46 35.95 14.55
N TRP B 62 8.47 36.13 13.68
CA TRP B 62 8.11 35.07 12.74
C TRP B 62 9.14 34.90 11.61
N ASN B 63 10.08 35.83 11.51
CA ASN B 63 11.16 35.73 10.53
C ASN B 63 12.46 35.27 11.20
N ALA B 64 12.46 35.26 12.53
CA ALA B 64 13.70 35.15 13.29
C ALA B 64 14.43 33.80 13.23
N ASP B 65 13.75 32.73 12.84
CA ASP B 65 14.39 31.41 12.86
C ASP B 65 15.30 31.12 11.67
N HIS B 66 15.15 31.86 10.58
CA HIS B 66 15.97 31.59 9.41
C HIS B 66 17.41 31.93 9.70
N PRO B 67 18.33 31.03 9.31
CA PRO B 67 19.76 31.26 9.55
C PRO B 67 20.33 32.27 8.58
N ILE B 68 20.00 33.55 8.79
CA ILE B 68 20.47 34.60 7.90
C ILE B 68 21.13 35.69 8.71
N ASP B 69 21.81 36.58 7.99
CA ASP B 69 22.35 37.79 8.56
C ASP B 69 21.39 38.93 8.23
N TYR B 70 20.56 39.30 9.20
CA TYR B 70 19.53 40.32 9.00
C TYR B 70 20.14 41.70 9.10
N ILE B 71 19.98 42.51 8.05
CA ILE B 71 20.54 43.85 8.01
C ILE B 71 19.45 44.90 7.82
N GLN B 72 19.32 45.82 8.77
CA GLN B 72 18.38 46.93 8.62
C GLN B 72 18.99 47.98 7.71
N CYS B 73 18.29 48.27 6.62
CA CYS B 73 18.79 49.22 5.64
C CYS B 73 17.62 49.73 4.82
N ASP B 74 17.56 51.05 4.65
CA ASP B 74 16.54 51.68 3.84
C ASP B 74 17.12 51.88 2.45
N VAL B 75 16.72 51.07 1.49
CA VAL B 75 17.40 51.11 0.20
C VAL B 75 16.94 52.30 -0.64
N SER B 76 16.04 53.11 -0.08
CA SER B 76 15.65 54.35 -0.75
C SER B 76 16.67 55.43 -0.45
N ASP B 77 17.62 55.12 0.44
CA ASP B 77 18.61 56.06 0.95
C ASP B 77 19.98 55.64 0.44
N ALA B 78 20.50 56.39 -0.53
CA ALA B 78 21.75 56.00 -1.18
C ALA B 78 22.89 55.96 -0.20
N GLU B 79 22.89 56.87 0.76
CA GLU B 79 23.93 56.89 1.79
C GLU B 79 23.84 55.62 2.62
N ASP B 80 22.62 55.21 2.95
CA ASP B 80 22.43 54.00 3.74
C ASP B 80 22.87 52.72 3.00
N THR B 81 22.56 52.64 1.71
CA THR B 81 22.95 51.46 0.92
C THR B 81 24.46 51.38 0.76
N ARG B 82 25.10 52.52 0.51
CA ARG B 82 26.57 52.53 0.45
C ARG B 82 27.18 52.08 1.77
N SER B 83 26.65 52.59 2.86
CA SER B 83 27.14 52.27 4.19
C SER B 83 26.96 50.79 4.56
N LEU B 85 25.41 48.02 2.44
CA LEU B 85 25.44 46.97 1.44
C LEU B 85 26.81 46.85 0.75
N SER B 86 27.46 47.97 0.50
CA SER B 86 28.78 47.92 -0.12
C SER B 86 29.82 47.10 0.68
N PRO B 87 29.72 47.08 2.03
CA PRO B 87 30.66 46.19 2.73
C PRO B 87 30.45 44.68 2.48
N LEU B 88 29.29 44.29 1.94
CA LEU B 88 28.99 42.88 1.72
C LEU B 88 29.72 42.35 0.47
N THR B 89 31.03 42.27 0.54
CA THR B 89 31.86 42.07 -0.64
C THR B 89 31.85 40.63 -1.17
N ASP B 90 31.24 39.71 -0.43
CA ASP B 90 31.23 38.31 -0.85
C ASP B 90 29.94 37.90 -1.57
N VAL B 91 29.03 38.84 -1.76
CA VAL B 91 27.75 38.58 -2.42
C VAL B 91 27.92 38.06 -3.84
N THR B 92 27.21 36.99 -4.17
CA THR B 92 27.26 36.40 -5.51
C THR B 92 25.94 36.53 -6.25
N HIS B 93 24.84 36.67 -5.51
CA HIS B 93 23.51 36.72 -6.11
C HIS B 93 22.62 37.69 -5.35
N VAL B 94 21.91 38.54 -6.09
CA VAL B 94 20.96 39.47 -5.49
C VAL B 94 19.55 39.05 -5.84
N PHE B 95 18.68 39.02 -4.85
CA PHE B 95 17.25 38.78 -5.08
C PHE B 95 16.50 40.03 -4.65
N TYR B 96 15.94 40.74 -5.61
CA TYR B 96 15.26 41.99 -5.33
C TYR B 96 13.75 41.76 -5.32
N VAL B 97 13.19 41.86 -4.12
CA VAL B 97 11.80 41.49 -3.89
C VAL B 97 11.15 42.51 -2.94
N THR B 98 11.11 43.76 -3.38
CA THR B 98 10.54 44.82 -2.57
C THR B 98 9.87 45.88 -3.44
N TRP B 99 9.04 46.70 -2.82
CA TRP B 99 8.58 47.93 -3.45
C TRP B 99 8.02 48.87 -2.41
N THR B 100 7.81 50.11 -2.83
CA THR B 100 7.19 51.13 -1.99
C THR B 100 5.94 51.58 -2.70
N ASN B 101 4.87 51.81 -1.95
CA ASN B 101 3.57 52.10 -2.53
C ASN B 101 3.22 53.58 -2.41
N ARG B 102 3.43 54.33 -3.49
CA ARG B 102 3.22 55.77 -3.43
C ARG B 102 1.89 56.18 -4.06
N GLU B 103 1.55 57.46 -3.98
CA GLU B 103 0.20 57.92 -4.30
C GLU B 103 -0.04 58.21 -5.79
N SER B 104 1.03 58.19 -6.58
CA SER B 104 0.89 58.33 -8.03
C SER B 104 1.88 57.41 -8.73
N GLU B 105 1.62 57.05 -9.97
CA GLU B 105 2.58 56.21 -10.67
C GLU B 105 3.89 56.93 -10.96
N SER B 106 3.84 58.25 -11.17
CA SER B 106 5.09 58.97 -11.41
C SER B 106 5.96 58.89 -10.16
N GLU B 107 5.34 58.93 -8.99
CA GLU B 107 6.11 58.82 -7.76
C GLU B 107 6.59 57.38 -7.58
N ASN B 108 5.75 56.42 -7.95
CA ASN B 108 6.17 55.01 -7.95
C ASN B 108 7.40 54.80 -8.80
N CYS B 109 7.42 55.42 -9.99
CA CYS B 109 8.56 55.26 -10.89
C CYS B 109 9.84 55.85 -10.30
N GLU B 110 9.77 57.07 -9.75
CA GLU B 110 10.96 57.68 -9.18
C GLU B 110 11.46 56.87 -7.98
N ALA B 111 10.56 56.56 -7.04
CA ALA B 111 10.96 55.93 -5.79
C ALA B 111 11.42 54.48 -5.98
N ASN B 112 10.65 53.67 -6.70
CA ASN B 112 11.03 52.27 -6.89
C ASN B 112 12.23 52.15 -7.80
N GLY B 113 12.38 53.09 -8.74
CA GLY B 113 13.56 53.11 -9.58
C GLY B 113 14.79 53.43 -8.74
N SER B 114 14.67 54.43 -7.90
CA SER B 114 15.76 54.84 -7.02
C SER B 114 16.21 53.68 -6.11
N MET B 115 15.24 52.96 -5.56
CA MET B 115 15.54 51.83 -4.68
C MET B 115 16.38 50.76 -5.37
N LEU B 116 15.94 50.34 -6.55
CA LEU B 116 16.69 49.37 -7.33
C LEU B 116 18.08 49.92 -7.70
N ARG B 117 18.12 51.17 -8.15
CA ARG B 117 19.41 51.76 -8.54
C ARG B 117 20.38 51.77 -7.37
N ASN B 118 19.91 52.18 -6.20
CA ASN B 118 20.76 52.24 -5.02
C ASN B 118 21.36 50.89 -4.67
N VAL B 119 20.55 49.84 -4.75
CA VAL B 119 21.05 48.49 -4.46
C VAL B 119 22.12 48.09 -5.46
N LEU B 120 21.82 48.24 -6.75
CA LEU B 120 22.75 47.83 -7.79
C LEU B 120 24.06 48.63 -7.68
N GLN B 121 23.95 49.94 -7.48
CA GLN B 121 25.14 50.77 -7.45
C GLN B 121 25.95 50.56 -6.18
N ALA B 122 25.33 50.00 -5.14
CA ALA B 122 26.04 49.68 -3.92
C ALA B 122 26.81 48.37 -4.01
N ILE B 123 26.27 47.42 -4.77
CA ILE B 123 26.83 46.08 -4.79
C ILE B 123 27.75 45.82 -5.97
N ILE B 124 27.29 46.15 -7.19
CA ILE B 124 28.01 45.77 -8.40
C ILE B 124 29.49 46.21 -8.40
N PRO B 125 29.79 47.45 -7.96
CA PRO B 125 31.21 47.81 -7.96
C PRO B 125 32.03 47.20 -6.84
N TYR B 126 31.39 46.61 -5.84
CA TYR B 126 32.14 46.22 -4.64
C TYR B 126 32.12 44.72 -4.34
N ALA B 127 31.29 43.97 -5.05
CA ALA B 127 31.25 42.53 -4.88
C ALA B 127 31.85 41.86 -6.12
N PRO B 128 33.16 41.53 -6.08
CA PRO B 128 33.83 41.02 -7.27
C PRO B 128 33.37 39.63 -7.71
N ASN B 129 32.63 38.91 -6.87
CA ASN B 129 32.14 37.59 -7.25
C ASN B 129 30.66 37.60 -7.61
N LEU B 130 30.08 38.79 -7.72
CA LEU B 130 28.67 38.92 -8.08
C LEU B 130 28.43 38.31 -9.46
N ARG B 131 27.40 37.47 -9.59
CA ARG B 131 27.16 36.81 -10.87
C ARG B 131 25.74 37.01 -11.41
N HIS B 132 24.78 37.29 -10.54
CA HIS B 132 23.40 37.31 -10.99
C HIS B 132 22.53 38.20 -10.13
N VAL B 133 21.57 38.85 -10.77
CA VAL B 133 20.55 39.64 -10.11
C VAL B 133 19.16 39.19 -10.56
N CYS B 134 18.32 38.76 -9.61
CA CYS B 134 16.90 38.53 -9.86
C CYS B 134 16.07 39.76 -9.50
N LEU B 135 15.19 40.14 -10.40
CA LEU B 135 14.27 41.24 -10.19
C LEU B 135 12.86 40.72 -10.26
N GLN B 136 12.11 40.93 -9.20
CA GLN B 136 10.71 40.51 -9.18
C GLN B 136 9.81 41.68 -9.52
N THR B 137 9.00 41.51 -10.54
CA THR B 137 7.94 42.48 -10.79
C THR B 137 6.62 41.73 -10.68
N GLY B 138 5.87 41.65 -11.77
CA GLY B 138 4.57 40.99 -11.70
C GLY B 138 3.64 41.22 -12.88
N THR B 139 2.43 40.67 -12.74
CA THR B 139 1.41 40.70 -13.77
C THR B 139 1.00 42.13 -14.20
N HIS B 141 2.91 44.23 -15.18
CA HIS B 141 3.66 44.46 -16.41
C HIS B 141 2.72 44.48 -17.61
N TYR B 142 1.68 43.63 -17.57
CA TYR B 142 0.76 43.46 -18.68
C TYR B 142 -0.51 44.29 -18.54
N LEU B 143 -0.86 44.64 -17.31
CA LEU B 143 -2.11 45.33 -17.04
C LEU B 143 -1.92 46.81 -16.76
N GLY B 144 -0.72 47.17 -16.34
CA GLY B 144 -0.43 48.51 -15.89
C GLY B 144 -0.79 48.65 -14.42
N PRO B 145 -0.50 49.81 -13.83
CA PRO B 145 -0.86 50.07 -12.43
C PRO B 145 -2.35 49.89 -12.20
N PHE B 146 -2.76 49.70 -10.94
CA PHE B 146 -4.19 49.59 -10.66
C PHE B 146 -4.88 50.90 -11.07
N THR B 147 -4.15 52.02 -11.05
CA THR B 147 -4.67 53.31 -11.51
C THR B 147 -4.85 53.40 -13.03
N ASN B 148 -4.44 52.39 -13.78
CA ASN B 148 -4.64 52.34 -15.23
C ASN B 148 -6.02 51.80 -15.58
N VAL B 149 -7.01 52.69 -15.59
CA VAL B 149 -8.39 52.30 -15.92
C VAL B 149 -8.72 52.70 -17.36
N ASP B 150 -8.22 53.86 -17.76
CA ASP B 150 -8.48 54.39 -19.10
C ASP B 150 -7.64 53.68 -20.14
N GLY B 151 -6.33 53.57 -19.86
CA GLY B 151 -5.35 53.18 -20.84
C GLY B 151 -5.49 51.79 -21.43
N PRO B 152 -4.52 51.43 -22.29
CA PRO B 152 -4.47 50.16 -23.03
C PRO B 152 -4.10 48.98 -22.15
N ARG B 153 -4.45 47.78 -22.58
CA ARG B 153 -4.13 46.57 -21.84
C ARG B 153 -4.12 45.34 -22.75
N HIS B 154 -3.35 44.34 -22.35
CA HIS B 154 -3.21 43.12 -23.13
C HIS B 154 -4.34 42.13 -22.83
N ASP B 155 -4.51 41.16 -23.72
CA ASP B 155 -5.51 40.12 -23.59
C ASP B 155 -4.87 38.83 -23.05
N PRO B 156 -5.35 38.34 -21.90
CA PRO B 156 -4.81 37.09 -21.34
C PRO B 156 -5.05 35.88 -22.26
N PRO B 157 -4.22 34.83 -22.16
CA PRO B 157 -3.12 34.69 -21.20
C PRO B 157 -1.94 35.55 -21.58
N PHE B 158 -1.36 36.26 -20.60
CA PHE B 158 -0.22 37.11 -20.87
C PHE B 158 1.04 36.31 -21.15
N THR B 159 1.80 36.79 -22.12
CA THR B 159 3.07 36.17 -22.45
C THR B 159 4.17 37.24 -22.33
N GLU B 160 5.37 36.78 -22.04
CA GLU B 160 6.47 37.64 -21.65
C GLU B 160 6.92 38.62 -22.74
N ASP B 161 6.67 38.27 -23.99
CA ASP B 161 7.05 39.11 -25.13
C ASP B 161 5.99 40.15 -25.55
N MET B 162 4.88 40.20 -24.83
CA MET B 162 3.88 41.23 -25.15
C MET B 162 4.50 42.61 -24.98
N PRO B 163 4.32 43.50 -25.97
CA PRO B 163 5.00 44.81 -25.89
C PRO B 163 4.54 45.66 -24.70
N ARG B 164 5.45 46.40 -24.10
CA ARG B 164 5.10 47.27 -22.99
C ARG B 164 3.93 48.17 -23.39
N LEU B 165 2.99 48.35 -22.47
CA LEU B 165 1.92 49.32 -22.64
C LEU B 165 2.52 50.71 -22.72
N GLN B 166 1.90 51.60 -23.48
CA GLN B 166 2.40 52.95 -23.62
C GLN B 166 1.88 53.82 -22.47
N ILE B 167 2.30 53.48 -21.25
CA ILE B 167 1.85 54.15 -20.03
C ILE B 167 3.00 54.16 -19.03
N GLN B 168 2.91 55.01 -18.03
CA GLN B 168 3.84 54.98 -16.91
C GLN B 168 3.62 53.69 -16.12
N ASN B 169 4.71 53.01 -15.78
CA ASN B 169 4.68 51.74 -15.08
C ASN B 169 6.04 51.49 -14.45
N PHE B 170 6.13 51.46 -13.11
CA PHE B 170 7.45 51.47 -12.50
C PHE B 170 8.20 50.17 -12.74
N TYR B 171 7.50 49.11 -13.14
CA TYR B 171 8.16 47.88 -13.59
C TYR B 171 9.06 48.16 -14.81
N TYR B 172 8.56 48.96 -15.75
CA TYR B 172 9.33 49.27 -16.95
C TYR B 172 10.56 50.08 -16.56
N THR B 173 10.34 51.08 -15.71
CA THR B 173 11.41 51.93 -15.21
C THR B 173 12.50 51.08 -14.57
N GLN B 174 12.08 50.13 -13.72
CA GLN B 174 13.02 49.25 -13.04
C GLN B 174 13.78 48.29 -13.96
N GLU B 175 13.08 47.70 -14.93
CA GLU B 175 13.75 46.85 -15.91
C GLU B 175 14.89 47.62 -16.61
N ASP B 176 14.60 48.84 -17.04
CA ASP B 176 15.58 49.62 -17.80
C ASP B 176 16.77 50.02 -16.94
N ILE B 177 16.53 50.32 -15.66
CA ILE B 177 17.60 50.61 -14.72
C ILE B 177 18.45 49.35 -14.51
N LEU B 178 17.77 48.22 -14.41
CA LEU B 178 18.44 46.93 -14.30
C LEU B 178 19.39 46.71 -15.49
N PHE B 179 18.88 46.90 -16.70
CA PHE B 179 19.67 46.64 -17.90
C PHE B 179 20.85 47.62 -18.01
N GLU B 180 20.58 48.87 -17.68
CA GLU B 180 21.57 49.94 -17.73
C GLU B 180 22.74 49.67 -16.78
N GLU B 181 22.45 49.24 -15.56
CA GLU B 181 23.52 48.94 -14.62
C GLU B 181 24.28 47.67 -15.01
N ILE B 182 23.57 46.66 -15.47
CA ILE B 182 24.21 45.40 -15.84
C ILE B 182 25.11 45.59 -17.08
N LYS B 183 24.72 46.50 -17.95
CA LYS B 183 25.49 46.82 -19.15
C LYS B 183 26.89 47.32 -18.81
N ILE B 185 28.91 46.16 -16.75
CA ILE B 185 29.76 45.05 -16.30
C ILE B 185 29.51 43.83 -17.19
N GLU B 186 30.47 42.90 -17.26
CA GLU B 186 30.36 41.80 -18.23
C GLU B 186 30.23 40.41 -17.59
N THR B 187 30.34 40.38 -16.27
CA THR B 187 30.36 39.15 -15.51
C THR B 187 29.05 38.90 -14.75
N VAL B 188 28.03 39.71 -15.05
CA VAL B 188 26.77 39.64 -14.30
C VAL B 188 25.56 39.43 -15.22
N THR B 189 24.77 38.39 -14.93
CA THR B 189 23.53 38.14 -15.66
C THR B 189 22.32 38.56 -14.83
N TRP B 190 21.13 38.52 -15.43
CA TRP B 190 19.93 38.91 -14.72
C TRP B 190 18.75 38.03 -15.10
N SER B 191 17.72 38.06 -14.26
CA SER B 191 16.46 37.44 -14.63
C SER B 191 15.33 38.28 -14.03
N ILE B 192 14.22 38.30 -14.73
CA ILE B 192 13.05 39.03 -14.29
C ILE B 192 11.93 38.00 -14.05
N HIS B 193 11.22 38.16 -12.93
CA HIS B 193 10.18 37.20 -12.51
C HIS B 193 8.88 37.93 -12.26
N ARG B 194 7.81 37.50 -12.94
CA ARG B 194 6.55 38.23 -12.93
C ARG B 194 5.40 37.40 -12.36
N PRO B 195 5.38 37.24 -11.03
CA PRO B 195 4.30 36.48 -10.39
C PRO B 195 2.94 37.19 -10.46
N ASN B 196 1.88 36.37 -10.37
CA ASN B 196 0.51 36.85 -10.23
C ASN B 196 0.21 37.10 -8.74
N MET B 197 -1.05 37.06 -8.31
CA MET B 197 -1.32 37.23 -6.87
C MET B 197 -0.56 36.16 -6.11
N ILE B 198 0.13 36.57 -5.05
CA ILE B 198 1.00 35.66 -4.31
C ILE B 198 0.33 35.02 -3.09
N PHE B 199 0.37 33.69 -3.04
CA PHE B 199 0.02 32.92 -1.85
C PHE B 199 1.28 32.74 -1.01
N GLY B 200 1.35 33.34 0.17
CA GLY B 200 2.56 33.16 0.97
C GLY B 200 2.38 33.65 2.39
N PHE B 201 3.42 33.51 3.21
CA PHE B 201 3.36 33.98 4.59
C PHE B 201 4.28 35.18 4.79
N SER B 202 3.66 36.32 5.08
CA SER B 202 4.35 37.51 5.56
C SER B 202 3.32 38.47 6.09
N PRO B 203 3.19 38.57 7.41
CA PRO B 203 2.29 39.57 7.99
C PRO B 203 2.62 40.99 7.51
N TYR B 204 3.90 41.26 7.25
CA TYR B 204 4.35 42.60 6.86
C TYR B 204 4.07 42.99 5.39
N SER B 205 3.68 42.02 4.57
CA SER B 205 3.52 42.26 3.14
C SER B 205 2.41 43.27 2.83
N LEU B 206 2.63 44.10 1.80
CA LEU B 206 1.68 45.14 1.44
C LEU B 206 0.49 44.61 0.66
N MET B 207 0.66 43.42 0.08
CA MET B 207 -0.35 42.81 -0.78
C MET B 207 -0.39 41.32 -0.45
N ASN B 208 -1.45 40.88 0.21
CA ASN B 208 -1.43 39.57 0.85
C ASN B 208 -2.82 38.95 0.88
N ILE B 209 -3.18 38.27 -0.21
CA ILE B 209 -4.55 37.76 -0.34
C ILE B 209 -4.83 36.68 0.72
N VAL B 210 -3.87 35.81 1.02
CA VAL B 210 -4.16 34.72 1.96
C VAL B 210 -4.22 35.24 3.38
N GLY B 211 -3.23 36.03 3.77
CA GLY B 211 -3.20 36.61 5.11
C GLY B 211 -4.45 37.41 5.41
N THR B 212 -4.87 38.22 4.44
CA THR B 212 -6.02 39.09 4.62
C THR B 212 -7.34 38.30 4.68
N LEU B 213 -7.46 37.26 3.86
CA LEU B 213 -8.65 36.41 3.92
C LEU B 213 -8.66 35.59 5.22
N CYS B 214 -7.48 35.28 5.75
CA CYS B 214 -7.39 34.59 7.02
C CYS B 214 -7.91 35.47 8.15
N VAL B 215 -7.56 36.76 8.10
CA VAL B 215 -8.02 37.70 9.10
C VAL B 215 -9.54 37.87 8.98
N TYR B 216 -10.03 38.05 7.76
CA TYR B 216 -11.47 38.13 7.54
C TYR B 216 -12.20 36.89 8.08
N ALA B 217 -11.74 35.71 7.69
CA ALA B 217 -12.38 34.47 8.11
C ALA B 217 -12.34 34.30 9.63
N ALA B 218 -11.20 34.65 10.23
CA ALA B 218 -11.05 34.59 11.67
C ALA B 218 -12.07 35.48 12.38
N ILE B 219 -12.27 36.68 11.86
CA ILE B 219 -13.25 37.60 12.45
C ILE B 219 -14.68 37.03 12.32
N CYS B 220 -15.00 36.48 11.16
CA CYS B 220 -16.32 35.85 10.96
C CYS B 220 -16.54 34.68 11.91
N HIS B 222 -15.05 34.20 14.84
CA HIS B 222 -15.15 34.71 16.20
C HIS B 222 -16.53 35.29 16.49
N GLU B 223 -17.08 36.00 15.51
CA GLU B 223 -18.40 36.60 15.62
C GLU B 223 -19.52 35.60 15.44
N GLY B 224 -19.20 34.44 14.85
CA GLY B 224 -20.21 33.46 14.50
C GLY B 224 -21.05 33.86 13.30
N SER B 225 -20.53 34.76 12.47
CA SER B 225 -21.26 35.23 11.30
C SER B 225 -20.81 34.49 10.04
N PRO B 226 -21.68 34.42 9.01
CA PRO B 226 -21.36 33.66 7.80
C PRO B 226 -20.17 34.23 7.03
N LEU B 227 -19.43 33.36 6.36
CA LEU B 227 -18.31 33.80 5.53
C LEU B 227 -18.82 34.25 4.16
N LEU B 228 -19.13 35.53 4.06
CA LEU B 228 -19.75 36.07 2.86
C LEU B 228 -18.68 36.63 1.93
N PHE B 229 -18.75 36.22 0.67
CA PHE B 229 -17.84 36.71 -0.34
C PHE B 229 -17.98 38.23 -0.48
N PRO B 230 -16.87 38.96 -0.27
CA PRO B 230 -16.93 40.43 -0.30
C PRO B 230 -16.92 40.99 -1.72
N GLY B 231 -16.54 40.16 -2.70
CA GLY B 231 -16.26 40.65 -4.04
C GLY B 231 -17.34 40.45 -5.10
N SER B 232 -16.95 40.62 -6.36
CA SER B 232 -17.92 40.61 -7.46
C SER B 232 -18.30 39.21 -7.92
N LYS B 234 -18.48 38.24 -10.98
CA LYS B 234 -17.56 37.83 -12.03
C LYS B 234 -16.28 37.22 -11.46
N ALA B 235 -15.79 37.79 -10.36
CA ALA B 235 -14.63 37.20 -9.69
C ALA B 235 -14.98 35.86 -9.03
N TRP B 236 -16.20 35.76 -8.51
CA TRP B 236 -16.68 34.51 -7.94
C TRP B 236 -16.72 33.37 -8.96
N GLU B 237 -17.19 33.69 -10.16
CA GLU B 237 -17.42 32.69 -11.21
C GLU B 237 -16.25 32.55 -12.20
N GLY B 238 -15.35 33.52 -12.20
CA GLY B 238 -14.29 33.58 -13.19
C GLY B 238 -13.10 32.67 -12.94
N PHE B 239 -12.26 32.49 -13.94
CA PHE B 239 -11.03 31.74 -13.77
C PHE B 239 -9.90 32.69 -13.37
N MET B 240 -9.09 32.25 -12.42
CA MET B 240 -7.91 32.99 -12.00
C MET B 240 -6.77 32.02 -11.76
N THR B 241 -5.58 32.59 -11.54
CA THR B 241 -4.45 31.79 -11.06
C THR B 241 -3.75 32.53 -9.94
N ALA B 242 -2.76 31.90 -9.35
CA ALA B 242 -1.98 32.52 -8.29
C ALA B 242 -0.55 32.04 -8.30
N SER B 243 0.29 32.68 -7.49
CA SER B 243 1.69 32.33 -7.45
C SER B 243 2.14 31.99 -6.04
N ASP B 244 2.34 30.69 -5.80
CA ASP B 244 2.85 30.22 -4.52
C ASP B 244 4.22 30.86 -4.23
N ALA B 245 4.40 31.44 -3.05
CA ALA B 245 5.63 32.17 -2.71
C ALA B 245 6.87 31.28 -2.76
N ASP B 246 6.73 30.03 -2.33
CA ASP B 246 7.84 29.07 -2.39
C ASP B 246 8.21 28.75 -3.83
N LEU B 247 7.21 28.54 -4.67
CA LEU B 247 7.43 28.32 -6.09
C LEU B 247 8.17 29.51 -6.73
N ILE B 248 7.79 30.72 -6.36
CA ILE B 248 8.49 31.89 -6.88
C ILE B 248 9.95 31.85 -6.48
N ALA B 249 10.18 31.58 -5.20
CA ALA B 249 11.52 31.40 -4.68
C ALA B 249 12.27 30.36 -5.50
N GLU B 250 11.61 29.24 -5.76
CA GLU B 250 12.22 28.16 -6.53
C GLU B 250 12.59 28.59 -7.96
N GLN B 251 11.76 29.40 -8.59
CA GLN B 251 12.07 29.83 -9.95
C GLN B 251 13.25 30.81 -9.97
N GLN B 252 13.29 31.71 -8.99
CA GLN B 252 14.40 32.65 -8.88
C GLN B 252 15.72 31.91 -8.64
N ILE B 253 15.68 30.90 -7.77
CA ILE B 253 16.84 30.06 -7.51
C ILE B 253 17.25 29.29 -8.77
N TRP B 254 16.27 28.81 -9.53
CA TRP B 254 16.54 28.16 -10.78
C TRP B 254 17.25 29.11 -11.74
N ALA B 255 16.70 30.31 -11.94
CA ALA B 255 17.34 31.31 -12.80
C ALA B 255 18.70 31.76 -12.27
N ALA B 256 18.88 31.69 -10.95
CA ALA B 256 20.13 32.11 -10.33
C ALA B 256 21.27 31.12 -10.56
N VAL B 257 20.91 29.86 -10.81
CA VAL B 257 21.90 28.78 -10.84
C VAL B 257 22.04 28.17 -12.25
N ASP B 258 20.95 28.17 -13.01
CA ASP B 258 20.91 27.61 -14.36
C ASP B 258 21.30 28.64 -15.43
N PRO B 259 22.46 28.45 -16.08
CA PRO B 259 22.90 29.37 -17.14
C PRO B 259 21.90 29.50 -18.28
N TYR B 260 21.14 28.44 -18.57
CA TYR B 260 20.19 28.47 -19.67
C TYR B 260 19.09 29.52 -19.47
N ALA B 261 18.85 29.92 -18.21
CA ALA B 261 17.80 30.90 -17.93
C ALA B 261 18.26 32.35 -18.06
N LYS B 262 19.54 32.57 -18.37
CA LYS B 262 20.15 33.90 -18.25
C LYS B 262 19.48 34.97 -19.11
N ASN B 263 19.39 36.18 -18.54
CA ASN B 263 18.93 37.37 -19.23
C ASN B 263 17.57 37.21 -19.93
N GLU B 264 16.61 36.69 -19.18
CA GLU B 264 15.25 36.50 -19.65
C GLU B 264 14.23 36.85 -18.56
N ALA B 265 13.04 37.29 -18.99
CA ALA B 265 11.91 37.52 -18.10
C ALA B 265 10.99 36.31 -18.13
N PHE B 266 10.48 35.92 -16.97
CA PHE B 266 9.58 34.77 -16.86
C PHE B 266 8.36 35.10 -16.03
N ASN B 267 7.18 34.69 -16.49
CA ASN B 267 6.02 34.63 -15.63
C ASN B 267 6.26 33.53 -14.60
N CYS B 268 5.51 33.58 -13.49
CA CYS B 268 5.67 32.56 -12.47
C CYS B 268 4.39 32.40 -11.67
N ASN B 269 3.54 31.48 -12.11
CA ASN B 269 2.36 31.15 -11.35
C ASN B 269 2.25 29.63 -11.24
N ASN B 270 1.27 29.18 -10.46
CA ASN B 270 1.14 27.78 -10.07
C ASN B 270 0.92 26.81 -11.24
N ALA B 271 0.54 27.38 -12.38
CA ALA B 271 0.35 26.69 -13.66
C ALA B 271 -0.99 25.96 -13.71
N ASP B 272 -1.85 26.18 -12.72
CA ASP B 272 -3.21 25.69 -12.81
C ASP B 272 -4.17 26.87 -12.77
N ILE B 273 -5.45 26.55 -12.79
CA ILE B 273 -6.52 27.53 -12.79
C ILE B 273 -7.49 27.22 -11.64
N PHE B 274 -8.03 28.26 -11.00
CA PHE B 274 -9.11 28.07 -10.02
C PHE B 274 -10.23 29.11 -10.15
N TRP B 276 -12.78 31.43 -7.50
CA TRP B 276 -12.89 31.82 -6.10
C TRP B 276 -14.03 31.11 -5.38
N HIS B 278 -14.70 28.10 -5.61
CA HIS B 278 -14.14 26.83 -5.18
C HIS B 278 -13.22 27.02 -3.97
N LEU B 279 -12.30 27.97 -4.06
CA LEU B 279 -11.41 28.24 -2.94
C LEU B 279 -12.17 28.73 -1.71
N TRP B 280 -13.31 29.41 -1.94
CA TRP B 280 -14.10 29.96 -0.84
C TRP B 280 -14.60 28.86 0.10
N ILE B 282 -13.15 26.00 0.58
CA ILE B 282 -11.94 25.56 1.27
C ILE B 282 -11.58 26.48 2.41
N LEU B 283 -11.61 27.79 2.17
CA LEU B 283 -11.39 28.77 3.23
C LEU B 283 -12.33 28.50 4.40
N ALA B 284 -13.62 28.39 4.12
CA ALA B 284 -14.62 28.16 5.16
C ALA B 284 -14.33 26.87 5.93
N GLU B 285 -14.01 25.80 5.22
CA GLU B 285 -13.70 24.52 5.86
C GLU B 285 -12.49 24.63 6.77
N GLN B 286 -11.44 25.30 6.29
CA GLN B 286 -10.24 25.48 7.10
C GLN B 286 -10.51 26.23 8.40
N PHE B 287 -11.48 27.15 8.38
CA PHE B 287 -11.79 27.90 9.59
C PHE B 287 -13.00 27.33 10.36
N GLY B 288 -13.55 26.23 9.87
CA GLY B 288 -14.67 25.57 10.54
C GLY B 288 -15.90 26.43 10.55
N ILE B 289 -16.09 27.21 9.49
CA ILE B 289 -17.25 28.06 9.31
C ILE B 289 -18.28 27.36 8.44
N GLU B 290 -19.44 27.02 9.01
CA GLU B 290 -20.40 26.19 8.30
C GLU B 290 -21.30 26.96 7.33
N GLU B 291 -21.55 28.23 7.61
CA GLU B 291 -22.33 29.04 6.69
C GLU B 291 -21.40 29.94 5.87
N TYR B 292 -21.45 29.80 4.55
CA TYR B 292 -20.55 30.54 3.65
C TYR B 292 -21.18 30.63 2.26
N GLY B 293 -20.71 31.56 1.45
CA GLY B 293 -21.16 31.65 0.08
C GLY B 293 -21.20 33.07 -0.46
N PHE B 294 -21.86 33.19 -1.61
CA PHE B 294 -22.04 34.46 -2.27
C PHE B 294 -23.48 34.94 -2.08
N GLU B 295 -23.63 36.17 -1.60
CA GLU B 295 -24.96 36.77 -1.52
C GLU B 295 -24.91 38.19 -2.06
N GLU B 296 -25.47 38.37 -3.24
CA GLU B 296 -25.53 39.69 -3.87
C GLU B 296 -26.14 40.71 -2.92
N GLY B 297 -25.51 41.88 -2.80
CA GLY B 297 -25.98 42.91 -1.90
C GLY B 297 -25.22 42.93 -0.59
N LYS B 298 -24.61 41.80 -0.25
CA LYS B 298 -23.79 41.71 0.95
C LYS B 298 -22.30 41.82 0.58
N ASN B 299 -22.02 41.70 -0.71
CA ASN B 299 -20.65 41.78 -1.21
C ASN B 299 -20.23 43.24 -1.39
N LEU B 300 -19.88 43.88 -0.28
CA LEU B 300 -19.59 45.31 -0.31
C LEU B 300 -18.09 45.64 -0.34
N GLY B 301 -17.26 44.60 -0.38
CA GLY B 301 -15.84 44.78 -0.31
C GLY B 301 -15.39 44.83 1.14
N LEU B 302 -14.18 44.35 1.40
CA LEU B 302 -13.71 44.23 2.77
C LEU B 302 -13.38 45.57 3.42
N VAL B 303 -13.06 46.58 2.61
CA VAL B 303 -12.76 47.90 3.16
C VAL B 303 -13.98 48.41 3.93
N GLU B 304 -15.15 48.33 3.30
CA GLU B 304 -16.39 48.70 3.96
C GLU B 304 -16.80 47.67 5.03
N MET B 305 -16.79 46.38 4.69
CA MET B 305 -17.29 45.36 5.60
C MET B 305 -16.51 45.27 6.91
N MET B 306 -15.22 45.60 6.88
CA MET B 306 -14.38 45.46 8.07
C MET B 306 -14.21 46.77 8.84
N LYS B 307 -14.89 47.82 8.41
CA LYS B 307 -14.87 49.07 9.17
C LYS B 307 -15.39 48.83 10.59
N GLY B 308 -14.72 49.43 11.56
CA GLY B 308 -15.12 49.32 12.94
C GLY B 308 -14.94 47.94 13.56
N GLU B 310 -12.02 46.99 14.90
CA GLU B 310 -10.85 47.07 15.77
C GLU B 310 -11.16 46.55 17.18
N ARG B 311 -12.39 46.75 17.65
CA ARG B 311 -12.76 46.26 18.97
C ARG B 311 -12.78 44.73 19.00
N VAL B 312 -13.41 44.10 18.01
CA VAL B 312 -13.50 42.65 18.01
C VAL B 312 -12.13 42.02 17.79
N TRP B 313 -11.29 42.69 17.02
CA TRP B 313 -9.96 42.18 16.77
C TRP B 313 -9.16 42.16 18.06
N GLU B 314 -9.30 43.22 18.87
CA GLU B 314 -8.61 43.30 20.15
C GLU B 314 -9.09 42.18 21.06
N GLU B 315 -10.40 41.96 21.06
CA GLU B 315 -11.01 40.85 21.78
C GLU B 315 -10.39 39.52 21.35
N MET B 316 -10.23 39.32 20.05
CA MET B 316 -9.62 38.10 19.51
C MET B 316 -8.15 37.98 19.88
N VAL B 317 -7.41 39.08 19.77
CA VAL B 317 -6.00 39.03 20.13
C VAL B 317 -5.81 38.61 21.59
N GLU B 319 -7.94 37.13 23.61
CA GLU B 319 -8.52 35.84 23.90
C GLU B 319 -7.65 34.67 23.39
N ASN B 320 -6.94 34.88 22.29
CA ASN B 320 -6.22 33.80 21.63
C ASN B 320 -4.69 33.95 21.63
N GLN B 321 -4.19 34.92 22.39
CA GLN B 321 -2.76 35.19 22.48
C GLN B 321 -2.16 35.40 21.09
N LEU B 322 -2.82 36.20 20.28
CA LEU B 322 -2.35 36.48 18.93
C LEU B 322 -1.19 37.47 19.02
N GLN B 323 -0.37 37.53 17.98
CA GLN B 323 0.89 38.24 18.10
C GLN B 323 0.89 39.62 17.44
N GLU B 324 -0.06 39.88 16.55
CA GLU B 324 -0.19 41.22 15.97
C GLU B 324 -1.46 41.93 16.42
N LYS B 326 -2.36 45.04 15.89
CA LYS B 326 -2.81 46.08 14.97
C LYS B 326 -3.55 45.46 13.79
N LEU B 327 -4.86 45.64 13.75
CA LEU B 327 -5.71 45.01 12.74
C LEU B 327 -5.26 45.35 11.33
N GLU B 328 -4.94 46.62 11.12
CA GLU B 328 -4.64 47.14 9.79
C GLU B 328 -3.33 46.56 9.24
N GLU B 329 -2.46 46.06 10.12
CA GLU B 329 -1.20 45.45 9.69
C GLU B 329 -1.41 44.14 8.92
N VAL B 330 -2.37 43.33 9.36
CA VAL B 330 -2.60 42.03 8.73
C VAL B 330 -3.92 41.95 7.97
N GLY B 331 -4.83 42.88 8.25
CA GLY B 331 -6.06 43.00 7.49
C GLY B 331 -5.88 44.03 6.41
N VAL B 332 -5.27 43.62 5.29
CA VAL B 332 -4.94 44.56 4.22
C VAL B 332 -6.06 44.55 3.19
N TRP B 333 -7.16 45.20 3.55
CA TRP B 333 -8.40 45.04 2.81
C TRP B 333 -8.38 45.61 1.39
N TRP B 334 -7.67 46.71 1.17
CA TRP B 334 -7.71 47.36 -0.14
C TRP B 334 -7.26 46.41 -1.25
N PHE B 335 -6.24 45.60 -0.97
CA PHE B 335 -5.70 44.71 -2.01
C PHE B 335 -6.63 43.54 -2.29
N ALA B 336 -7.23 43.00 -1.23
CA ALA B 336 -8.22 41.95 -1.41
C ALA B 336 -9.35 42.44 -2.30
N ASP B 337 -9.76 43.68 -2.10
CA ASP B 337 -10.86 44.23 -2.89
C ASP B 337 -10.45 44.40 -4.37
N VAL B 338 -9.19 44.71 -4.64
CA VAL B 338 -8.71 44.74 -6.03
C VAL B 338 -8.84 43.34 -6.63
N ILE B 339 -8.22 42.37 -5.97
CA ILE B 339 -8.24 40.99 -6.43
C ILE B 339 -9.64 40.43 -6.64
N LEU B 340 -10.53 40.63 -5.68
CA LEU B 340 -11.83 39.97 -5.71
C LEU B 340 -12.85 40.76 -6.53
N GLY B 341 -12.37 41.73 -7.28
CA GLY B 341 -13.19 42.44 -8.23
C GLY B 341 -12.82 42.16 -9.68
N VAL B 342 -11.92 41.22 -9.92
CA VAL B 342 -11.48 40.92 -11.29
C VAL B 342 -11.46 39.43 -11.61
N GLU B 343 -11.41 39.12 -12.90
CA GLU B 343 -11.38 37.74 -13.36
C GLU B 343 -10.51 37.60 -14.60
N GLY B 344 -10.09 36.37 -14.88
CA GLY B 344 -9.42 36.04 -16.12
C GLY B 344 -8.05 36.65 -16.35
N MET B 345 -7.49 37.32 -15.36
CA MET B 345 -6.15 37.89 -15.50
C MET B 345 -5.03 36.86 -15.32
N ILE B 346 -4.94 35.90 -16.22
CA ILE B 346 -3.99 34.78 -16.07
C ILE B 346 -2.78 34.92 -17.01
N ASP B 347 -1.62 34.48 -16.53
CA ASP B 347 -0.37 34.53 -17.29
C ASP B 347 -0.07 33.14 -17.83
N SER B 348 0.57 33.07 -18.99
CA SER B 348 1.02 31.81 -19.52
C SER B 348 2.33 31.33 -18.86
N MET B 349 2.41 30.04 -18.57
CA MET B 349 3.66 29.47 -18.08
C MET B 349 4.41 28.69 -19.17
N ASN B 350 4.03 28.89 -20.42
CA ASN B 350 4.67 28.14 -21.49
C ASN B 350 6.17 28.42 -21.61
N LYS B 351 6.56 29.69 -21.53
CA LYS B 351 7.97 30.04 -21.65
C LYS B 351 8.81 29.37 -20.56
N SER B 352 8.34 29.43 -19.30
CA SER B 352 9.03 28.73 -18.23
C SER B 352 9.22 27.25 -18.55
N LYS B 353 8.16 26.59 -18.96
CA LYS B 353 8.26 25.16 -19.26
C LYS B 353 9.22 24.91 -20.40
N GLU B 354 9.11 25.73 -21.45
CA GLU B 354 9.99 25.63 -22.61
C GLU B 354 11.47 25.77 -22.25
N TYR B 355 11.77 26.61 -21.26
CA TYR B 355 13.13 26.77 -20.79
C TYR B 355 13.57 25.69 -19.80
N GLY B 356 12.64 24.81 -19.43
CA GLY B 356 13.00 23.70 -18.56
C GLY B 356 12.64 23.86 -17.09
N PHE B 357 11.92 24.92 -16.75
CA PHE B 357 11.42 25.08 -15.39
C PHE B 357 10.04 24.46 -15.30
N LEU B 358 9.95 23.29 -14.69
CA LEU B 358 8.68 22.57 -14.65
C LEU B 358 8.05 22.63 -13.27
N GLY B 359 8.48 23.59 -12.45
CA GLY B 359 7.89 23.79 -11.14
C GLY B 359 6.42 24.13 -11.26
N PHE B 360 5.63 23.66 -10.31
CA PHE B 360 4.18 23.95 -10.26
C PHE B 360 3.68 23.89 -8.82
N ARG B 361 2.44 24.32 -8.62
CA ARG B 361 1.70 23.99 -7.41
C ARG B 361 0.23 23.72 -7.76
N ASN B 362 -0.37 22.81 -7.01
CA ASN B 362 -1.82 22.63 -7.00
C ASN B 362 -2.35 23.75 -6.14
N SER B 363 -3.10 24.68 -6.72
CA SER B 363 -3.50 25.89 -6.00
C SER B 363 -4.40 25.60 -4.80
N ASN B 364 -5.18 24.52 -4.86
CA ASN B 364 -5.97 24.09 -3.70
C ASN B 364 -5.08 23.78 -2.51
N ASN B 365 -4.07 22.97 -2.73
CA ASN B 365 -3.16 22.58 -1.68
C ASN B 365 -2.23 23.73 -1.25
N SER B 366 -1.84 24.57 -2.19
CA SER B 366 -1.08 25.78 -1.87
C SER B 366 -1.87 26.68 -0.92
N PHE B 367 -3.12 26.93 -1.27
CA PHE B 367 -4.01 27.76 -0.47
C PHE B 367 -4.12 27.23 0.98
N ILE B 368 -4.33 25.93 1.11
CA ILE B 368 -4.47 25.30 2.42
C ILE B 368 -3.19 25.43 3.22
N SER B 369 -2.06 25.19 2.56
CA SER B 369 -0.78 25.22 3.23
C SER B 369 -0.48 26.61 3.79
N TRP B 370 -0.80 27.65 3.04
CA TRP B 370 -0.50 29.00 3.51
C TRP B 370 -1.50 29.48 4.57
N ILE B 371 -2.75 29.02 4.48
CA ILE B 371 -3.70 29.26 5.57
C ILE B 371 -3.13 28.75 6.90
N ASP B 372 -2.59 27.54 6.88
CA ASP B 372 -2.05 26.93 8.09
CA ASP B 372 -2.02 26.93 8.08
C ASP B 372 -0.89 27.75 8.69
N LYS B 373 -0.12 28.45 7.87
CA LYS B 373 1.00 29.22 8.40
C LYS B 373 0.54 30.38 9.29
N TYR B 374 -0.51 31.06 8.89
CA TYR B 374 -1.05 32.17 9.68
C TYR B 374 -1.60 31.73 11.03
N ALA B 376 -0.30 28.84 12.57
CA ALA B 376 0.86 28.33 13.30
C ALA B 376 1.71 29.45 13.90
N PHE B 377 1.79 30.59 13.22
CA PHE B 377 2.53 31.74 13.76
C PHE B 377 1.65 32.67 14.60
N ILE B 379 -1.08 34.42 14.02
CA ILE B 379 -1.62 35.66 13.46
C ILE B 379 -3.12 35.66 13.62
N VAL B 380 -3.74 34.51 13.36
CA VAL B 380 -5.17 34.28 13.58
C VAL B 380 -5.33 32.99 14.38
N PRO B 381 -6.46 32.84 15.10
CA PRO B 381 -6.70 31.58 15.80
C PRO B 381 -6.80 30.40 14.84
N PHE C 18 -62.17 3.26 -11.90
CA PHE C 18 -60.83 3.09 -11.31
C PHE C 18 -60.19 4.43 -11.00
N GLU C 19 -59.58 4.52 -9.83
CA GLU C 19 -58.81 5.70 -9.46
C GLU C 19 -57.39 5.65 -10.04
N SER C 20 -56.76 4.48 -9.95
CA SER C 20 -55.40 4.31 -10.40
C SER C 20 -55.27 3.03 -11.24
N VAL C 21 -54.25 2.99 -12.11
CA VAL C 21 -54.08 1.87 -13.03
C VAL C 21 -52.64 1.38 -12.98
N ALA C 22 -52.44 0.16 -12.46
CA ALA C 22 -51.10 -0.35 -12.22
C ALA C 22 -50.58 -1.20 -13.37
N LEU C 23 -49.29 -1.08 -13.61
CA LEU C 23 -48.57 -1.97 -14.52
C LEU C 23 -47.45 -2.62 -13.72
N ILE C 24 -47.59 -3.90 -13.43
CA ILE C 24 -46.60 -4.65 -12.66
C ILE C 24 -45.67 -5.42 -13.59
N ILE C 25 -44.40 -5.05 -13.61
CA ILE C 25 -43.43 -5.80 -14.42
C ILE C 25 -42.80 -6.88 -13.55
N GLY C 26 -43.21 -8.13 -13.76
CA GLY C 26 -42.76 -9.25 -12.96
C GLY C 26 -43.84 -9.75 -12.02
N VAL C 27 -45.06 -9.89 -12.55
CA VAL C 27 -46.25 -10.11 -11.70
C VAL C 27 -46.33 -11.50 -11.05
N THR C 28 -45.53 -12.45 -11.53
CA THR C 28 -45.48 -13.77 -10.89
C THR C 28 -44.28 -13.87 -9.92
N GLY C 29 -43.60 -12.75 -9.74
CA GLY C 29 -42.43 -12.69 -8.87
C GLY C 29 -42.79 -12.66 -7.41
N ILE C 30 -41.78 -12.71 -6.54
CA ILE C 30 -42.02 -12.84 -5.11
C ILE C 30 -42.70 -11.58 -4.55
N VAL C 31 -42.46 -10.43 -5.18
CA VAL C 31 -43.17 -9.20 -4.82
C VAL C 31 -44.33 -8.95 -5.79
N GLY C 32 -44.10 -9.19 -7.07
CA GLY C 32 -45.14 -9.04 -8.07
C GLY C 32 -46.43 -9.76 -7.68
N ASN C 33 -46.30 -10.95 -7.12
CA ASN C 33 -47.48 -11.72 -6.76
C ASN C 33 -48.20 -11.12 -5.55
N SER C 34 -47.44 -10.50 -4.65
CA SER C 34 -48.03 -9.74 -3.54
C SER C 34 -48.77 -8.50 -4.06
N LEU C 35 -48.15 -7.77 -4.97
CA LEU C 35 -48.79 -6.58 -5.54
C LEU C 35 -50.08 -6.95 -6.27
N ALA C 36 -50.04 -8.02 -7.06
CA ALA C 36 -51.22 -8.47 -7.81
C ALA C 36 -52.41 -8.77 -6.90
N GLU C 37 -52.15 -9.30 -5.72
CA GLU C 37 -53.22 -9.63 -4.78
C GLU C 37 -53.65 -8.42 -3.96
N ILE C 38 -52.70 -7.56 -3.60
CA ILE C 38 -53.02 -6.45 -2.70
C ILE C 38 -53.64 -5.24 -3.42
N LEU C 39 -53.11 -4.87 -4.58
CA LEU C 39 -53.62 -3.71 -5.30
C LEU C 39 -55.13 -3.69 -5.55
N PRO C 40 -55.74 -4.84 -5.94
CA PRO C 40 -57.17 -4.78 -6.24
C PRO C 40 -58.09 -4.74 -5.03
N LEU C 41 -57.54 -4.85 -3.82
CA LEU C 41 -58.38 -4.90 -2.63
C LEU C 41 -59.11 -3.58 -2.42
N SER C 42 -60.27 -3.64 -1.78
CA SER C 42 -61.11 -2.46 -1.68
C SER C 42 -60.49 -1.38 -0.79
N ASP C 43 -59.73 -1.78 0.22
CA ASP C 43 -59.16 -0.81 1.15
C ASP C 43 -57.77 -0.32 0.78
N THR C 44 -57.24 -0.79 -0.34
CA THR C 44 -55.89 -0.39 -0.74
C THR C 44 -55.85 1.09 -1.12
N PRO C 45 -54.92 1.85 -0.52
CA PRO C 45 -54.70 3.27 -0.85
C PRO C 45 -54.53 3.49 -2.36
N GLY C 46 -55.09 4.58 -2.87
CA GLY C 46 -55.04 4.91 -4.29
C GLY C 46 -56.11 4.19 -5.08
N GLY C 47 -56.88 3.34 -4.40
CA GLY C 47 -57.87 2.50 -5.04
C GLY C 47 -59.16 3.25 -5.33
N PRO C 48 -60.04 2.64 -6.13
CA PRO C 48 -59.95 1.29 -6.72
C PRO C 48 -58.91 1.19 -7.83
N TRP C 49 -58.13 0.12 -7.81
CA TRP C 49 -57.05 -0.11 -8.77
C TRP C 49 -57.44 -1.05 -9.91
N VAL C 51 -55.39 -3.42 -12.68
CA VAL C 51 -54.04 -3.98 -12.68
C VAL C 51 -53.70 -4.76 -13.95
N TYR C 52 -52.59 -4.38 -14.57
CA TYR C 52 -51.93 -5.14 -15.61
C TYR C 52 -50.70 -5.82 -14.99
N GLY C 53 -50.48 -7.07 -15.34
CA GLY C 53 -49.34 -7.82 -14.82
C GLY C 53 -48.59 -8.48 -15.96
N VAL C 54 -47.28 -8.29 -15.97
CA VAL C 54 -46.43 -8.78 -17.05
C VAL C 54 -45.44 -9.84 -16.57
N ALA C 55 -45.25 -10.87 -17.40
CA ALA C 55 -44.16 -11.83 -17.23
C ALA C 55 -44.09 -12.64 -18.53
N ARG C 56 -43.07 -13.48 -18.67
CA ARG C 56 -42.93 -14.21 -19.93
C ARG C 56 -43.75 -15.50 -19.95
N ARG C 57 -43.70 -16.27 -18.88
CA ARG C 57 -44.33 -17.58 -18.87
C ARG C 57 -45.85 -17.50 -18.87
N PRO C 58 -46.50 -18.59 -19.33
CA PRO C 58 -47.96 -18.60 -19.18
C PRO C 58 -48.33 -18.47 -17.71
N ARG C 59 -49.47 -17.84 -17.41
CA ARG C 59 -49.87 -17.59 -16.04
C ARG C 59 -49.99 -18.89 -15.26
N PRO C 60 -49.26 -18.99 -14.13
CA PRO C 60 -49.33 -20.19 -13.29
C PRO C 60 -50.61 -20.22 -12.47
N THR C 61 -51.09 -21.42 -12.13
CA THR C 61 -52.36 -21.54 -11.45
C THR C 61 -52.38 -20.79 -10.11
N TRP C 62 -51.25 -20.75 -9.40
CA TRP C 62 -51.21 -20.12 -8.07
C TRP C 62 -51.27 -18.59 -8.15
N ASN C 63 -51.09 -18.03 -9.36
CA ASN C 63 -51.19 -16.59 -9.60
C ASN C 63 -52.59 -16.23 -10.14
N ALA C 64 -53.36 -17.26 -10.49
CA ALA C 64 -54.52 -17.09 -11.37
C ALA C 64 -55.74 -16.40 -10.75
N ASP C 65 -55.88 -16.44 -9.43
CA ASP C 65 -57.07 -15.88 -8.81
C ASP C 65 -57.08 -14.36 -8.70
N HIS C 66 -55.93 -13.72 -8.84
CA HIS C 66 -55.85 -12.27 -8.72
C HIS C 66 -56.59 -11.64 -9.90
N PRO C 67 -57.43 -10.64 -9.62
CA PRO C 67 -58.22 -10.01 -10.69
C PRO C 67 -57.40 -8.97 -11.44
N ILE C 68 -56.52 -9.45 -12.31
CA ILE C 68 -55.62 -8.61 -13.06
C ILE C 68 -55.71 -8.98 -14.54
N ASP C 69 -55.19 -8.12 -15.39
CA ASP C 69 -55.02 -8.46 -16.79
C ASP C 69 -53.59 -8.94 -16.99
N TYR C 70 -53.44 -10.22 -17.25
CA TYR C 70 -52.12 -10.85 -17.36
C TYR C 70 -51.62 -10.78 -18.79
N ILE C 71 -50.46 -10.16 -18.97
CA ILE C 71 -49.89 -9.92 -20.29
C ILE C 71 -48.55 -10.61 -20.44
N GLN C 72 -48.47 -11.57 -21.35
CA GLN C 72 -47.19 -12.16 -21.67
C GLN C 72 -46.35 -11.21 -22.50
N CYS C 73 -45.21 -10.82 -21.98
CA CYS C 73 -44.33 -9.87 -22.63
C CYS C 73 -42.90 -10.05 -22.11
N ASP C 74 -41.93 -10.09 -23.01
CA ASP C 74 -40.53 -10.18 -22.64
C ASP C 74 -39.95 -8.76 -22.71
N VAL C 75 -39.69 -8.14 -21.57
CA VAL C 75 -39.32 -6.75 -21.56
C VAL C 75 -37.87 -6.52 -21.97
N SER C 76 -37.14 -7.60 -22.25
CA SER C 76 -35.80 -7.47 -22.82
C SER C 76 -35.88 -7.29 -24.34
N ASP C 77 -37.09 -7.40 -24.87
CA ASP C 77 -37.32 -7.29 -26.31
C ASP C 77 -38.05 -5.98 -26.58
N ALA C 78 -37.32 -4.99 -27.09
CA ALA C 78 -37.89 -3.65 -27.31
C ALA C 78 -39.09 -3.67 -28.24
N GLU C 79 -39.06 -4.52 -29.25
CA GLU C 79 -40.20 -4.67 -30.16
C GLU C 79 -41.42 -5.16 -29.38
N ASP C 80 -41.19 -6.19 -28.58
CA ASP C 80 -42.26 -6.82 -27.82
C ASP C 80 -42.88 -5.84 -26.83
N THR C 81 -42.06 -5.02 -26.18
CA THR C 81 -42.58 -4.05 -25.23
C THR C 81 -43.36 -2.95 -25.94
N ARG C 82 -42.86 -2.50 -27.08
CA ARG C 82 -43.63 -1.52 -27.85
C ARG C 82 -44.98 -2.13 -28.24
N SER C 83 -44.94 -3.37 -28.70
CA SER C 83 -46.14 -4.06 -29.15
C SER C 83 -47.15 -4.34 -28.02
N LEU C 85 -46.91 -3.24 -24.43
CA LEU C 85 -47.05 -2.29 -23.34
C LEU C 85 -47.57 -0.92 -23.80
N SER C 86 -47.07 -0.43 -24.92
CA SER C 86 -47.52 0.87 -25.45
C SER C 86 -49.04 0.99 -25.63
N PRO C 87 -49.75 -0.11 -25.93
CA PRO C 87 -51.21 0.05 -25.99
C PRO C 87 -51.89 0.34 -24.64
N LEU C 88 -51.18 0.15 -23.52
CA LEU C 88 -51.78 0.33 -22.20
C LEU C 88 -51.84 1.80 -21.81
N THR C 89 -52.68 2.55 -22.50
CA THR C 89 -52.64 4.01 -22.42
C THR C 89 -53.20 4.59 -21.13
N ASP C 90 -53.88 3.77 -20.34
CA ASP C 90 -54.51 4.29 -19.13
C ASP C 90 -53.66 4.09 -17.88
N VAL C 91 -52.47 3.52 -18.04
CA VAL C 91 -51.56 3.27 -16.91
C VAL C 91 -51.23 4.55 -16.15
N THR C 92 -51.32 4.50 -14.82
CA THR C 92 -50.93 5.64 -13.98
C THR C 92 -49.70 5.35 -13.09
N HIS C 93 -49.49 4.09 -12.76
CA HIS C 93 -48.36 3.72 -11.89
C HIS C 93 -47.67 2.47 -12.39
N VAL C 94 -46.35 2.50 -12.42
CA VAL C 94 -45.57 1.33 -12.79
C VAL C 94 -44.84 0.78 -11.57
N PHE C 95 -44.91 -0.53 -11.40
CA PHE C 95 -44.16 -1.21 -10.34
C PHE C 95 -43.21 -2.20 -11.02
N TYR C 96 -41.92 -1.85 -11.00
CA TYR C 96 -40.90 -2.64 -11.68
C TYR C 96 -40.25 -3.58 -10.66
N VAL C 97 -40.54 -4.88 -10.80
CA VAL C 97 -40.11 -5.87 -9.82
C VAL C 97 -39.63 -7.14 -10.53
N THR C 98 -38.55 -6.99 -11.29
CA THR C 98 -37.97 -8.09 -12.06
C THR C 98 -36.46 -7.93 -12.23
N TRP C 99 -35.78 -9.04 -12.52
CA TRP C 99 -34.42 -8.97 -13.04
C TRP C 99 -34.07 -10.20 -13.85
N THR C 100 -32.93 -10.13 -14.53
CA THR C 100 -32.37 -11.28 -15.24
C THR C 100 -30.98 -11.52 -14.66
N ASN C 101 -30.65 -12.78 -14.47
CA ASN C 101 -29.43 -13.22 -13.81
C ASN C 101 -28.38 -13.64 -14.85
N ARG C 102 -27.45 -12.75 -15.16
CA ARG C 102 -26.45 -13.05 -16.17
C ARG C 102 -25.10 -13.43 -15.54
N GLU C 103 -24.17 -13.96 -16.33
CA GLU C 103 -22.97 -14.54 -15.74
C GLU C 103 -21.84 -13.53 -15.44
N SER C 104 -21.98 -12.30 -15.92
CA SER C 104 -21.01 -11.25 -15.57
C SER C 104 -21.79 -10.01 -15.20
N GLU C 105 -21.20 -9.15 -14.39
CA GLU C 105 -21.96 -7.99 -13.94
C GLU C 105 -22.13 -6.97 -15.06
N SER C 106 -21.17 -6.90 -15.99
CA SER C 106 -21.35 -5.96 -17.10
C SER C 106 -22.53 -6.40 -17.97
N GLU C 107 -22.72 -7.70 -18.10
CA GLU C 107 -23.91 -8.20 -18.81
C GLU C 107 -25.18 -7.92 -18.00
N ASN C 108 -25.12 -8.10 -16.68
CA ASN C 108 -26.22 -7.69 -15.81
C ASN C 108 -26.61 -6.22 -16.00
N CYS C 109 -25.61 -5.36 -16.07
CA CYS C 109 -25.87 -3.94 -16.26
C CYS C 109 -26.56 -3.69 -17.59
N GLU C 110 -26.05 -4.32 -18.65
CA GLU C 110 -26.62 -4.09 -19.98
C GLU C 110 -28.04 -4.63 -20.04
N ALA C 111 -28.21 -5.89 -19.61
CA ALA C 111 -29.48 -6.57 -19.77
C ALA C 111 -30.56 -5.98 -18.85
N ASN C 112 -30.24 -5.76 -17.58
CA ASN C 112 -31.24 -5.23 -16.66
C ASN C 112 -31.53 -3.75 -16.89
N GLY C 113 -30.51 -2.98 -17.27
CA GLY C 113 -30.72 -1.61 -17.67
C GLY C 113 -31.65 -1.53 -18.87
N SER C 114 -31.47 -2.42 -19.83
CA SER C 114 -32.28 -2.37 -21.04
C SER C 114 -33.72 -2.82 -20.79
N MET C 115 -33.91 -3.77 -19.87
CA MET C 115 -35.27 -4.20 -19.52
C MET C 115 -36.06 -3.00 -18.98
N LEU C 116 -35.48 -2.31 -18.01
CA LEU C 116 -36.11 -1.13 -17.42
C LEU C 116 -36.30 -0.02 -18.45
N ARG C 117 -35.25 0.27 -19.22
CA ARG C 117 -35.34 1.26 -20.29
C ARG C 117 -36.46 0.92 -21.26
N ASN C 118 -36.55 -0.33 -21.66
CA ASN C 118 -37.58 -0.75 -22.62
C ASN C 118 -38.99 -0.48 -22.08
N VAL C 119 -39.21 -0.82 -20.82
CA VAL C 119 -40.50 -0.57 -20.19
C VAL C 119 -40.82 0.93 -20.19
N LEU C 120 -39.89 1.74 -19.68
CA LEU C 120 -40.12 3.18 -19.58
C LEU C 120 -40.39 3.78 -20.94
N GLN C 121 -39.57 3.43 -21.94
CA GLN C 121 -39.68 4.03 -23.27
C GLN C 121 -40.93 3.53 -24.00
N ALA C 122 -41.48 2.40 -23.57
CA ALA C 122 -42.71 1.91 -24.18
C ALA C 122 -43.95 2.60 -23.60
N ILE C 123 -43.88 3.03 -22.35
CA ILE C 123 -45.08 3.50 -21.67
C ILE C 123 -45.16 5.03 -21.55
N ILE C 124 -44.03 5.69 -21.32
CA ILE C 124 -44.00 7.13 -21.05
C ILE C 124 -44.60 7.99 -22.19
N PRO C 125 -44.29 7.69 -23.47
CA PRO C 125 -44.90 8.52 -24.51
C PRO C 125 -46.37 8.18 -24.82
N TYR C 126 -46.89 7.12 -24.22
CA TYR C 126 -48.20 6.63 -24.62
C TYR C 126 -49.22 6.62 -23.49
N ALA C 127 -48.76 6.85 -22.27
CA ALA C 127 -49.64 6.87 -21.12
C ALA C 127 -49.65 8.25 -20.52
N PRO C 128 -50.55 9.12 -21.03
CA PRO C 128 -50.53 10.54 -20.67
C PRO C 128 -50.84 10.80 -19.20
N ASN C 129 -51.53 9.90 -18.56
CA ASN C 129 -51.83 10.02 -17.17
C ASN C 129 -50.84 9.27 -16.20
N LEU C 130 -49.69 8.91 -16.73
CA LEU C 130 -48.65 8.30 -15.91
C LEU C 130 -48.20 9.26 -14.81
N ARG C 131 -48.12 8.76 -13.57
CA ARG C 131 -47.77 9.61 -12.44
C ARG C 131 -46.52 9.18 -11.67
N HIS C 132 -46.24 7.88 -11.64
CA HIS C 132 -45.18 7.42 -10.75
C HIS C 132 -44.59 6.10 -11.22
N VAL C 133 -43.30 5.92 -10.98
CA VAL C 133 -42.64 4.64 -11.22
C VAL C 133 -41.92 4.16 -9.95
N CYS C 134 -42.29 2.97 -9.47
CA CYS C 134 -41.54 2.31 -8.42
C CYS C 134 -40.51 1.37 -9.01
N LEU C 135 -39.27 1.51 -8.55
CA LEU C 135 -38.19 0.61 -8.95
C LEU C 135 -37.70 -0.17 -7.75
N GLN C 136 -37.81 -1.49 -7.81
CA GLN C 136 -37.28 -2.31 -6.75
C GLN C 136 -35.86 -2.75 -7.04
N THR C 137 -34.95 -2.46 -6.12
CA THR C 137 -33.61 -3.03 -6.21
C THR C 137 -33.37 -3.87 -4.95
N GLY C 138 -32.37 -3.52 -4.15
CA GLY C 138 -32.11 -4.27 -2.94
C GLY C 138 -30.82 -3.92 -2.20
N THR C 139 -30.57 -4.68 -1.14
CA THR C 139 -29.42 -4.49 -0.26
C THR C 139 -28.07 -4.59 -0.99
N HIS C 141 -27.22 -2.90 -3.28
CA HIS C 141 -26.84 -1.52 -3.50
C HIS C 141 -25.65 -1.14 -2.64
N TYR C 142 -25.65 -1.65 -1.41
CA TYR C 142 -24.66 -1.34 -0.40
C TYR C 142 -23.50 -2.32 -0.35
N LEU C 143 -23.64 -3.45 -1.03
CA LEU C 143 -22.68 -4.53 -0.91
C LEU C 143 -21.97 -4.82 -2.21
N GLY C 144 -22.62 -4.45 -3.31
CA GLY C 144 -22.14 -4.84 -4.62
C GLY C 144 -22.65 -6.23 -4.94
N PRO C 145 -22.35 -6.71 -6.15
CA PRO C 145 -22.80 -8.05 -6.58
C PRO C 145 -22.24 -9.11 -5.66
N PHE C 146 -22.82 -10.31 -5.66
CA PHE C 146 -22.36 -11.36 -4.75
C PHE C 146 -20.87 -11.66 -4.93
N THR C 147 -20.37 -11.47 -6.15
CA THR C 147 -18.96 -11.73 -6.44
C THR C 147 -18.01 -10.73 -5.81
N ASN C 148 -18.53 -9.62 -5.30
CA ASN C 148 -17.69 -8.62 -4.65
C ASN C 148 -17.23 -9.09 -3.27
N VAL C 149 -16.22 -9.97 -3.28
CA VAL C 149 -15.78 -10.64 -2.05
C VAL C 149 -14.79 -9.78 -1.26
N ASP C 150 -13.79 -9.23 -1.94
CA ASP C 150 -12.72 -8.52 -1.25
C ASP C 150 -12.62 -7.05 -1.65
N GLY C 151 -13.59 -6.58 -2.41
CA GLY C 151 -13.60 -5.18 -2.82
C GLY C 151 -14.23 -4.34 -1.73
N PRO C 152 -14.45 -3.05 -2.00
CA PRO C 152 -15.05 -2.14 -1.03
C PRO C 152 -16.50 -2.51 -0.70
N ARG C 153 -16.93 -2.24 0.52
CA ARG C 153 -18.33 -2.38 0.88
C ARG C 153 -18.64 -1.55 2.11
N HIS C 154 -19.89 -1.14 2.25
CA HIS C 154 -20.30 -0.37 3.40
C HIS C 154 -20.44 -1.24 4.64
N ASP C 155 -20.46 -0.57 5.78
CA ASP C 155 -20.60 -1.22 7.08
C ASP C 155 -22.02 -1.06 7.57
N PRO C 156 -22.68 -2.19 7.87
CA PRO C 156 -24.05 -2.16 8.38
C PRO C 156 -24.14 -1.44 9.72
N PRO C 157 -25.32 -0.90 10.06
CA PRO C 157 -26.55 -0.97 9.26
C PRO C 157 -26.56 0.03 8.10
N PHE C 158 -26.95 -0.45 6.91
CA PHE C 158 -26.92 0.39 5.71
C PHE C 158 -27.98 1.48 5.74
N THR C 159 -27.61 2.68 5.29
CA THR C 159 -28.55 3.78 5.17
C THR C 159 -28.57 4.28 3.74
N GLU C 160 -29.72 4.78 3.32
CA GLU C 160 -29.95 5.19 1.93
C GLU C 160 -29.03 6.30 1.42
N ASP C 161 -28.52 7.14 2.32
CA ASP C 161 -27.64 8.21 1.88
C ASP C 161 -26.16 7.79 1.81
N MET C 162 -25.86 6.52 2.07
CA MET C 162 -24.50 6.04 1.83
C MET C 162 -24.19 6.25 0.35
N PRO C 163 -22.94 6.63 0.03
CA PRO C 163 -22.64 6.83 -1.39
C PRO C 163 -22.50 5.51 -2.14
N ARG C 164 -22.72 5.53 -3.45
CA ARG C 164 -22.48 4.36 -4.27
C ARG C 164 -21.05 3.83 -4.13
N LEU C 165 -20.89 2.52 -4.06
CA LEU C 165 -19.55 1.94 -4.08
C LEU C 165 -18.95 2.15 -5.46
N GLN C 166 -17.64 2.29 -5.50
CA GLN C 166 -16.96 2.41 -6.77
C GLN C 166 -16.70 1.03 -7.35
N ILE C 167 -17.78 0.28 -7.51
CA ILE C 167 -17.73 -0.98 -8.22
C ILE C 167 -19.02 -1.13 -8.98
N GLN C 168 -18.90 -1.75 -10.14
CA GLN C 168 -20.01 -1.96 -11.05
C GLN C 168 -21.19 -2.66 -10.37
N ASN C 169 -22.41 -2.20 -10.67
CA ASN C 169 -23.61 -2.70 -10.00
C ASN C 169 -24.81 -2.36 -10.87
N PHE C 170 -25.57 -3.36 -11.32
CA PHE C 170 -26.66 -3.02 -12.25
C PHE C 170 -27.78 -2.21 -11.59
N TYR C 171 -27.85 -2.19 -10.25
CA TYR C 171 -28.77 -1.28 -9.57
C TYR C 171 -28.45 0.18 -9.90
N TYR C 172 -27.17 0.54 -9.94
CA TYR C 172 -26.77 1.91 -10.26
C TYR C 172 -27.13 2.27 -11.70
N THR C 173 -26.82 1.34 -12.60
CA THR C 173 -27.17 1.48 -14.02
C THR C 173 -28.68 1.75 -14.16
N GLN C 174 -29.48 0.96 -13.46
CA GLN C 174 -30.93 1.13 -13.52
C GLN C 174 -31.40 2.46 -12.93
N GLU C 175 -30.86 2.83 -11.78
CA GLU C 175 -31.21 4.10 -11.17
C GLU C 175 -30.94 5.23 -12.15
N ASP C 176 -29.77 5.21 -12.78
CA ASP C 176 -29.40 6.29 -13.71
C ASP C 176 -30.40 6.39 -14.87
N ILE C 177 -30.80 5.24 -15.41
CA ILE C 177 -31.76 5.17 -16.50
C ILE C 177 -33.11 5.72 -16.07
N LEU C 178 -33.57 5.29 -14.89
CA LEU C 178 -34.81 5.81 -14.29
C LEU C 178 -34.78 7.32 -14.18
N PHE C 179 -33.68 7.86 -13.61
CA PHE C 179 -33.56 9.30 -13.40
C PHE C 179 -33.61 10.05 -14.71
N GLU C 180 -32.90 9.53 -15.71
CA GLU C 180 -32.76 10.20 -16.99
C GLU C 180 -34.06 10.19 -17.77
N GLU C 181 -34.79 9.09 -17.71
CA GLU C 181 -36.05 9.01 -18.44
C GLU C 181 -37.14 9.86 -17.77
N ILE C 182 -37.16 9.87 -16.46
CA ILE C 182 -38.18 10.58 -15.74
C ILE C 182 -37.94 12.10 -15.79
N LYS C 183 -36.70 12.50 -15.87
CA LYS C 183 -36.35 13.92 -15.99
C LYS C 183 -36.93 14.53 -17.28
N LYS C 184 -37.03 13.73 -18.33
CA LYS C 184 -37.56 14.17 -19.63
C LYS C 184 -39.04 14.59 -19.60
N ILE C 185 -39.76 14.15 -18.59
CA ILE C 185 -41.19 14.47 -18.50
C ILE C 185 -41.48 15.27 -17.23
N GLU C 186 -42.61 15.96 -17.22
CA GLU C 186 -42.92 16.85 -16.11
C GLU C 186 -43.88 16.23 -15.10
N THR C 187 -44.58 15.18 -15.50
CA THR C 187 -45.72 14.79 -14.69
C THR C 187 -45.50 13.53 -13.85
N VAL C 188 -44.26 13.05 -13.79
CA VAL C 188 -43.97 11.74 -13.22
C VAL C 188 -42.92 11.79 -12.12
N THR C 189 -43.17 11.06 -11.03
CA THR C 189 -42.22 10.93 -9.94
C THR C 189 -41.70 9.49 -9.86
N TRP C 190 -40.66 9.26 -9.09
CA TRP C 190 -40.15 7.90 -8.92
C TRP C 190 -39.92 7.59 -7.45
N SER C 191 -39.81 6.31 -7.15
CA SER C 191 -39.36 5.89 -5.84
C SER C 191 -38.52 4.62 -6.01
N ILE C 192 -37.52 4.46 -5.18
CA ILE C 192 -36.68 3.27 -5.22
C ILE C 192 -36.80 2.49 -3.92
N HIS C 193 -36.91 1.17 -4.02
CA HIS C 193 -37.19 0.33 -2.87
C HIS C 193 -36.15 -0.77 -2.77
N ARG C 194 -35.44 -0.82 -1.65
CA ARG C 194 -34.30 -1.71 -1.49
C ARG C 194 -34.53 -2.75 -0.40
N PRO C 195 -35.26 -3.82 -0.72
CA PRO C 195 -35.46 -4.86 0.29
C PRO C 195 -34.22 -5.71 0.52
N ASN C 196 -34.24 -6.40 1.66
CA ASN C 196 -33.24 -7.39 2.03
C ASN C 196 -33.76 -8.74 1.53
N MET C 197 -33.24 -9.86 2.03
CA MET C 197 -33.77 -11.18 1.63
C MET C 197 -35.30 -11.18 1.77
N ILE C 198 -36.00 -11.63 0.74
CA ILE C 198 -37.47 -11.51 0.76
C ILE C 198 -38.17 -12.78 1.26
N PHE C 199 -39.07 -12.60 2.22
CA PHE C 199 -40.00 -13.65 2.65
C PHE C 199 -41.28 -13.50 1.86
N GLY C 200 -41.59 -14.45 0.97
CA GLY C 200 -42.80 -14.32 0.19
C GLY C 200 -43.18 -15.57 -0.56
N PHE C 201 -44.31 -15.52 -1.26
CA PHE C 201 -44.74 -16.67 -2.05
C PHE C 201 -44.61 -16.43 -3.54
N SER C 202 -43.71 -17.19 -4.16
CA SER C 202 -43.57 -17.28 -5.61
C SER C 202 -42.65 -18.45 -5.98
N PRO C 203 -43.25 -19.58 -6.38
CA PRO C 203 -42.43 -20.72 -6.83
C PRO C 203 -41.48 -20.34 -7.96
N TYR C 204 -41.87 -19.35 -8.76
CA TYR C 204 -41.11 -18.91 -9.92
C TYR C 204 -39.91 -18.01 -9.58
N SER C 205 -39.83 -17.54 -8.34
CA SER C 205 -38.80 -16.59 -7.97
C SER C 205 -37.38 -17.15 -8.07
N LEU C 206 -36.44 -16.31 -8.49
CA LEU C 206 -35.04 -16.72 -8.66
C LEU C 206 -34.28 -16.76 -7.35
N MET C 207 -34.76 -16.01 -6.37
CA MET C 207 -34.15 -15.94 -5.06
C MET C 207 -35.25 -16.02 -4.00
N ASN C 208 -35.31 -17.15 -3.30
CA ASN C 208 -36.50 -17.47 -2.50
C ASN C 208 -36.15 -18.27 -1.25
N ILE C 209 -35.82 -17.57 -0.17
CA ILE C 209 -35.31 -18.26 1.01
C ILE C 209 -36.40 -19.11 1.67
N VAL C 210 -37.63 -18.62 1.77
CA VAL C 210 -38.68 -19.39 2.44
C VAL C 210 -39.07 -20.61 1.60
N GLY C 211 -39.29 -20.41 0.30
CA GLY C 211 -39.70 -21.52 -0.55
C GLY C 211 -38.67 -22.64 -0.56
N THR C 212 -37.40 -22.26 -0.70
CA THR C 212 -36.31 -23.23 -0.75
C THR C 212 -36.12 -23.95 0.59
N LEU C 213 -36.22 -23.23 1.71
CA LEU C 213 -36.14 -23.89 3.00
C LEU C 213 -37.34 -24.83 3.22
N CYS C 214 -38.49 -24.47 2.68
CA CYS C 214 -39.66 -25.34 2.74
C CYS C 214 -39.41 -26.63 1.97
N VAL C 215 -38.77 -26.53 0.83
CA VAL C 215 -38.49 -27.72 0.03
C VAL C 215 -37.49 -28.61 0.78
N TYR C 216 -36.44 -27.99 1.32
CA TYR C 216 -35.44 -28.72 2.11
C TYR C 216 -36.09 -29.42 3.32
N ALA C 217 -36.85 -28.67 4.12
CA ALA C 217 -37.54 -29.24 5.28
C ALA C 217 -38.51 -30.36 4.92
N ALA C 218 -39.28 -30.17 3.84
CA ALA C 218 -40.21 -31.19 3.37
C ALA C 218 -39.49 -32.49 3.06
N ILE C 219 -38.31 -32.37 2.46
CA ILE C 219 -37.52 -33.54 2.08
C ILE C 219 -37.03 -34.26 3.33
N CYS C 220 -36.50 -33.51 4.29
CA CYS C 220 -36.03 -34.08 5.55
C CYS C 220 -37.17 -34.81 6.28
N HIS C 222 -39.91 -36.05 4.91
CA HIS C 222 -40.24 -37.23 4.14
C HIS C 222 -39.25 -38.36 4.41
N GLU C 223 -37.97 -38.03 4.44
CA GLU C 223 -36.91 -39.00 4.69
C GLU C 223 -36.83 -39.44 6.14
N GLY C 224 -37.46 -38.66 7.03
CA GLY C 224 -37.33 -38.89 8.46
C GLY C 224 -35.95 -38.57 8.97
N SER C 225 -35.23 -37.73 8.24
CA SER C 225 -33.87 -37.35 8.61
C SER C 225 -33.87 -35.99 9.31
N PRO C 226 -32.81 -35.66 10.06
CA PRO C 226 -32.87 -34.43 10.85
C PRO C 226 -32.73 -33.17 10.01
N LEU C 227 -33.37 -32.10 10.48
CA LEU C 227 -33.27 -30.81 9.80
C LEU C 227 -31.97 -30.15 10.19
N LEU C 228 -30.89 -30.47 9.47
CA LEU C 228 -29.58 -29.93 9.78
C LEU C 228 -29.32 -28.62 9.04
N PHE C 229 -28.79 -27.64 9.77
CA PHE C 229 -28.47 -26.32 9.19
C PHE C 229 -27.38 -26.48 8.13
N PRO C 230 -27.67 -26.03 6.91
CA PRO C 230 -26.69 -26.23 5.83
C PRO C 230 -25.59 -25.18 5.82
N GLY C 231 -25.78 -24.08 6.54
CA GLY C 231 -24.90 -22.93 6.41
C GLY C 231 -23.82 -22.78 7.48
N SER C 232 -23.27 -21.58 7.60
CA SER C 232 -22.11 -21.39 8.47
C SER C 232 -22.51 -21.14 9.92
N ALA C 235 -23.48 -17.51 10.35
CA ALA C 235 -24.86 -17.20 9.98
C ALA C 235 -25.85 -17.77 11.01
N TRP C 236 -25.51 -18.90 11.61
CA TRP C 236 -26.35 -19.53 12.62
C TRP C 236 -26.50 -18.63 13.84
N GLU C 237 -25.39 -18.01 14.24
CA GLU C 237 -25.34 -17.24 15.48
C GLU C 237 -25.58 -15.73 15.28
N GLY C 238 -25.42 -15.26 14.04
CA GLY C 238 -25.46 -13.83 13.77
C GLY C 238 -26.84 -13.21 13.63
N PHE C 239 -26.90 -11.88 13.59
CA PHE C 239 -28.16 -11.18 13.43
C PHE C 239 -28.44 -10.91 11.96
N MET C 240 -29.68 -11.11 11.55
CA MET C 240 -30.09 -10.78 10.21
C MET C 240 -31.45 -10.10 10.23
N THR C 241 -31.87 -9.60 9.08
CA THR C 241 -33.24 -9.12 8.95
C THR C 241 -33.78 -9.65 7.64
N ALA C 242 -35.07 -9.47 7.40
CA ALA C 242 -35.68 -9.91 6.17
C ALA C 242 -36.77 -8.93 5.77
N SER C 243 -37.27 -9.08 4.56
CA SER C 243 -38.30 -8.18 4.02
C SER C 243 -39.50 -8.97 3.55
N ASP C 244 -40.59 -8.88 4.31
CA ASP C 244 -41.86 -9.51 3.99
C ASP C 244 -42.39 -8.96 2.66
N ALA C 245 -42.78 -9.83 1.74
CA ALA C 245 -43.16 -9.40 0.39
C ALA C 245 -44.40 -8.49 0.42
N ASP C 246 -45.35 -8.78 1.29
CA ASP C 246 -46.53 -7.92 1.44
C ASP C 246 -46.14 -6.54 1.97
N LEU C 247 -45.18 -6.53 2.89
CA LEU C 247 -44.70 -5.26 3.44
C LEU C 247 -44.03 -4.42 2.36
N ILE C 248 -43.26 -5.08 1.49
CA ILE C 248 -42.64 -4.39 0.35
C ILE C 248 -43.70 -3.77 -0.55
N ALA C 249 -44.71 -4.57 -0.88
CA ALA C 249 -45.84 -4.09 -1.69
C ALA C 249 -46.50 -2.88 -1.02
N GLU C 250 -46.67 -2.94 0.30
CA GLU C 250 -47.28 -1.86 1.06
C GLU C 250 -46.48 -0.57 0.98
N GLN C 251 -45.16 -0.70 1.05
CA GLN C 251 -44.31 0.48 0.94
C GLN C 251 -44.30 1.05 -0.48
N GLN C 252 -44.37 0.21 -1.51
CA GLN C 252 -44.41 0.70 -2.88
C GLN C 252 -45.73 1.44 -3.12
N ILE C 253 -46.82 0.87 -2.63
CA ILE C 253 -48.12 1.52 -2.73
C ILE C 253 -48.12 2.85 -1.97
N TRP C 254 -47.55 2.84 -0.77
CA TRP C 254 -47.36 4.08 0.00
C TRP C 254 -46.62 5.15 -0.80
N ALA C 255 -45.47 4.80 -1.36
CA ALA C 255 -44.69 5.75 -2.16
C ALA C 255 -45.45 6.17 -3.42
N ALA C 256 -46.24 5.26 -3.97
CA ALA C 256 -47.00 5.52 -5.19
C ALA C 256 -48.17 6.50 -4.98
N VAL C 257 -48.70 6.58 -3.77
CA VAL C 257 -49.88 7.43 -3.56
C VAL C 257 -49.62 8.64 -2.66
N ASP C 258 -48.53 8.61 -1.89
CA ASP C 258 -48.20 9.72 -0.99
C ASP C 258 -47.09 10.62 -1.55
N PRO C 259 -47.44 11.86 -1.91
CA PRO C 259 -46.49 12.83 -2.46
C PRO C 259 -45.26 13.12 -1.57
N TYR C 260 -45.37 12.92 -0.26
CA TYR C 260 -44.24 13.15 0.64
C TYR C 260 -43.04 12.23 0.37
N ALA C 261 -43.29 11.11 -0.30
CA ALA C 261 -42.26 10.10 -0.49
C ALA C 261 -41.56 10.24 -1.83
N LYS C 262 -41.96 11.22 -2.61
CA LYS C 262 -41.56 11.31 -4.02
C LYS C 262 -40.06 11.49 -4.22
N ASN C 263 -39.54 10.84 -5.25
CA ASN C 263 -38.16 10.95 -5.67
C ASN C 263 -37.17 10.68 -4.53
N GLU C 264 -37.39 9.58 -3.81
CA GLU C 264 -36.50 9.13 -2.75
C GLU C 264 -36.29 7.60 -2.82
N ALA C 265 -35.14 7.14 -2.34
CA ALA C 265 -34.87 5.72 -2.18
C ALA C 265 -35.14 5.30 -0.72
N PHE C 266 -35.73 4.13 -0.54
CA PHE C 266 -36.06 3.62 0.79
C PHE C 266 -35.64 2.16 0.92
N ASN C 267 -34.95 1.85 2.01
CA ASN C 267 -34.85 0.48 2.46
C ASN C 267 -36.23 -0.03 2.82
N CYS C 268 -36.42 -1.34 2.84
CA CYS C 268 -37.70 -1.91 3.24
C CYS C 268 -37.50 -3.29 3.82
N ASN C 269 -37.36 -3.37 5.14
CA ASN C 269 -37.34 -4.66 5.80
C ASN C 269 -38.32 -4.62 6.97
N ASN C 270 -38.45 -5.76 7.64
CA ASN C 270 -39.48 -5.96 8.64
C ASN C 270 -39.33 -5.09 9.89
N ALA C 271 -38.13 -4.53 10.06
CA ALA C 271 -37.74 -3.60 11.11
C ALA C 271 -37.40 -4.29 12.43
N ASP C 272 -37.39 -5.62 12.43
CA ASP C 272 -36.85 -6.32 13.58
C ASP C 272 -35.60 -7.08 13.15
N ILE C 273 -35.06 -7.86 14.08
CA ILE C 273 -33.83 -8.57 13.92
C ILE C 273 -34.08 -10.03 14.32
N PHE C 274 -33.43 -10.97 13.66
CA PHE C 274 -33.54 -12.37 14.08
C PHE C 274 -32.21 -13.12 13.92
N TRP C 276 -30.72 -17.00 12.68
CA TRP C 276 -31.13 -18.24 12.03
C TRP C 276 -31.31 -19.39 13.02
N LYS C 277 -30.54 -19.41 14.11
CA LYS C 277 -30.76 -20.42 15.16
C LYS C 277 -32.21 -20.43 15.64
N HIS C 278 -32.78 -19.25 15.80
CA HIS C 278 -34.14 -19.10 16.26
C HIS C 278 -35.18 -19.50 15.21
N LEU C 279 -35.02 -19.00 13.97
CA LEU C 279 -35.99 -19.36 12.93
C LEU C 279 -35.91 -20.84 12.59
N TRP C 280 -34.74 -21.46 12.78
CA TRP C 280 -34.58 -22.88 12.48
C TRP C 280 -35.49 -23.75 13.32
N ILE C 282 -38.31 -22.79 14.60
CA ILE C 282 -39.64 -22.53 14.05
C ILE C 282 -39.88 -23.34 12.76
N LEU C 283 -38.89 -23.37 11.87
CA LEU C 283 -38.99 -24.18 10.65
C LEU C 283 -39.28 -25.65 10.97
N ALA C 284 -38.45 -26.23 11.82
CA ALA C 284 -38.63 -27.62 12.23
C ALA C 284 -40.03 -27.85 12.82
N GLU C 285 -40.46 -26.97 13.70
CA GLU C 285 -41.78 -27.08 14.32
C GLU C 285 -42.92 -27.04 13.30
N GLN C 286 -42.79 -26.18 12.30
CA GLN C 286 -43.84 -26.05 11.29
C GLN C 286 -43.98 -27.35 10.47
N PHE C 287 -42.87 -28.06 10.29
CA PHE C 287 -42.86 -29.31 9.52
C PHE C 287 -42.92 -30.57 10.39
N GLY C 288 -43.03 -30.40 11.70
CA GLY C 288 -43.13 -31.53 12.61
C GLY C 288 -41.88 -32.39 12.70
N ILE C 289 -40.73 -31.74 12.55
CA ILE C 289 -39.44 -32.41 12.63
C ILE C 289 -38.88 -32.25 14.02
N GLU C 290 -38.76 -33.34 14.76
CA GLU C 290 -38.34 -33.22 16.16
C GLU C 290 -36.83 -33.08 16.29
N GLU C 291 -36.09 -33.58 15.31
CA GLU C 291 -34.64 -33.49 15.35
C GLU C 291 -34.12 -32.41 14.40
N TYR C 292 -33.54 -31.36 14.98
CA TYR C 292 -33.06 -30.23 14.21
C TYR C 292 -31.88 -29.60 14.92
N GLY C 293 -31.04 -28.91 14.18
CA GLY C 293 -29.97 -28.16 14.80
C GLY C 293 -28.78 -27.91 13.90
N PHE C 294 -27.73 -27.34 14.49
CA PHE C 294 -26.47 -27.12 13.82
C PHE C 294 -25.49 -28.22 14.19
N GLU C 295 -24.86 -28.80 13.17
CA GLU C 295 -23.82 -29.79 13.40
C GLU C 295 -22.67 -29.57 12.42
N GLU C 296 -21.58 -29.02 12.93
CA GLU C 296 -20.43 -28.70 12.09
C GLU C 296 -19.97 -29.94 11.35
N GLY C 297 -19.60 -29.77 10.09
CA GLY C 297 -19.18 -30.88 9.24
C GLY C 297 -20.33 -31.44 8.43
N LYS C 298 -21.55 -31.27 8.92
CA LYS C 298 -22.74 -31.67 8.18
C LYS C 298 -23.30 -30.49 7.37
N ASN C 299 -22.90 -29.28 7.75
CA ASN C 299 -23.30 -28.05 7.08
C ASN C 299 -22.53 -27.83 5.78
N LEU C 300 -22.96 -28.49 4.72
CA LEU C 300 -22.23 -28.50 3.46
C LEU C 300 -22.82 -27.62 2.37
N GLY C 301 -23.88 -26.89 2.71
CA GLY C 301 -24.58 -26.10 1.71
C GLY C 301 -25.61 -26.94 1.02
N LEU C 302 -26.73 -26.35 0.63
CA LEU C 302 -27.82 -27.12 0.05
C LEU C 302 -27.52 -27.62 -1.37
N VAL C 303 -26.72 -26.89 -2.14
CA VAL C 303 -26.35 -27.37 -3.48
C VAL C 303 -25.77 -28.79 -3.38
N GLU C 304 -24.87 -28.99 -2.42
CA GLU C 304 -24.25 -30.29 -2.21
C GLU C 304 -25.17 -31.27 -1.49
N MET C 305 -25.80 -30.83 -0.40
CA MET C 305 -26.66 -31.70 0.39
C MET C 305 -27.90 -32.19 -0.37
N MET C 306 -28.39 -31.40 -1.33
CA MET C 306 -29.59 -31.78 -2.08
C MET C 306 -29.28 -32.44 -3.42
N GLY C 308 -28.82 -35.16 -6.02
CA GLY C 308 -29.41 -36.49 -6.16
C GLY C 308 -30.76 -36.73 -5.50
N GLU C 310 -33.67 -35.97 -6.70
CA GLU C 310 -34.74 -35.94 -7.69
C GLU C 310 -35.73 -37.10 -7.53
N ARG C 311 -35.22 -38.27 -7.16
CA ARG C 311 -36.06 -39.46 -7.01
C ARG C 311 -36.99 -39.33 -5.82
N VAL C 312 -36.47 -38.88 -4.69
CA VAL C 312 -37.31 -38.73 -3.51
C VAL C 312 -38.30 -37.58 -3.71
N TRP C 313 -37.90 -36.54 -4.44
CA TRP C 313 -38.84 -35.45 -4.72
C TRP C 313 -40.01 -36.00 -5.53
N GLU C 314 -39.71 -36.83 -6.51
CA GLU C 314 -40.75 -37.42 -7.35
C GLU C 314 -41.70 -38.24 -6.48
N GLU C 315 -41.13 -39.04 -5.59
CA GLU C 315 -41.91 -39.81 -4.65
C GLU C 315 -42.83 -38.92 -3.80
N MET C 316 -42.31 -37.80 -3.31
CA MET C 316 -43.10 -36.87 -2.50
C MET C 316 -44.23 -36.21 -3.29
N VAL C 317 -43.95 -35.86 -4.55
CA VAL C 317 -44.95 -35.20 -5.38
C VAL C 317 -46.13 -36.15 -5.63
N GLU C 319 -46.93 -38.91 -3.92
CA GLU C 319 -47.57 -39.30 -2.66
C GLU C 319 -48.47 -38.21 -2.09
N ASN C 320 -48.12 -36.96 -2.36
CA ASN C 320 -48.76 -35.83 -1.70
C ASN C 320 -49.52 -34.91 -2.65
N GLN C 321 -49.60 -35.32 -3.91
CA GLN C 321 -50.28 -34.55 -4.94
C GLN C 321 -49.77 -33.12 -5.01
N LEU C 322 -48.45 -32.96 -5.03
CA LEU C 322 -47.84 -31.64 -5.10
C LEU C 322 -47.94 -31.10 -6.52
N GLN C 323 -47.79 -29.79 -6.67
CA GLN C 323 -48.10 -29.18 -7.96
C GLN C 323 -46.87 -28.89 -8.82
N GLU C 324 -45.68 -28.76 -8.22
CA GLU C 324 -44.48 -28.59 -9.04
C GLU C 324 -43.59 -29.83 -9.04
N LYS C 326 -40.88 -30.41 -10.70
CA LYS C 326 -39.46 -30.22 -10.97
C LYS C 326 -38.72 -29.62 -9.79
N LEU C 327 -37.86 -30.41 -9.17
CA LEU C 327 -37.21 -30.01 -7.93
C LEU C 327 -36.47 -28.69 -8.06
N GLU C 328 -35.67 -28.55 -9.10
CA GLU C 328 -34.83 -27.37 -9.26
C GLU C 328 -35.64 -26.08 -9.47
N GLU C 329 -36.93 -26.22 -9.78
CA GLU C 329 -37.79 -25.03 -9.91
C GLU C 329 -38.05 -24.35 -8.56
N VAL C 330 -38.32 -25.15 -7.54
CA VAL C 330 -38.69 -24.62 -6.24
C VAL C 330 -37.59 -24.83 -5.19
N GLY C 331 -36.63 -25.68 -5.51
CA GLY C 331 -35.46 -25.89 -4.67
C GLY C 331 -34.27 -25.10 -5.19
N VAL C 332 -34.30 -23.79 -4.92
CA VAL C 332 -33.28 -22.87 -5.43
C VAL C 332 -32.10 -22.78 -4.46
N TRP C 333 -31.28 -23.83 -4.47
CA TRP C 333 -30.27 -24.03 -3.45
C TRP C 333 -29.19 -22.95 -3.44
N TRP C 334 -28.78 -22.47 -4.62
CA TRP C 334 -27.63 -21.58 -4.66
C TRP C 334 -27.88 -20.29 -3.86
N PHE C 335 -29.09 -19.75 -3.92
CA PHE C 335 -29.38 -18.52 -3.20
C PHE C 335 -29.47 -18.76 -1.70
N ALA C 336 -30.10 -19.85 -1.30
CA ALA C 336 -30.13 -20.21 0.12
C ALA C 336 -28.71 -20.32 0.65
N ASP C 337 -27.82 -20.88 -0.15
CA ASP C 337 -26.44 -21.05 0.27
C ASP C 337 -25.71 -19.70 0.41
N VAL C 338 -26.10 -18.70 -0.39
CA VAL C 338 -25.54 -17.37 -0.21
C VAL C 338 -26.02 -16.76 1.11
N ILE C 339 -27.33 -16.82 1.35
CA ILE C 339 -27.96 -16.25 2.53
C ILE C 339 -27.40 -16.83 3.81
N LEU C 340 -27.30 -18.15 3.84
CA LEU C 340 -26.92 -18.88 5.03
C LEU C 340 -25.40 -18.95 5.20
N GLY C 341 -24.68 -18.10 4.46
CA GLY C 341 -23.24 -18.05 4.59
C GLY C 341 -22.75 -16.73 5.18
N VAL C 342 -23.69 -15.83 5.46
CA VAL C 342 -23.36 -14.47 5.88
C VAL C 342 -24.13 -14.06 7.13
N GLU C 343 -23.67 -12.98 7.77
CA GLU C 343 -24.35 -12.43 8.94
C GLU C 343 -24.27 -10.92 9.00
N GLY C 344 -25.24 -10.32 9.68
CA GLY C 344 -25.15 -8.92 10.03
C GLY C 344 -25.35 -7.95 8.88
N MET C 345 -25.74 -8.44 7.71
CA MET C 345 -25.99 -7.55 6.58
C MET C 345 -27.35 -6.90 6.73
N ILE C 346 -27.44 -5.96 7.68
CA ILE C 346 -28.71 -5.39 8.08
C ILE C 346 -28.81 -3.95 7.58
N ASP C 347 -30.00 -3.54 7.18
CA ASP C 347 -30.31 -2.21 6.68
C ASP C 347 -31.20 -1.43 7.64
N SER C 348 -31.04 -0.12 7.66
CA SER C 348 -31.79 0.70 8.61
C SER C 348 -33.17 1.09 8.08
N MET C 349 -34.17 1.09 8.96
CA MET C 349 -35.51 1.53 8.56
C MET C 349 -35.79 2.93 9.08
N ASN C 350 -34.77 3.63 9.55
CA ASN C 350 -34.99 4.97 10.10
C ASN C 350 -35.58 5.97 9.09
N LYS C 351 -35.06 6.00 7.86
CA LYS C 351 -35.57 6.96 6.89
C LYS C 351 -37.05 6.70 6.58
N SER C 352 -37.43 5.44 6.43
CA SER C 352 -38.82 5.11 6.19
C SER C 352 -39.71 5.64 7.31
N LYS C 353 -39.32 5.40 8.55
CA LYS C 353 -40.11 5.85 9.69
C LYS C 353 -40.18 7.37 9.76
N GLU C 354 -39.05 8.01 9.48
CA GLU C 354 -38.97 9.47 9.51
C GLU C 354 -39.89 10.06 8.46
N TYR C 355 -40.06 9.36 7.34
CA TYR C 355 -40.94 9.82 6.28
C TYR C 355 -42.40 9.45 6.55
N GLY C 356 -42.63 8.73 7.64
CA GLY C 356 -43.99 8.40 8.04
C GLY C 356 -44.49 7.04 7.60
N PHE C 357 -43.62 6.23 6.98
CA PHE C 357 -43.99 4.84 6.70
C PHE C 357 -43.71 3.98 7.92
N LEU C 358 -44.77 3.55 8.60
CA LEU C 358 -44.58 2.83 9.87
C LEU C 358 -44.90 1.33 9.78
N GLY C 359 -45.11 0.84 8.57
CA GLY C 359 -45.24 -0.59 8.32
C GLY C 359 -44.07 -1.41 8.88
N PHE C 360 -44.41 -2.56 9.43
CA PHE C 360 -43.43 -3.48 10.00
C PHE C 360 -43.96 -4.91 9.88
N ARG C 361 -43.10 -5.89 10.15
CA ARG C 361 -43.58 -7.24 10.41
C ARG C 361 -42.78 -7.86 11.56
N ASN C 362 -43.45 -8.68 12.36
CA ASN C 362 -42.77 -9.58 13.27
C ASN C 362 -42.19 -10.72 12.41
N SER C 363 -40.87 -10.87 12.37
CA SER C 363 -40.28 -11.79 11.41
C SER C 363 -40.63 -13.25 11.74
N ASN C 364 -40.80 -13.55 13.03
CA ASN C 364 -41.26 -14.89 13.42
C ASN C 364 -42.59 -15.21 12.75
N ASN C 365 -43.54 -14.31 12.89
CA ASN C 365 -44.86 -14.50 12.33
C ASN C 365 -44.90 -14.42 10.80
N SER C 366 -44.05 -13.57 10.22
CA SER C 366 -43.94 -13.47 8.77
C SER C 366 -43.46 -14.81 8.19
N PHE C 367 -42.35 -15.31 8.73
CA PHE C 367 -41.78 -16.61 8.34
C PHE C 367 -42.84 -17.72 8.38
N ILE C 368 -43.58 -17.79 9.49
CA ILE C 368 -44.61 -18.81 9.65
C ILE C 368 -45.70 -18.63 8.59
N SER C 369 -46.11 -17.39 8.36
CA SER C 369 -47.17 -17.13 7.41
C SER C 369 -46.76 -17.58 6.00
N TRP C 370 -45.54 -17.27 5.59
CA TRP C 370 -45.14 -17.64 4.24
C TRP C 370 -44.92 -19.15 4.10
N ILE C 371 -44.44 -19.79 5.16
CA ILE C 371 -44.39 -21.25 5.17
C ILE C 371 -45.76 -21.84 4.87
N ASP C 372 -46.79 -21.33 5.54
CA ASP C 372 -48.15 -21.81 5.33
C ASP C 372 -48.59 -21.72 3.87
N LYS C 373 -48.15 -20.69 3.15
CA LYS C 373 -48.54 -20.51 1.75
C LYS C 373 -47.97 -21.62 0.86
N TYR C 374 -46.74 -22.04 1.11
CA TYR C 374 -46.18 -23.10 0.27
C TYR C 374 -46.94 -24.41 0.51
N ALA C 376 -50.27 -24.47 1.52
CA ALA C 376 -51.62 -24.23 1.01
C ALA C 376 -51.71 -24.36 -0.50
N PHE C 377 -50.65 -23.94 -1.21
CA PHE C 377 -50.65 -24.06 -2.67
C PHE C 377 -50.06 -25.38 -3.14
N LYS C 378 -49.84 -26.30 -2.20
CA LYS C 378 -49.41 -27.66 -2.50
C LYS C 378 -48.06 -27.72 -3.22
N ILE C 379 -47.15 -26.83 -2.83
CA ILE C 379 -45.77 -26.90 -3.30
C ILE C 379 -44.97 -27.90 -2.45
N VAL C 380 -45.25 -27.92 -1.15
CA VAL C 380 -44.70 -28.92 -0.25
C VAL C 380 -45.85 -29.49 0.59
N PRO C 381 -45.68 -30.70 1.16
CA PRO C 381 -46.73 -31.21 2.05
C PRO C 381 -46.80 -30.38 3.33
N PHE D 18 -57.13 20.25 34.90
CA PHE D 18 -56.28 19.06 34.98
C PHE D 18 -57.05 17.76 34.75
N GLU D 19 -56.67 17.05 33.70
CA GLU D 19 -57.27 15.76 33.37
C GLU D 19 -56.65 14.62 34.19
N SER D 20 -55.33 14.66 34.32
CA SER D 20 -54.61 13.63 35.04
C SER D 20 -53.58 14.27 35.95
N VAL D 21 -53.19 13.55 37.00
CA VAL D 21 -52.24 14.04 37.98
C VAL D 21 -51.12 13.02 38.18
N ALA D 22 -49.91 13.40 37.77
CA ALA D 22 -48.76 12.49 37.81
C ALA D 22 -47.95 12.60 39.09
N LEU D 23 -47.49 11.45 39.57
CA LEU D 23 -46.49 11.40 40.63
C LEU D 23 -45.26 10.68 40.09
N ILE D 24 -44.18 11.43 39.84
CA ILE D 24 -42.92 10.88 39.36
C ILE D 24 -41.99 10.59 40.54
N ILE D 25 -41.63 9.32 40.71
CA ILE D 25 -40.65 8.95 41.72
C ILE D 25 -39.28 8.82 41.06
N GLY D 26 -38.39 9.79 41.33
CA GLY D 26 -37.10 9.89 40.66
C GLY D 26 -37.04 10.99 39.61
N VAL D 27 -37.54 12.17 39.96
CA VAL D 27 -37.82 13.18 38.95
C VAL D 27 -36.56 13.88 38.41
N THR D 28 -35.44 13.73 39.11
CA THR D 28 -34.18 14.26 38.58
C THR D 28 -33.38 13.20 37.85
N GLY D 29 -33.94 12.00 37.75
CA GLY D 29 -33.27 10.91 37.08
C GLY D 29 -33.31 11.04 35.55
N ILE D 30 -32.66 10.11 34.87
CA ILE D 30 -32.48 10.21 33.43
C ILE D 30 -33.81 10.05 32.69
N VAL D 31 -34.75 9.26 33.24
CA VAL D 31 -36.09 9.26 32.67
C VAL D 31 -37.01 10.23 33.40
N GLY D 32 -36.87 10.34 34.72
CA GLY D 32 -37.66 11.28 35.47
C GLY D 32 -37.63 12.70 34.88
N ASN D 33 -36.45 13.14 34.46
CA ASN D 33 -36.30 14.48 33.94
C ASN D 33 -37.05 14.65 32.62
N SER D 34 -37.09 13.59 31.81
CA SER D 34 -37.85 13.61 30.56
C SER D 34 -39.35 13.68 30.84
N LEU D 35 -39.82 12.85 31.78
CA LEU D 35 -41.24 12.84 32.15
C LEU D 35 -41.69 14.20 32.66
N ALA D 36 -40.85 14.81 33.48
CA ALA D 36 -41.16 16.12 34.04
C ALA D 36 -41.29 17.18 32.96
N GLU D 37 -40.47 17.09 31.93
CA GLU D 37 -40.51 18.07 30.85
C GLU D 37 -41.69 17.82 29.91
N ILE D 38 -41.98 16.55 29.67
CA ILE D 38 -42.97 16.17 28.65
C ILE D 38 -44.42 16.15 29.15
N LEU D 39 -44.66 15.64 30.35
CA LEU D 39 -46.03 15.55 30.85
C LEU D 39 -46.82 16.88 30.82
N PRO D 40 -46.20 18.02 31.18
CA PRO D 40 -47.00 19.26 31.19
C PRO D 40 -47.27 19.91 29.83
N LEU D 41 -46.71 19.38 28.75
CA LEU D 41 -46.91 19.97 27.43
C LEU D 41 -48.39 19.89 27.03
N SER D 42 -48.85 20.87 26.25
CA SER D 42 -50.26 20.97 25.92
C SER D 42 -50.77 19.79 25.07
N ASP D 43 -49.92 19.22 24.25
CA ASP D 43 -50.38 18.15 23.36
C ASP D 43 -50.18 16.74 23.94
N THR D 44 -49.71 16.66 25.18
CA THR D 44 -49.39 15.35 25.75
C THR D 44 -50.66 14.57 26.04
N PRO D 45 -50.73 13.31 25.58
CA PRO D 45 -51.90 12.47 25.85
C PRO D 45 -52.23 12.41 27.34
N GLY D 46 -53.52 12.44 27.66
CA GLY D 46 -53.98 12.40 29.04
C GLY D 46 -53.96 13.78 29.68
N GLY D 47 -53.51 14.77 28.92
CA GLY D 47 -53.42 16.14 29.42
C GLY D 47 -54.76 16.85 29.52
N PRO D 48 -54.78 18.02 30.21
CA PRO D 48 -53.60 18.63 30.82
C PRO D 48 -53.18 17.95 32.12
N TRP D 49 -51.87 17.76 32.28
CA TRP D 49 -51.32 17.08 33.44
C TRP D 49 -50.90 18.06 34.54
N VAL D 51 -48.35 17.76 37.72
CA VAL D 51 -47.21 16.86 37.96
C VAL D 51 -46.53 17.09 39.31
N TYR D 52 -46.43 16.03 40.12
CA TYR D 52 -45.60 16.02 41.30
C TYR D 52 -44.31 15.27 40.98
N GLY D 53 -43.18 15.77 41.46
CA GLY D 53 -41.91 15.11 41.25
C GLY D 53 -41.16 14.90 42.54
N VAL D 54 -40.67 13.68 42.76
CA VAL D 54 -40.01 13.30 44.01
C VAL D 54 -38.55 12.91 43.81
N ALA D 55 -37.68 13.38 44.71
CA ALA D 55 -36.28 12.97 44.79
C ALA D 55 -35.77 13.40 46.17
N ARG D 56 -34.60 12.93 46.57
CA ARG D 56 -34.09 13.28 47.90
C ARG D 56 -33.43 14.66 47.90
N ARG D 57 -32.60 14.93 46.90
CA ARG D 57 -31.79 16.15 46.91
C ARG D 57 -32.63 17.38 46.58
N PRO D 58 -32.17 18.56 47.02
CA PRO D 58 -32.84 19.79 46.61
C PRO D 58 -32.82 19.93 45.10
N ARG D 59 -33.85 20.53 44.53
CA ARG D 59 -33.99 20.61 43.08
C ARG D 59 -32.78 21.28 42.42
N PRO D 60 -32.09 20.56 41.52
CA PRO D 60 -30.94 21.12 40.82
C PRO D 60 -31.38 22.07 39.71
N THR D 61 -30.53 23.04 39.39
CA THR D 61 -30.92 24.10 38.47
C THR D 61 -31.27 23.55 37.09
N TRP D 62 -30.62 22.47 36.69
CA TRP D 62 -30.87 21.92 35.35
C TRP D 62 -32.21 21.19 35.26
N ASN D 63 -32.87 20.99 36.39
CA ASN D 63 -34.20 20.38 36.49
C ASN D 63 -35.29 21.45 36.66
N ALA D 64 -34.85 22.70 36.87
CA ALA D 64 -35.74 23.75 37.39
C ALA D 64 -36.81 24.28 36.44
N ASP D 65 -36.60 24.15 35.14
CA ASP D 65 -37.54 24.70 34.15
C ASP D 65 -38.94 24.09 34.19
N HIS D 66 -39.03 22.80 34.52
CA HIS D 66 -40.31 22.08 34.44
C HIS D 66 -41.36 22.61 35.39
N PRO D 67 -42.58 22.82 34.89
CA PRO D 67 -43.66 23.31 35.75
C PRO D 67 -44.26 22.17 36.56
N ILE D 68 -43.55 21.76 37.60
CA ILE D 68 -43.97 20.65 38.44
C ILE D 68 -43.90 21.07 39.92
N ASP D 69 -44.55 20.29 40.76
CA ASP D 69 -44.45 20.46 42.20
C ASP D 69 -43.38 19.50 42.70
N TYR D 70 -42.20 20.02 43.02
CA TYR D 70 -41.04 19.21 43.43
C TYR D 70 -41.09 18.94 44.92
N ILE D 71 -41.07 17.66 45.28
CA ILE D 71 -41.17 17.27 46.68
C ILE D 71 -39.97 16.44 47.11
N GLN D 72 -39.26 16.92 48.12
CA GLN D 72 -38.18 16.15 48.72
C GLN D 72 -38.71 15.05 49.62
N CYS D 73 -38.36 13.81 49.30
CA CYS D 73 -38.84 12.64 50.02
C CYS D 73 -37.90 11.46 49.75
N ASP D 74 -37.53 10.76 50.81
CA ASP D 74 -36.73 9.54 50.71
C ASP D 74 -37.67 8.34 50.74
N VAL D 75 -37.89 7.70 49.58
CA VAL D 75 -38.91 6.65 49.52
C VAL D 75 -38.43 5.32 50.13
N SER D 76 -37.20 5.28 50.61
CA SER D 76 -36.75 4.13 51.38
C SER D 76 -37.25 4.24 52.83
N ASP D 77 -37.80 5.40 53.18
CA ASP D 77 -38.26 5.68 54.54
C ASP D 77 -39.78 5.72 54.59
N ALA D 78 -40.37 4.65 55.11
CA ALA D 78 -41.83 4.50 55.11
C ALA D 78 -42.53 5.66 55.80
N GLU D 79 -41.99 6.09 56.94
CA GLU D 79 -42.52 7.26 57.62
C GLU D 79 -42.49 8.50 56.72
N ASP D 80 -41.37 8.70 56.04
CA ASP D 80 -41.22 9.85 55.15
C ASP D 80 -42.22 9.80 54.00
N THR D 81 -42.43 8.61 53.43
CA THR D 81 -43.37 8.46 52.32
C THR D 81 -44.79 8.69 52.80
N ARG D 82 -45.12 8.21 53.99
CA ARG D 82 -46.44 8.47 54.52
C ARG D 82 -46.64 9.96 54.77
N SER D 83 -45.61 10.61 55.31
CA SER D 83 -45.70 12.03 55.59
C SER D 83 -45.81 12.89 54.33
N LEU D 85 -46.09 11.72 50.79
CA LEU D 85 -46.83 11.25 49.61
C LEU D 85 -48.30 11.04 49.91
N SER D 86 -48.62 10.48 51.07
CA SER D 86 -50.03 10.24 51.40
C SER D 86 -50.91 11.49 51.29
N PRO D 87 -50.37 12.69 51.56
CA PRO D 87 -51.25 13.85 51.32
C PRO D 87 -51.54 14.19 49.84
N LEU D 88 -50.91 13.50 48.91
CA LEU D 88 -51.11 13.82 47.50
C LEU D 88 -52.36 13.13 46.96
N THR D 89 -53.52 13.49 47.50
CA THR D 89 -54.72 12.71 47.31
C THR D 89 -55.34 12.82 45.92
N ASP D 90 -54.84 13.70 45.07
CA ASP D 90 -55.39 13.84 43.73
C ASP D 90 -54.61 13.06 42.66
N VAL D 91 -53.58 12.34 43.06
CA VAL D 91 -52.76 11.58 42.12
C VAL D 91 -53.59 10.55 41.34
N THR D 92 -53.44 10.54 40.02
CA THR D 92 -54.11 9.57 39.17
C THR D 92 -53.15 8.54 38.57
N HIS D 93 -51.88 8.94 38.41
CA HIS D 93 -50.87 8.08 37.80
C HIS D 93 -49.55 8.18 38.52
N VAL D 94 -48.92 7.03 38.74
CA VAL D 94 -47.58 6.96 39.30
C VAL D 94 -46.59 6.48 38.24
N PHE D 95 -45.47 7.19 38.14
CA PHE D 95 -44.37 6.80 37.27
C PHE D 95 -43.15 6.54 38.13
N TYR D 96 -42.83 5.27 38.32
CA TYR D 96 -41.76 4.89 39.24
C TYR D 96 -40.48 4.69 38.45
N VAL D 97 -39.52 5.59 38.63
CA VAL D 97 -38.30 5.58 37.83
C VAL D 97 -37.08 5.86 38.68
N THR D 98 -36.83 4.97 39.64
CA THR D 98 -35.69 5.13 40.52
C THR D 98 -35.13 3.77 40.94
N TRP D 99 -33.90 3.77 41.44
CA TRP D 99 -33.37 2.60 42.14
C TRP D 99 -32.23 2.98 43.05
N THR D 100 -31.78 2.00 43.83
CA THR D 100 -30.67 2.17 44.74
C THR D 100 -29.68 1.05 44.49
N ASN D 101 -28.42 1.41 44.35
CA ASN D 101 -27.39 0.48 43.96
C ASN D 101 -26.68 -0.10 45.18
N ARG D 102 -27.05 -1.32 45.59
CA ARG D 102 -26.42 -1.93 46.76
C ARG D 102 -25.38 -3.00 46.38
N GLU D 103 -24.62 -3.45 47.38
CA GLU D 103 -23.45 -4.29 47.14
C GLU D 103 -23.74 -5.77 46.89
N SER D 104 -24.95 -6.23 47.20
CA SER D 104 -25.29 -7.61 46.90
C SER D 104 -26.70 -7.63 46.32
N GLU D 105 -27.04 -8.64 45.53
CA GLU D 105 -28.37 -8.65 44.94
C GLU D 105 -29.45 -8.84 45.99
N SER D 106 -29.17 -9.61 47.04
CA SER D 106 -30.20 -9.82 48.06
C SER D 106 -30.53 -8.48 48.74
N GLU D 107 -29.52 -7.64 48.94
CA GLU D 107 -29.78 -6.31 49.49
C GLU D 107 -30.47 -5.42 48.46
N ASN D 108 -30.09 -5.56 47.18
CA ASN D 108 -30.82 -4.87 46.12
C ASN D 108 -32.30 -5.21 46.13
N CYS D 109 -32.61 -6.49 46.34
CA CYS D 109 -34.00 -6.95 46.38
C CYS D 109 -34.77 -6.36 47.55
N GLU D 110 -34.17 -6.39 48.74
CA GLU D 110 -34.83 -5.81 49.90
C GLU D 110 -35.03 -4.30 49.72
N ALA D 111 -33.96 -3.59 49.34
CA ALA D 111 -33.98 -2.14 49.34
C ALA D 111 -34.86 -1.57 48.23
N ASN D 112 -34.73 -2.10 47.02
CA ASN D 112 -35.55 -1.62 45.92
C ASN D 112 -37.01 -2.09 46.03
N GLY D 113 -37.20 -3.29 46.54
CA GLY D 113 -38.55 -3.78 46.80
C GLY D 113 -39.25 -2.86 47.77
N SER D 114 -38.55 -2.48 48.84
CA SER D 114 -39.15 -1.66 49.88
C SER D 114 -39.46 -0.24 49.41
N MET D 115 -38.60 0.34 48.58
CA MET D 115 -38.85 1.66 48.01
C MET D 115 -40.16 1.66 47.23
N LEU D 116 -40.31 0.69 46.34
CA LEU D 116 -41.54 0.56 45.57
C LEU D 116 -42.74 0.31 46.47
N ARG D 117 -42.58 -0.58 47.44
CA ARG D 117 -43.67 -0.93 48.35
C ARG D 117 -44.11 0.29 49.16
N ASN D 118 -43.14 1.07 49.66
CA ASN D 118 -43.46 2.25 50.44
C ASN D 118 -44.26 3.26 49.63
N VAL D 119 -43.89 3.44 48.36
CA VAL D 119 -44.61 4.38 47.51
C VAL D 119 -46.04 3.91 47.33
N LEU D 120 -46.17 2.66 46.91
CA LEU D 120 -47.51 2.10 46.68
C LEU D 120 -48.38 2.16 47.93
N GLN D 121 -47.81 1.80 49.07
CA GLN D 121 -48.60 1.73 50.29
C GLN D 121 -48.94 3.13 50.82
N ALA D 122 -48.18 4.14 50.43
CA ALA D 122 -48.48 5.52 50.82
C ALA D 122 -49.55 6.15 49.93
N ILE D 123 -49.64 5.72 48.68
CA ILE D 123 -50.55 6.36 47.74
C ILE D 123 -51.89 5.63 47.56
N ILE D 124 -51.83 4.31 47.43
CA ILE D 124 -53.03 3.54 47.11
C ILE D 124 -54.22 3.78 48.06
N PRO D 125 -53.99 3.78 49.38
CA PRO D 125 -55.14 4.03 50.28
C PRO D 125 -55.64 5.48 50.30
N TYR D 126 -54.85 6.44 49.83
CA TYR D 126 -55.19 7.84 50.04
C TYR D 126 -55.48 8.62 48.77
N ALA D 127 -55.34 7.97 47.62
CA ALA D 127 -55.59 8.62 46.34
C ALA D 127 -56.75 7.92 45.65
N PRO D 128 -57.99 8.37 45.94
CA PRO D 128 -59.18 7.66 45.47
C PRO D 128 -59.33 7.60 43.95
N ASN D 129 -58.67 8.50 43.23
CA ASN D 129 -58.77 8.49 41.78
C ASN D 129 -57.52 7.91 41.09
N LEU D 130 -56.67 7.24 41.86
CA LEU D 130 -55.51 6.55 41.29
C LEU D 130 -55.99 5.56 40.23
N ARG D 131 -55.36 5.61 39.06
CA ARG D 131 -55.78 4.75 37.96
C ARG D 131 -54.70 3.79 37.46
N HIS D 132 -53.44 4.19 37.57
CA HIS D 132 -52.39 3.41 36.89
C HIS D 132 -51.01 3.64 37.49
N VAL D 133 -50.19 2.60 37.47
CA VAL D 133 -48.80 2.68 37.93
C VAL D 133 -47.87 2.16 36.84
N CYS D 134 -46.94 3.01 36.43
CA CYS D 134 -45.85 2.59 35.56
C CYS D 134 -44.64 2.23 36.39
N LEU D 135 -44.10 1.04 36.14
CA LEU D 135 -42.85 0.60 36.78
C LEU D 135 -41.76 0.43 35.74
N GLN D 136 -40.66 1.15 35.90
CA GLN D 136 -39.54 1.02 34.99
C GLN D 136 -38.52 0.04 35.55
N THR D 137 -38.18 -0.98 34.76
CA THR D 137 -37.08 -1.85 35.12
C THR D 137 -36.08 -1.75 33.97
N GLY D 138 -35.80 -2.85 33.30
CA GLY D 138 -34.85 -2.83 32.19
C GLY D 138 -34.45 -4.18 31.65
N THR D 139 -33.54 -4.15 30.68
CA THR D 139 -33.00 -5.31 29.99
C THR D 139 -32.39 -6.36 30.92
N HIS D 141 -33.75 -7.70 33.21
CA HIS D 141 -34.79 -8.71 33.37
C HIS D 141 -34.39 -10.00 32.67
N TYR D 142 -33.76 -9.87 31.50
CA TYR D 142 -33.42 -11.00 30.64
C TYR D 142 -32.01 -11.56 30.87
N LEU D 143 -31.18 -10.78 31.55
CA LEU D 143 -29.76 -11.12 31.70
C LEU D 143 -29.37 -11.45 33.12
N GLY D 144 -30.18 -11.01 34.06
CA GLY D 144 -29.81 -11.07 35.47
C GLY D 144 -28.95 -9.88 35.84
N PRO D 145 -28.52 -9.81 37.10
CA PRO D 145 -27.63 -8.72 37.52
C PRO D 145 -26.30 -8.77 36.78
N PHE D 146 -25.58 -7.65 36.74
CA PHE D 146 -24.30 -7.59 36.05
C PHE D 146 -23.32 -8.68 36.52
N THR D 147 -23.44 -9.10 37.78
CA THR D 147 -22.58 -10.15 38.31
C THR D 147 -22.89 -11.55 37.75
N ASN D 148 -24.04 -11.70 37.11
CA ASN D 148 -24.40 -13.00 36.55
C ASN D 148 -23.62 -13.31 35.28
N VAL D 149 -22.38 -13.72 35.43
CA VAL D 149 -21.50 -13.89 34.28
C VAL D 149 -21.54 -15.32 33.73
N ASP D 150 -21.83 -16.29 34.58
CA ASP D 150 -21.79 -17.69 34.17
C ASP D 150 -23.14 -18.39 34.24
N GLY D 151 -24.03 -17.88 35.09
CA GLY D 151 -25.37 -18.44 35.19
C GLY D 151 -26.17 -18.32 33.90
N PRO D 152 -27.38 -18.89 33.89
CA PRO D 152 -28.23 -18.92 32.68
C PRO D 152 -28.62 -17.54 32.18
N ARG D 153 -28.86 -17.45 30.88
CA ARG D 153 -29.25 -16.20 30.24
C ARG D 153 -30.04 -16.49 28.97
N HIS D 154 -30.93 -15.59 28.61
CA HIS D 154 -31.73 -15.74 27.40
C HIS D 154 -30.91 -15.37 26.17
N ASP D 155 -31.36 -15.83 25.00
CA ASP D 155 -30.71 -15.48 23.75
C ASP D 155 -31.42 -14.31 23.08
N PRO D 156 -30.68 -13.23 22.78
CA PRO D 156 -31.24 -12.07 22.06
C PRO D 156 -31.78 -12.46 20.69
N PRO D 157 -32.77 -11.71 20.17
CA PRO D 157 -33.41 -10.52 20.76
C PRO D 157 -34.43 -10.87 21.84
N PHE D 158 -34.36 -10.18 22.97
CA PHE D 158 -35.22 -10.52 24.11
C PHE D 158 -36.67 -10.13 23.85
N THR D 159 -37.58 -11.02 24.23
CA THR D 159 -39.01 -10.73 24.14
C THR D 159 -39.65 -10.81 25.51
N GLU D 160 -40.74 -10.08 25.68
CA GLU D 160 -41.35 -9.90 26.99
C GLU D 160 -41.89 -11.20 27.59
N ASP D 161 -42.26 -12.15 26.74
CA ASP D 161 -42.81 -13.42 27.20
C ASP D 161 -41.75 -14.45 27.60
N MET D 162 -40.47 -14.09 27.47
CA MET D 162 -39.41 -14.97 27.95
C MET D 162 -39.59 -15.17 29.45
N PRO D 163 -39.47 -16.42 29.92
CA PRO D 163 -39.70 -16.65 31.35
C PRO D 163 -38.57 -16.08 32.22
N ARG D 164 -38.88 -15.76 33.47
CA ARG D 164 -37.85 -15.31 34.41
C ARG D 164 -36.71 -16.31 34.55
N LEU D 165 -35.49 -15.81 34.57
CA LEU D 165 -34.32 -16.61 34.88
C LEU D 165 -34.44 -17.10 36.31
N GLN D 166 -33.93 -18.29 36.59
CA GLN D 166 -33.93 -18.77 37.96
C GLN D 166 -32.68 -18.26 38.65
N ILE D 167 -32.55 -16.93 38.67
CA ILE D 167 -31.48 -16.28 39.40
C ILE D 167 -32.06 -15.02 40.01
N GLN D 168 -31.56 -14.70 41.20
CA GLN D 168 -32.07 -13.59 41.97
C GLN D 168 -31.98 -12.28 41.18
N ASN D 169 -33.00 -11.45 41.28
CA ASN D 169 -33.07 -10.23 40.46
C ASN D 169 -34.08 -9.25 41.04
N PHE D 170 -33.65 -8.05 41.44
CA PHE D 170 -34.59 -7.18 42.17
C PHE D 170 -35.74 -6.71 41.29
N TYR D 171 -35.60 -6.82 39.97
CA TYR D 171 -36.70 -6.52 39.06
C TYR D 171 -37.87 -7.48 39.32
N TYR D 172 -37.56 -8.75 39.58
CA TYR D 172 -38.60 -9.75 39.84
C TYR D 172 -39.30 -9.46 41.17
N THR D 173 -38.49 -9.15 42.18
CA THR D 173 -38.99 -8.73 43.48
C THR D 173 -39.97 -7.57 43.33
N GLN D 174 -39.58 -6.57 42.55
CA GLN D 174 -40.42 -5.39 42.36
C GLN D 174 -41.72 -5.69 41.64
N GLU D 175 -41.64 -6.48 40.56
CA GLU D 175 -42.86 -6.88 39.85
C GLU D 175 -43.82 -7.57 40.80
N ASP D 176 -43.31 -8.49 41.60
CA ASP D 176 -44.18 -9.26 42.51
C ASP D 176 -44.91 -8.34 43.47
N ILE D 177 -44.18 -7.36 44.00
CA ILE D 177 -44.74 -6.36 44.90
C ILE D 177 -45.75 -5.49 44.17
N LEU D 178 -45.41 -5.09 42.95
CA LEU D 178 -46.34 -4.32 42.12
C LEU D 178 -47.66 -5.07 41.98
N PHE D 179 -47.57 -6.34 41.58
CA PHE D 179 -48.77 -7.15 41.32
C PHE D 179 -49.60 -7.34 42.59
N GLU D 180 -48.92 -7.58 43.70
CA GLU D 180 -49.59 -7.85 44.97
C GLU D 180 -50.32 -6.62 45.49
N GLU D 181 -49.65 -5.47 45.46
CA GLU D 181 -50.28 -4.26 45.96
C GLU D 181 -51.45 -3.83 45.09
N ILE D 182 -51.29 -3.94 43.77
CA ILE D 182 -52.32 -3.45 42.86
C ILE D 182 -53.50 -4.42 42.77
N LYS D 183 -53.25 -5.70 43.07
CA LYS D 183 -54.32 -6.69 43.12
C LYS D 183 -55.39 -6.31 44.15
N ILE D 185 -56.69 -3.53 44.78
CA ILE D 185 -57.54 -2.42 44.37
C ILE D 185 -57.97 -2.55 42.90
N GLU D 186 -59.25 -2.80 42.71
CA GLU D 186 -59.78 -3.19 41.40
C GLU D 186 -59.81 -2.05 40.40
N THR D 187 -59.55 -0.82 40.83
CA THR D 187 -59.64 0.33 39.94
C THR D 187 -58.28 0.75 39.35
N VAL D 188 -57.22 0.02 39.71
CA VAL D 188 -55.88 0.38 39.26
C VAL D 188 -55.24 -0.68 38.36
N THR D 189 -54.65 -0.21 37.26
CA THR D 189 -53.88 -1.05 36.37
C THR D 189 -52.38 -0.74 36.48
N TRP D 190 -51.57 -1.57 35.83
CA TRP D 190 -50.13 -1.35 35.85
C TRP D 190 -49.54 -1.57 34.48
N SER D 191 -48.31 -1.10 34.30
CA SER D 191 -47.53 -1.42 33.12
C SER D 191 -46.06 -1.44 33.52
N ILE D 192 -45.30 -2.31 32.88
CA ILE D 192 -43.88 -2.45 33.16
C ILE D 192 -43.10 -2.05 31.90
N HIS D 193 -42.03 -1.29 32.08
CA HIS D 193 -41.24 -0.82 30.96
C HIS D 193 -39.77 -1.18 31.16
N ARG D 194 -39.19 -1.81 30.13
CA ARG D 194 -37.85 -2.38 30.24
C ARG D 194 -36.90 -1.78 29.21
N PRO D 195 -36.38 -0.59 29.50
CA PRO D 195 -35.42 0.05 28.61
C PRO D 195 -34.06 -0.66 28.57
N ASN D 196 -33.36 -0.51 27.47
CA ASN D 196 -31.95 -0.90 27.35
C ASN D 196 -31.11 0.27 27.87
N MET D 197 -29.83 0.35 27.52
CA MET D 197 -29.02 1.50 27.93
C MET D 197 -29.72 2.80 27.53
N ILE D 198 -29.83 3.74 28.48
CA ILE D 198 -30.64 4.92 28.24
C ILE D 198 -29.79 6.10 27.74
N PHE D 199 -30.19 6.67 26.62
CA PHE D 199 -29.67 7.96 26.14
C PHE D 199 -30.55 9.07 26.72
N GLY D 200 -30.02 9.88 27.63
CA GLY D 200 -30.84 10.94 28.19
C GLY D 200 -30.04 11.97 28.95
N PHE D 201 -30.72 12.95 29.54
CA PHE D 201 -30.02 13.99 30.28
C PHE D 201 -30.37 13.95 31.77
N SER D 202 -29.38 13.62 32.58
CA SER D 202 -29.46 13.75 34.04
C SER D 202 -28.07 13.54 34.63
N PRO D 203 -27.43 14.65 35.03
CA PRO D 203 -26.11 14.58 35.65
C PRO D 203 -26.14 13.68 36.88
N TYR D 204 -27.29 13.58 37.54
CA TYR D 204 -27.42 12.80 38.77
C TYR D 204 -27.55 11.27 38.55
N SER D 205 -27.87 10.87 37.32
CA SER D 205 -28.17 9.47 37.03
C SER D 205 -27.01 8.53 37.40
N LEU D 206 -27.36 7.36 37.95
CA LEU D 206 -26.36 6.40 38.35
C LEU D 206 -25.77 5.65 37.16
N MET D 207 -26.49 5.63 36.04
CA MET D 207 -26.06 4.92 34.84
C MET D 207 -26.37 5.79 33.63
N ASN D 208 -25.32 6.29 32.97
CA ASN D 208 -25.48 7.38 32.04
C ASN D 208 -24.41 7.37 30.96
N ILE D 209 -24.67 6.61 29.90
CA ILE D 209 -23.66 6.38 28.89
C ILE D 209 -23.35 7.68 28.11
N VAL D 210 -24.37 8.50 27.84
CA VAL D 210 -24.10 9.71 27.04
C VAL D 210 -23.38 10.77 27.89
N GLY D 211 -23.90 11.03 29.09
CA GLY D 211 -23.27 11.97 30.00
C GLY D 211 -21.80 11.65 30.26
N THR D 212 -21.53 10.38 30.51
CA THR D 212 -20.17 9.94 30.83
C THR D 212 -19.23 9.99 29.62
N LEU D 213 -19.71 9.57 28.46
CA LEU D 213 -18.90 9.67 27.25
C LEU D 213 -18.64 11.15 26.90
N CYS D 214 -19.60 12.02 27.23
CA CYS D 214 -19.43 13.45 27.02
C CYS D 214 -18.31 14.01 27.90
N VAL D 215 -18.23 13.52 29.14
CA VAL D 215 -17.18 13.96 30.05
C VAL D 215 -15.84 13.46 29.51
N TYR D 216 -15.79 12.19 29.12
CA TYR D 216 -14.57 11.63 28.55
C TYR D 216 -14.12 12.37 27.30
N ALA D 217 -15.05 12.67 26.40
CA ALA D 217 -14.70 13.35 25.16
C ALA D 217 -14.22 14.77 25.44
N ALA D 218 -14.89 15.42 26.39
CA ALA D 218 -14.55 16.79 26.74
C ALA D 218 -13.11 16.86 27.25
N ILE D 219 -12.75 15.91 28.09
CA ILE D 219 -11.39 15.84 28.64
C ILE D 219 -10.36 15.59 27.54
N CYS D 220 -10.63 14.64 26.65
CA CYS D 220 -9.72 14.37 25.53
C CYS D 220 -9.53 15.61 24.68
N HIS D 222 -10.00 18.87 25.59
CA HIS D 222 -9.22 19.82 26.37
C HIS D 222 -7.73 19.46 26.41
N GLU D 223 -7.43 18.17 26.61
CA GLU D 223 -6.06 17.69 26.66
C GLU D 223 -5.38 17.73 25.30
N GLY D 224 -6.19 17.72 24.23
CA GLY D 224 -5.69 17.62 22.88
C GLY D 224 -5.26 16.20 22.55
N SER D 225 -5.76 15.23 23.31
CA SER D 225 -5.38 13.82 23.14
C SER D 225 -6.42 13.07 22.30
N PRO D 226 -6.06 11.87 21.79
CA PRO D 226 -6.99 11.19 20.89
C PRO D 226 -8.22 10.62 21.62
N LEU D 227 -9.35 10.54 20.92
CA LEU D 227 -10.53 9.90 21.50
C LEU D 227 -10.42 8.39 21.30
N LEU D 228 -9.76 7.73 22.24
CA LEU D 228 -9.52 6.30 22.16
C LEU D 228 -10.65 5.51 22.80
N PHE D 229 -11.12 4.49 22.09
CA PHE D 229 -12.17 3.62 22.62
C PHE D 229 -11.65 2.87 23.84
N PRO D 230 -12.40 2.94 24.96
CA PRO D 230 -11.96 2.29 26.20
C PRO D 230 -12.31 0.81 26.30
N GLY D 231 -13.29 0.36 25.52
CA GLY D 231 -13.86 -0.96 25.69
C GLY D 231 -13.36 -2.04 24.75
N SER D 232 -14.09 -3.15 24.68
CA SER D 232 -13.60 -4.32 23.95
C SER D 232 -13.79 -4.19 22.45
N LYS D 234 -14.97 -6.55 20.58
CA LYS D 234 -16.29 -7.12 20.32
C LYS D 234 -17.40 -6.08 20.48
N ALA D 235 -17.25 -5.17 21.43
CA ALA D 235 -18.24 -4.09 21.60
C ALA D 235 -18.11 -3.07 20.48
N TRP D 236 -16.88 -2.84 20.02
CA TRP D 236 -16.59 -1.90 18.94
C TRP D 236 -17.25 -2.35 17.62
N GLU D 237 -17.15 -3.65 17.35
CA GLU D 237 -17.62 -4.22 16.09
C GLU D 237 -19.06 -4.74 16.17
N GLY D 238 -19.56 -4.91 17.39
CA GLY D 238 -20.85 -5.56 17.60
C GLY D 238 -22.07 -4.67 17.41
N PHE D 239 -23.25 -5.27 17.37
CA PHE D 239 -24.49 -4.51 17.30
C PHE D 239 -25.06 -4.28 18.68
N MET D 240 -25.61 -3.09 18.87
CA MET D 240 -26.29 -2.76 20.11
C MET D 240 -27.52 -1.90 19.83
N THR D 241 -28.33 -1.68 20.85
CA THR D 241 -29.40 -0.71 20.74
C THR D 241 -29.48 0.14 22.01
N ALA D 242 -30.26 1.22 21.96
CA ALA D 242 -30.36 2.10 23.11
C ALA D 242 -31.77 2.58 23.30
N SER D 243 -32.01 3.21 24.44
CA SER D 243 -33.35 3.67 24.77
C SER D 243 -33.33 5.16 25.07
N ASP D 244 -33.81 5.95 24.11
CA ASP D 244 -33.98 7.38 24.26
C ASP D 244 -34.93 7.70 25.43
N ALA D 245 -34.49 8.56 26.34
CA ALA D 245 -35.26 8.87 27.56
C ALA D 245 -36.62 9.49 27.26
N ASP D 246 -36.69 10.33 26.23
CA ASP D 246 -37.96 10.91 25.81
C ASP D 246 -38.86 9.82 25.25
N LEU D 247 -38.28 8.90 24.48
CA LEU D 247 -39.06 7.78 23.94
C LEU D 247 -39.61 6.92 25.10
N ILE D 248 -38.79 6.66 26.10
CA ILE D 248 -39.26 5.93 27.28
C ILE D 248 -40.43 6.66 27.96
N ALA D 249 -40.29 7.96 28.13
CA ALA D 249 -41.37 8.76 28.70
C ALA D 249 -42.62 8.62 27.83
N GLU D 250 -42.46 8.72 26.51
CA GLU D 250 -43.60 8.57 25.60
C GLU D 250 -44.30 7.22 25.76
N GLN D 251 -43.53 6.16 25.95
CA GLN D 251 -44.15 4.84 26.09
C GLN D 251 -44.90 4.72 27.40
N GLN D 252 -44.34 5.30 28.47
CA GLN D 252 -44.99 5.25 29.76
C GLN D 252 -46.29 6.03 29.72
N ILE D 253 -46.29 7.17 29.04
CA ILE D 253 -47.50 7.97 28.90
C ILE D 253 -48.55 7.22 28.07
N TRP D 254 -48.11 6.62 26.98
CA TRP D 254 -48.97 5.79 26.16
C TRP D 254 -49.64 4.71 27.02
N ALA D 255 -48.83 3.97 27.78
CA ALA D 255 -49.37 2.89 28.59
C ALA D 255 -50.32 3.44 29.66
N ALA D 256 -50.04 4.65 30.13
CA ALA D 256 -50.85 5.29 31.16
C ALA D 256 -52.25 5.65 30.67
N VAL D 257 -52.42 5.83 29.38
CA VAL D 257 -53.72 6.26 28.85
C VAL D 257 -54.36 5.27 27.88
N ASP D 258 -53.59 4.35 27.35
CA ASP D 258 -54.12 3.49 26.28
C ASP D 258 -54.82 2.24 26.79
N PRO D 259 -56.03 1.98 26.30
CA PRO D 259 -56.79 0.84 26.83
C PRO D 259 -56.19 -0.51 26.45
N TYR D 260 -55.36 -0.58 25.41
CA TYR D 260 -54.80 -1.86 25.01
C TYR D 260 -53.53 -2.23 25.78
N ALA D 261 -52.91 -1.26 26.45
CA ALA D 261 -51.62 -1.49 27.07
C ALA D 261 -51.69 -1.96 28.52
N LYS D 262 -52.88 -2.02 29.10
CA LYS D 262 -53.01 -2.29 30.54
C LYS D 262 -52.52 -3.67 30.97
N ASN D 263 -51.84 -3.69 32.12
CA ASN D 263 -51.37 -4.92 32.74
C ASN D 263 -50.46 -5.75 31.81
N GLU D 264 -49.49 -5.06 31.20
CA GLU D 264 -48.52 -5.68 30.32
C GLU D 264 -47.13 -5.10 30.55
N ALA D 265 -46.11 -5.91 30.28
CA ALA D 265 -44.73 -5.46 30.22
C ALA D 265 -44.30 -5.23 28.78
N PHE D 266 -43.53 -4.17 28.57
CA PHE D 266 -43.03 -3.81 27.26
C PHE D 266 -41.54 -3.50 27.31
N ASN D 267 -40.81 -4.00 26.32
CA ASN D 267 -39.49 -3.43 26.06
C ASN D 267 -39.67 -2.02 25.53
N CYS D 268 -38.60 -1.25 25.55
CA CYS D 268 -38.66 0.10 25.00
C CYS D 268 -37.28 0.56 24.60
N ASN D 269 -36.89 0.26 23.37
CA ASN D 269 -35.67 0.83 22.82
C ASN D 269 -35.98 1.56 21.49
N ASN D 270 -34.96 2.21 20.92
CA ASN D 270 -35.15 3.12 19.78
C ASN D 270 -35.65 2.44 18.50
N ALA D 271 -35.53 1.12 18.46
CA ALA D 271 -36.02 0.23 17.40
C ALA D 271 -35.04 0.10 16.24
N ASP D 272 -33.88 0.72 16.36
CA ASP D 272 -32.84 0.51 15.36
C ASP D 272 -31.65 -0.12 16.07
N ILE D 273 -30.60 -0.39 15.31
CA ILE D 273 -29.37 -0.94 15.86
C ILE D 273 -28.18 -0.08 15.44
N PHE D 274 -27.11 -0.13 16.21
CA PHE D 274 -25.90 0.60 15.87
C PHE D 274 -24.69 -0.19 16.28
N TRP D 276 -20.84 0.62 18.08
CA TRP D 276 -20.09 1.68 18.75
C TRP D 276 -19.04 2.33 17.85
N HIS D 278 -19.43 3.23 14.93
CA HIS D 278 -20.13 4.28 14.21
C HIS D 278 -20.43 5.47 15.10
N LEU D 279 -20.93 5.20 16.30
CA LEU D 279 -21.28 6.30 17.20
C LEU D 279 -20.01 7.03 17.63
N TRP D 280 -18.89 6.34 17.65
CA TRP D 280 -17.62 6.91 18.11
C TRP D 280 -17.18 8.06 17.20
N ILE D 282 -19.17 9.89 15.42
CA ILE D 282 -20.11 10.96 15.73
C ILE D 282 -19.71 11.71 17.01
N LEU D 283 -19.35 10.96 18.05
CA LEU D 283 -18.91 11.56 19.30
C LEU D 283 -17.70 12.47 19.05
N ALA D 284 -16.70 11.94 18.37
CA ALA D 284 -15.52 12.71 17.99
C ALA D 284 -15.91 14.01 17.30
N GLU D 285 -16.79 13.88 16.31
CA GLU D 285 -17.19 15.01 15.49
C GLU D 285 -17.93 16.08 16.28
N GLN D 286 -18.76 15.65 17.23
CA GLN D 286 -19.53 16.62 18.02
C GLN D 286 -18.62 17.42 18.92
N PHE D 287 -17.51 16.82 19.33
CA PHE D 287 -16.56 17.49 20.21
C PHE D 287 -15.35 18.06 19.46
N GLY D 288 -15.42 18.03 18.13
CA GLY D 288 -14.35 18.55 17.31
C GLY D 288 -13.00 17.89 17.52
N ILE D 289 -13.00 16.58 17.77
CA ILE D 289 -11.77 15.83 17.95
C ILE D 289 -11.40 15.13 16.64
N GLU D 290 -10.24 15.45 16.07
CA GLU D 290 -9.91 14.89 14.77
C GLU D 290 -9.22 13.52 14.86
N GLU D 291 -8.61 13.22 16.00
CA GLU D 291 -7.95 11.93 16.16
C GLU D 291 -8.80 11.03 17.07
N TYR D 292 -9.35 9.97 16.49
CA TYR D 292 -10.24 9.07 17.22
C TYR D 292 -10.19 7.67 16.64
N GLY D 293 -10.48 6.68 17.47
CA GLY D 293 -10.59 5.32 16.97
C GLY D 293 -10.33 4.25 18.00
N PHE D 294 -10.16 3.03 17.52
CA PHE D 294 -9.86 1.88 18.36
C PHE D 294 -8.39 1.51 18.24
N GLU D 295 -7.71 1.39 19.37
CA GLU D 295 -6.34 0.90 19.37
C GLU D 295 -6.14 -0.13 20.48
N GLU D 296 -5.98 -1.40 20.09
CA GLU D 296 -5.71 -2.48 21.04
C GLU D 296 -4.61 -2.11 22.02
N GLY D 297 -4.79 -2.48 23.28
CA GLY D 297 -3.81 -2.17 24.31
C GLY D 297 -3.96 -0.79 24.89
N LYS D 298 -4.71 0.08 24.21
CA LYS D 298 -5.06 1.38 24.76
C LYS D 298 -6.46 1.36 25.38
N ASN D 299 -7.20 0.29 25.13
CA ASN D 299 -8.56 0.13 25.64
C ASN D 299 -8.57 -0.52 27.02
N LEU D 300 -8.25 0.29 28.03
CA LEU D 300 -8.10 -0.21 29.39
C LEU D 300 -9.30 0.09 30.29
N GLY D 301 -10.42 0.53 29.71
CA GLY D 301 -11.56 0.93 30.50
C GLY D 301 -11.39 2.33 31.08
N LEU D 302 -12.49 3.06 31.15
CA LEU D 302 -12.49 4.43 31.64
C LEU D 302 -12.11 4.55 33.11
N VAL D 303 -12.40 3.52 33.91
CA VAL D 303 -12.02 3.57 35.32
C VAL D 303 -10.53 3.75 35.44
N GLU D 304 -9.78 2.94 34.69
CA GLU D 304 -8.34 3.03 34.66
C GLU D 304 -7.86 4.26 33.90
N MET D 305 -8.44 4.53 32.74
CA MET D 305 -7.97 5.60 31.87
C MET D 305 -8.19 6.99 32.47
N MET D 306 -9.21 7.13 33.31
CA MET D 306 -9.52 8.44 33.87
C MET D 306 -9.00 8.61 35.29
N LYS D 307 -8.20 7.66 35.77
CA LYS D 307 -7.52 7.80 37.05
C LYS D 307 -6.61 9.01 37.05
N GLY D 308 -6.83 9.92 37.99
CA GLY D 308 -5.96 11.07 38.14
C GLY D 308 -6.28 12.21 37.19
N GLU D 310 -8.63 14.45 37.88
CA GLU D 310 -9.32 15.50 38.64
C GLU D 310 -8.74 16.87 38.35
N ARG D 311 -7.42 16.94 38.23
CA ARG D 311 -6.71 18.18 37.98
C ARG D 311 -7.19 18.83 36.68
N VAL D 312 -7.12 18.09 35.59
CA VAL D 312 -7.49 18.64 34.29
C VAL D 312 -8.98 18.98 34.25
N TRP D 313 -9.80 18.23 34.98
CA TRP D 313 -11.23 18.52 35.04
C TRP D 313 -11.46 19.86 35.73
N GLU D 314 -10.75 20.07 36.84
CA GLU D 314 -10.84 21.33 37.58
C GLU D 314 -10.50 22.50 36.69
N GLU D 315 -9.44 22.34 35.90
CA GLU D 315 -9.04 23.39 34.96
C GLU D 315 -10.17 23.65 33.96
N MET D 316 -10.72 22.57 33.40
CA MET D 316 -11.83 22.67 32.45
C MET D 316 -13.04 23.33 33.06
N VAL D 317 -13.35 22.98 34.31
CA VAL D 317 -14.51 23.56 34.99
C VAL D 317 -14.35 25.08 35.12
N LYS D 318 -13.17 25.54 35.54
CA LYS D 318 -12.93 26.97 35.70
C LYS D 318 -12.96 27.67 34.35
N GLU D 319 -12.26 27.10 33.37
CA GLU D 319 -12.11 27.72 32.06
C GLU D 319 -13.44 27.89 31.34
N ASN D 320 -14.35 26.94 31.51
CA ASN D 320 -15.60 26.96 30.75
C ASN D 320 -16.83 27.16 31.62
N GLN D 321 -16.59 27.48 32.89
CA GLN D 321 -17.65 27.69 33.86
C GLN D 321 -18.69 26.57 33.88
N LEU D 322 -18.22 25.35 34.08
CA LEU D 322 -19.10 24.18 34.11
C LEU D 322 -19.83 24.09 35.45
N GLN D 323 -21.02 23.50 35.42
CA GLN D 323 -21.94 23.57 36.57
C GLN D 323 -21.87 22.37 37.51
N GLU D 324 -21.08 21.37 37.16
CA GLU D 324 -20.82 20.27 38.09
C GLU D 324 -19.32 20.12 38.29
N LYS D 325 -18.85 20.41 39.49
CA LYS D 325 -17.41 20.49 39.72
C LYS D 325 -16.79 19.13 40.05
N LYS D 326 -17.60 18.23 40.56
CA LYS D 326 -17.10 16.93 41.01
C LYS D 326 -17.05 15.94 39.87
N LEU D 327 -15.85 15.59 39.44
CA LEU D 327 -15.65 14.72 38.29
C LEU D 327 -16.46 13.42 38.34
N GLU D 328 -16.52 12.80 39.51
CA GLU D 328 -17.15 11.48 39.58
C GLU D 328 -18.66 11.55 39.76
N GLU D 329 -19.20 12.76 39.89
CA GLU D 329 -20.65 12.93 39.86
C GLU D 329 -21.16 12.74 38.42
N VAL D 330 -20.36 13.15 37.43
CA VAL D 330 -20.82 13.10 36.04
C VAL D 330 -19.98 12.16 35.17
N GLY D 331 -18.79 11.82 35.64
CA GLY D 331 -17.97 10.82 34.99
C GLY D 331 -18.20 9.48 35.65
N VAL D 332 -19.29 8.81 35.29
CA VAL D 332 -19.66 7.54 35.91
C VAL D 332 -19.02 6.37 35.17
N TRP D 333 -17.72 6.19 35.41
CA TRP D 333 -16.90 5.31 34.58
C TRP D 333 -17.32 3.84 34.64
N TRP D 334 -17.66 3.35 35.82
CA TRP D 334 -17.92 1.91 35.99
C TRP D 334 -19.02 1.43 35.05
N PHE D 335 -20.07 2.24 34.86
CA PHE D 335 -21.18 1.79 34.04
C PHE D 335 -20.80 1.82 32.57
N ALA D 336 -20.12 2.88 32.14
CA ALA D 336 -19.62 2.95 30.78
C ALA D 336 -18.74 1.74 30.46
N ASP D 337 -17.92 1.33 31.43
CA ASP D 337 -17.08 0.14 31.23
C ASP D 337 -17.90 -1.14 31.13
N VAL D 338 -19.02 -1.21 31.85
CA VAL D 338 -19.91 -2.36 31.69
C VAL D 338 -20.45 -2.39 30.27
N ILE D 339 -20.97 -1.25 29.82
CA ILE D 339 -21.59 -1.12 28.50
C ILE D 339 -20.60 -1.41 27.37
N LEU D 340 -19.39 -0.88 27.47
CA LEU D 340 -18.49 -0.96 26.35
C LEU D 340 -17.70 -2.26 26.33
N GLY D 341 -18.14 -3.23 27.12
CA GLY D 341 -17.57 -4.57 27.08
C GLY D 341 -18.54 -5.64 26.62
N VAL D 342 -19.72 -5.25 26.16
CA VAL D 342 -20.67 -6.23 25.64
C VAL D 342 -21.20 -5.88 24.26
N GLU D 343 -21.83 -6.85 23.62
CA GLU D 343 -22.46 -6.64 22.33
C GLU D 343 -23.66 -7.56 22.18
N GLY D 344 -24.48 -7.29 21.16
CA GLY D 344 -25.59 -8.15 20.83
C GLY D 344 -26.72 -8.25 21.86
N MET D 345 -26.65 -7.50 22.95
CA MET D 345 -27.69 -7.59 23.98
C MET D 345 -28.89 -6.72 23.62
N ILE D 346 -29.66 -7.19 22.65
CA ILE D 346 -30.71 -6.37 22.04
C ILE D 346 -32.11 -6.91 22.35
N ASP D 347 -33.06 -6.01 22.48
CA ASP D 347 -34.42 -6.36 22.80
C ASP D 347 -35.37 -6.15 21.60
N SER D 348 -36.39 -6.98 21.48
CA SER D 348 -37.34 -6.82 20.39
C SER D 348 -38.40 -5.75 20.71
N MET D 349 -38.76 -4.95 19.72
CA MET D 349 -39.85 -3.99 19.88
C MET D 349 -41.15 -4.46 19.20
N ASN D 350 -41.20 -5.72 18.79
CA ASN D 350 -42.40 -6.22 18.13
C ASN D 350 -43.68 -6.11 18.98
N LYS D 351 -43.62 -6.48 20.25
CA LYS D 351 -44.82 -6.42 21.08
C LYS D 351 -45.35 -5.00 21.16
N SER D 352 -44.46 -4.04 21.39
CA SER D 352 -44.86 -2.64 21.45
C SER D 352 -45.61 -2.25 20.18
N LYS D 353 -45.04 -2.59 19.04
CA LYS D 353 -45.64 -2.22 17.75
C LYS D 353 -46.98 -2.91 17.56
N GLU D 354 -47.04 -4.19 17.93
CA GLU D 354 -48.26 -4.99 17.80
C GLU D 354 -49.39 -4.44 18.70
N TYR D 355 -49.01 -3.79 19.80
CA TYR D 355 -49.98 -3.17 20.70
C TYR D 355 -50.35 -1.74 20.30
N GLY D 356 -49.70 -1.21 19.28
CA GLY D 356 -50.02 0.12 18.79
C GLY D 356 -49.08 1.23 19.22
N PHE D 357 -48.00 0.88 19.93
CA PHE D 357 -46.98 1.88 20.21
C PHE D 357 -45.93 1.86 19.11
N LEU D 358 -45.98 2.86 18.23
CA LEU D 358 -45.07 2.90 17.08
C LEU D 358 -43.97 3.95 17.23
N GLY D 359 -43.74 4.37 18.48
CA GLY D 359 -42.70 5.33 18.77
C GLY D 359 -41.33 4.76 18.44
N PHE D 360 -40.41 5.63 18.03
CA PHE D 360 -39.07 5.20 17.63
C PHE D 360 -38.12 6.38 17.78
N ARG D 361 -36.82 6.11 17.74
CA ARG D 361 -35.82 7.15 17.49
C ARG D 361 -34.71 6.61 16.57
N ASN D 362 -34.21 7.48 15.72
CA ASN D 362 -32.96 7.24 15.00
C ASN D 362 -31.85 7.42 16.02
N SER D 363 -31.11 6.36 16.31
CA SER D 363 -30.14 6.41 17.40
C SER D 363 -28.97 7.39 17.14
N ASN D 364 -28.61 7.60 15.88
CA ASN D 364 -27.60 8.61 15.57
C ASN D 364 -28.06 9.98 16.03
N ASN D 365 -29.29 10.32 15.65
CA ASN D 365 -29.84 11.63 15.95
C ASN D 365 -30.15 11.78 17.44
N SER D 366 -30.56 10.67 18.06
CA SER D 366 -30.78 10.65 19.50
C SER D 366 -29.47 10.97 20.23
N PHE D 367 -28.42 10.22 19.92
CA PHE D 367 -27.08 10.42 20.50
C PHE D 367 -26.65 11.88 20.39
N ILE D 368 -26.81 12.45 19.21
CA ILE D 368 -26.41 13.82 18.95
C ILE D 368 -27.22 14.81 19.80
N SER D 369 -28.52 14.59 19.88
CA SER D 369 -29.40 15.48 20.62
C SER D 369 -29.04 15.50 22.11
N TRP D 370 -28.75 14.34 22.68
CA TRP D 370 -28.45 14.29 24.10
C TRP D 370 -27.04 14.86 24.39
N ILE D 371 -26.10 14.63 23.48
CA ILE D 371 -24.79 15.30 23.58
C ILE D 371 -24.96 16.82 23.72
N ASP D 372 -25.80 17.40 22.86
CA ASP D 372 -26.07 18.83 22.90
C ASP D 372 -26.62 19.31 24.24
N LYS D 373 -27.43 18.47 24.89
CA LYS D 373 -27.99 18.82 26.19
C LYS D 373 -26.91 18.98 27.24
N TYR D 374 -25.91 18.09 27.24
CA TYR D 374 -24.84 18.19 28.22
C TYR D 374 -24.00 19.45 27.99
N ALA D 376 -25.43 22.29 26.48
CA ALA D 376 -26.35 23.40 26.72
C ALA D 376 -26.49 23.74 28.21
N PHE D 377 -26.51 22.70 29.04
CA PHE D 377 -26.61 22.92 30.47
C PHE D 377 -25.24 23.07 31.14
N LYS D 378 -24.20 23.29 30.33
CA LYS D 378 -22.86 23.60 30.85
C LYS D 378 -22.31 22.50 31.76
N ILE D 379 -22.53 21.25 31.37
CA ILE D 379 -21.93 20.15 32.11
C ILE D 379 -20.57 19.83 31.52
N VAL D 380 -20.46 19.96 30.21
CA VAL D 380 -19.18 19.88 29.51
C VAL D 380 -19.13 21.04 28.53
N PRO D 381 -17.92 21.43 28.10
CA PRO D 381 -17.83 22.49 27.09
C PRO D 381 -18.40 22.01 25.78
N PHE E 18 9.62 -35.02 -19.60
CA PHE E 18 9.94 -34.64 -18.22
C PHE E 18 10.38 -35.83 -17.38
N GLU E 19 11.61 -35.77 -16.87
CA GLU E 19 12.12 -36.79 -15.96
C GLU E 19 11.67 -36.52 -14.53
N SER E 20 11.71 -35.25 -14.14
CA SER E 20 11.38 -34.87 -12.77
C SER E 20 10.43 -33.67 -12.75
N VAL E 21 9.67 -33.56 -11.67
CA VAL E 21 8.66 -32.51 -11.56
C VAL E 21 8.79 -31.80 -10.23
N ALA E 22 9.18 -30.54 -10.29
CA ALA E 22 9.53 -29.79 -9.08
C ALA E 22 8.36 -28.97 -8.59
N LEU E 23 8.25 -28.87 -7.27
CA LEU E 23 7.34 -27.91 -6.67
C LEU E 23 8.18 -27.01 -5.77
N ILE E 24 8.32 -25.74 -6.16
CA ILE E 24 9.08 -24.77 -5.40
C ILE E 24 8.13 -23.94 -4.54
N ILE E 25 8.33 -23.99 -3.23
CA ILE E 25 7.51 -23.19 -2.32
C ILE E 25 8.32 -21.96 -1.96
N GLY E 26 7.95 -20.81 -2.54
CA GLY E 26 8.68 -19.57 -2.37
C GLY E 26 9.47 -19.20 -3.62
N VAL E 27 8.80 -19.26 -4.77
CA VAL E 27 9.48 -19.20 -6.07
C VAL E 27 9.93 -17.77 -6.45
N THR E 28 9.44 -16.75 -5.74
CA THR E 28 9.95 -15.40 -6.00
C THR E 28 11.00 -14.99 -4.96
N GLY E 29 11.37 -15.95 -4.11
CA GLY E 29 12.34 -15.71 -3.05
C GLY E 29 13.77 -15.75 -3.57
N ILE E 30 14.70 -15.40 -2.70
CA ILE E 30 16.10 -15.23 -3.11
C ILE E 30 16.71 -16.57 -3.59
N VAL E 31 16.25 -17.69 -3.05
CA VAL E 31 16.66 -18.98 -3.63
C VAL E 31 15.61 -19.53 -4.62
N GLY E 32 14.34 -19.35 -4.29
CA GLY E 32 13.27 -19.79 -5.17
C GLY E 32 13.44 -19.26 -6.59
N ASN E 33 13.86 -17.99 -6.71
CA ASN E 33 14.03 -17.41 -8.05
C ASN E 33 15.21 -18.05 -8.80
N SER E 34 16.24 -18.46 -8.07
CA SER E 34 17.35 -19.20 -8.68
C SER E 34 16.91 -20.59 -9.13
N LEU E 35 16.19 -21.31 -8.27
CA LEU E 35 15.69 -22.63 -8.63
C LEU E 35 14.81 -22.54 -9.88
N ALA E 36 13.98 -21.50 -9.94
CA ALA E 36 13.03 -21.35 -11.05
C ALA E 36 13.77 -21.18 -12.37
N GLU E 37 14.94 -20.55 -12.34
CA GLU E 37 15.68 -20.31 -13.57
C GLU E 37 16.58 -21.50 -13.92
N ILE E 38 17.08 -22.20 -12.90
CA ILE E 38 18.06 -23.26 -13.12
C ILE E 38 17.43 -24.62 -13.43
N LEU E 39 16.39 -24.99 -12.70
CA LEU E 39 15.76 -26.31 -12.93
C LEU E 39 15.40 -26.57 -14.41
N PRO E 40 14.78 -25.61 -15.12
CA PRO E 40 14.38 -25.92 -16.51
C PRO E 40 15.50 -26.02 -17.53
N LEU E 41 16.75 -25.73 -17.18
CA LEU E 41 17.84 -25.72 -18.16
C LEU E 41 18.14 -27.13 -18.66
N SER E 42 18.59 -27.24 -19.90
CA SER E 42 18.74 -28.53 -20.55
C SER E 42 19.79 -29.41 -19.88
N ASP E 43 20.83 -28.81 -19.33
CA ASP E 43 21.90 -29.60 -18.70
C ASP E 43 21.73 -29.78 -17.19
N THR E 44 20.57 -29.40 -16.66
CA THR E 44 20.35 -29.58 -15.22
C THR E 44 20.16 -31.05 -14.86
N PRO E 45 20.94 -31.53 -13.88
CA PRO E 45 20.78 -32.90 -13.37
C PRO E 45 19.33 -33.24 -13.02
N GLY E 46 18.88 -34.43 -13.39
CA GLY E 46 17.52 -34.86 -13.11
C GLY E 46 16.51 -34.42 -14.15
N GLY E 47 16.99 -33.69 -15.16
CA GLY E 47 16.13 -33.14 -16.20
C GLY E 47 15.77 -34.11 -17.31
N PRO E 48 14.87 -33.69 -18.20
CA PRO E 48 14.22 -32.36 -18.22
C PRO E 48 13.21 -32.18 -17.08
N TRP E 49 13.29 -31.02 -16.42
CA TRP E 49 12.40 -30.68 -15.33
C TRP E 49 11.15 -29.94 -15.78
N VAL E 51 8.35 -27.54 -13.87
CA VAL E 51 8.41 -26.77 -12.62
C VAL E 51 7.11 -26.04 -12.27
N TYR E 52 6.59 -26.32 -11.07
CA TYR E 52 5.60 -25.48 -10.43
C TYR E 52 6.27 -24.55 -9.42
N GLY E 53 5.78 -23.32 -9.34
CA GLY E 53 6.34 -22.34 -8.43
C GLY E 53 5.21 -21.66 -7.67
N VAL E 54 5.35 -21.55 -6.35
CA VAL E 54 4.30 -21.04 -5.48
C VAL E 54 4.76 -19.78 -4.71
N ALA E 55 3.87 -18.79 -4.65
CA ALA E 55 4.01 -17.63 -3.79
C ALA E 55 2.64 -16.98 -3.65
N ARG E 56 2.52 -15.98 -2.80
CA ARG E 56 1.21 -15.33 -2.61
C ARG E 56 0.96 -14.23 -3.63
N ARG E 57 1.91 -13.33 -3.78
CA ARG E 57 1.73 -12.16 -4.66
C ARG E 57 1.62 -12.53 -6.14
N PRO E 58 1.01 -11.63 -6.93
CA PRO E 58 1.04 -11.81 -8.38
C PRO E 58 2.48 -11.90 -8.88
N ARG E 59 2.72 -12.66 -9.94
CA ARG E 59 4.07 -12.87 -10.44
C ARG E 59 4.71 -11.55 -10.83
N PRO E 60 5.85 -11.23 -10.22
CA PRO E 60 6.51 -9.97 -10.56
C PRO E 60 7.27 -10.10 -11.87
N THR E 61 7.46 -8.98 -12.55
CA THR E 61 8.03 -9.02 -13.89
C THR E 61 9.44 -9.63 -13.93
N TRP E 62 10.25 -9.35 -12.92
CA TRP E 62 11.62 -9.88 -12.90
C TRP E 62 11.68 -11.40 -12.68
N ASN E 63 10.54 -12.01 -12.36
CA ASN E 63 10.45 -13.46 -12.19
C ASN E 63 9.86 -14.12 -13.42
N ALA E 64 9.35 -13.30 -14.35
CA ALA E 64 8.41 -13.78 -15.36
C ALA E 64 9.02 -14.62 -16.49
N ASP E 65 10.31 -14.48 -16.77
CA ASP E 65 10.91 -15.19 -17.91
C ASP E 65 11.02 -16.70 -17.70
N HIS E 66 11.11 -17.14 -16.45
CA HIS E 66 11.33 -18.57 -16.19
C HIS E 66 10.16 -19.41 -16.69
N PRO E 67 10.47 -20.52 -17.38
CA PRO E 67 9.41 -21.35 -17.95
C PRO E 67 8.79 -22.28 -16.90
N ILE E 68 8.01 -21.71 -16.00
CA ILE E 68 7.41 -22.46 -14.92
C ILE E 68 5.91 -22.23 -14.90
N ASP E 69 5.20 -23.07 -14.16
CA ASP E 69 3.80 -22.83 -13.88
CA ASP E 69 3.80 -22.85 -13.88
C ASP E 69 3.69 -22.13 -12.54
N TYR E 70 3.32 -20.86 -12.56
CA TYR E 70 3.21 -20.04 -11.35
C TYR E 70 1.85 -20.16 -10.71
N ILE E 71 1.84 -20.48 -9.42
CA ILE E 71 0.61 -20.74 -8.70
C ILE E 71 0.53 -19.89 -7.47
N GLN E 72 -0.46 -19.01 -7.42
CA GLN E 72 -0.67 -18.25 -6.20
C GLN E 72 -1.35 -19.14 -5.17
N CYS E 73 -0.70 -19.26 -4.02
CA CYS E 73 -1.20 -20.10 -2.95
C CYS E 73 -0.59 -19.64 -1.63
N ASP E 74 -1.43 -19.46 -0.60
CA ASP E 74 -0.94 -19.11 0.71
C ASP E 74 -0.79 -20.39 1.52
N VAL E 75 0.44 -20.84 1.74
CA VAL E 75 0.65 -22.13 2.38
C VAL E 75 0.46 -22.08 3.89
N SER E 76 0.16 -20.90 4.43
CA SER E 76 -0.27 -20.83 5.83
C SER E 76 -1.76 -21.18 5.97
N ASP E 77 -2.43 -21.37 4.85
CA ASP E 77 -3.87 -21.66 4.82
C ASP E 77 -4.05 -23.09 4.30
N ALA E 78 -4.42 -24.00 5.19
CA ALA E 78 -4.46 -25.43 4.84
C ALA E 78 -5.52 -25.73 3.79
N GLU E 79 -6.61 -24.97 3.82
CA GLU E 79 -7.65 -25.13 2.82
C GLU E 79 -7.12 -24.66 1.46
N ASP E 80 -6.31 -23.62 1.47
CA ASP E 80 -5.73 -23.14 0.23
C ASP E 80 -4.73 -24.16 -0.34
N THR E 81 -3.96 -24.82 0.53
CA THR E 81 -2.97 -25.77 0.05
C THR E 81 -3.62 -27.02 -0.48
N ARG E 82 -4.66 -27.50 0.20
CA ARG E 82 -5.39 -28.66 -0.30
C ARG E 82 -6.01 -28.35 -1.67
N SER E 83 -6.43 -27.10 -1.85
CA SER E 83 -7.15 -26.73 -3.07
C SER E 83 -6.21 -26.57 -4.25
N LEU E 85 -2.47 -27.22 -4.17
CA LEU E 85 -1.28 -28.07 -4.26
C LEU E 85 -1.63 -29.54 -4.45
N SER E 86 -2.64 -30.03 -3.75
CA SER E 86 -3.03 -31.43 -3.91
C SER E 86 -3.36 -31.85 -5.36
N PRO E 87 -3.87 -30.94 -6.21
CA PRO E 87 -4.07 -31.40 -7.59
C PRO E 87 -2.79 -31.62 -8.41
N LEU E 88 -1.65 -31.20 -7.87
CA LEU E 88 -0.38 -31.32 -8.57
C LEU E 88 0.16 -32.74 -8.42
N THR E 89 -0.58 -33.71 -8.95
CA THR E 89 -0.33 -35.12 -8.68
C THR E 89 0.92 -35.67 -9.36
N ASP E 90 1.56 -34.89 -10.22
CA ASP E 90 2.74 -35.39 -10.92
C ASP E 90 4.06 -34.95 -10.29
N VAL E 91 3.99 -34.22 -9.18
CA VAL E 91 5.18 -33.77 -8.44
C VAL E 91 6.10 -34.92 -7.99
N THR E 92 7.39 -34.77 -8.25
CA THR E 92 8.37 -35.74 -7.77
C THR E 92 9.29 -35.18 -6.68
N HIS E 93 9.50 -33.86 -6.70
CA HIS E 93 10.39 -33.21 -5.73
C HIS E 93 9.79 -31.93 -5.20
N VAL E 94 9.95 -31.71 -3.91
CA VAL E 94 9.55 -30.45 -3.31
C VAL E 94 10.80 -29.69 -2.87
N PHE E 95 10.85 -28.40 -3.19
CA PHE E 95 11.88 -27.49 -2.71
C PHE E 95 11.25 -26.41 -1.83
N TYR E 96 11.43 -26.54 -0.53
CA TYR E 96 10.77 -25.64 0.40
C TYR E 96 11.74 -24.51 0.77
N VAL E 97 11.46 -23.30 0.28
CA VAL E 97 12.34 -22.14 0.46
C VAL E 97 11.57 -20.86 0.79
N THR E 98 10.89 -20.89 1.93
CA THR E 98 10.08 -19.77 2.37
C THR E 98 10.07 -19.66 3.88
N TRP E 99 9.71 -18.49 4.39
CA TRP E 99 9.37 -18.36 5.79
C TRP E 99 8.49 -17.15 6.01
N THR E 100 7.95 -17.05 7.22
CA THR E 100 7.22 -15.88 7.67
C THR E 100 7.89 -15.35 8.93
N ASN E 101 8.03 -14.02 8.99
CA ASN E 101 8.80 -13.38 10.04
C ASN E 101 7.85 -12.80 11.09
N ARG E 102 7.72 -13.49 12.21
CA ARG E 102 6.79 -13.07 13.26
C ARG E 102 7.51 -12.42 14.44
N GLU E 103 6.75 -11.88 15.38
CA GLU E 103 7.33 -11.01 16.41
C GLU E 103 7.93 -11.75 17.61
N SER E 104 7.76 -13.06 17.67
CA SER E 104 8.34 -13.83 18.76
C SER E 104 8.70 -15.20 18.21
N GLU E 105 9.67 -15.87 18.82
CA GLU E 105 10.03 -17.19 18.31
C GLU E 105 8.90 -18.21 18.48
N SER E 106 8.10 -18.07 19.52
CA SER E 106 7.00 -19.03 19.70
C SER E 106 6.02 -18.87 18.54
N GLU E 107 5.80 -17.64 18.09
CA GLU E 107 4.93 -17.45 16.94
C GLU E 107 5.61 -17.91 15.65
N ASN E 108 6.93 -17.71 15.55
CA ASN E 108 7.67 -18.26 14.41
C ASN E 108 7.50 -19.79 14.32
N CYS E 109 7.58 -20.45 15.47
CA CYS E 109 7.51 -21.91 15.48
C CYS E 109 6.16 -22.37 14.99
N GLU E 110 5.12 -21.78 15.53
CA GLU E 110 3.76 -22.18 15.18
C GLU E 110 3.46 -21.91 13.72
N ALA E 111 3.84 -20.72 13.25
CA ALA E 111 3.46 -20.29 11.92
C ALA E 111 4.28 -20.99 10.84
N ASN E 112 5.60 -21.05 11.01
CA ASN E 112 6.45 -21.68 10.02
C ASN E 112 6.29 -23.19 10.04
N GLY E 113 6.02 -23.74 11.22
CA GLY E 113 5.74 -25.15 11.35
C GLY E 113 4.49 -25.50 10.56
N SER E 114 3.48 -24.65 10.68
CA SER E 114 2.19 -24.90 10.06
C SER E 114 2.30 -24.81 8.53
N MET E 115 3.06 -23.83 8.04
CA MET E 115 3.30 -23.68 6.61
C MET E 115 3.92 -24.93 6.00
N LEU E 116 4.94 -25.46 6.66
CA LEU E 116 5.60 -26.65 6.15
C LEU E 116 4.66 -27.86 6.25
N ARG E 117 3.97 -28.01 7.38
CA ARG E 117 3.03 -29.12 7.55
C ARG E 117 1.98 -29.09 6.44
N ASN E 118 1.46 -27.90 6.16
CA ASN E 118 0.41 -27.77 5.15
C ASN E 118 0.85 -28.19 3.77
N VAL E 119 2.09 -27.83 3.40
CA VAL E 119 2.61 -28.26 2.10
C VAL E 119 2.76 -29.79 2.07
N LEU E 120 3.40 -30.35 3.09
CA LEU E 120 3.62 -31.79 3.12
C LEU E 120 2.30 -32.60 3.14
N GLN E 121 1.34 -32.19 3.94
CA GLN E 121 0.04 -32.90 4.01
C GLN E 121 -0.80 -32.69 2.73
N ALA E 122 -0.53 -31.63 1.99
CA ALA E 122 -1.20 -31.43 0.71
C ALA E 122 -0.62 -32.32 -0.40
N ILE E 123 0.66 -32.65 -0.30
CA ILE E 123 1.35 -33.30 -1.41
C ILE E 123 1.61 -34.80 -1.23
N ILE E 124 2.16 -35.17 -0.09
CA ILE E 124 2.55 -36.55 0.17
C ILE E 124 1.42 -37.56 -0.10
N PRO E 125 0.18 -37.29 0.35
CA PRO E 125 -0.89 -38.26 0.04
C PRO E 125 -1.39 -38.26 -1.40
N TYR E 126 -1.04 -37.26 -2.20
CA TYR E 126 -1.70 -37.09 -3.49
C TYR E 126 -0.77 -37.16 -4.69
N ALA E 127 0.53 -37.15 -4.44
CA ALA E 127 1.52 -37.24 -5.52
C ALA E 127 2.22 -38.58 -5.44
N PRO E 128 1.71 -39.58 -6.17
CA PRO E 128 2.21 -40.95 -5.97
C PRO E 128 3.66 -41.15 -6.41
N ASN E 129 4.23 -40.22 -7.17
CA ASN E 129 5.61 -40.34 -7.60
C ASN E 129 6.56 -39.40 -6.83
N LEU E 130 6.07 -38.82 -5.74
CA LEU E 130 6.94 -38.01 -4.88
C LEU E 130 8.14 -38.85 -4.42
N ARG E 131 9.35 -38.29 -4.53
CA ARG E 131 10.60 -38.97 -4.16
C ARG E 131 11.41 -38.27 -3.07
N HIS E 132 11.37 -36.94 -3.06
CA HIS E 132 12.32 -36.19 -2.23
C HIS E 132 11.78 -34.82 -1.82
N VAL E 133 12.07 -34.41 -0.58
CA VAL E 133 11.75 -33.08 -0.09
C VAL E 133 13.04 -32.36 0.34
N CYS E 134 13.32 -31.21 -0.27
CA CYS E 134 14.41 -30.34 0.18
C CYS E 134 13.87 -29.29 1.13
N LEU E 135 14.45 -29.19 2.32
CA LEU E 135 14.04 -28.17 3.29
C LEU E 135 15.18 -27.20 3.52
N GLN E 136 14.96 -25.93 3.22
CA GLN E 136 15.99 -24.94 3.48
C GLN E 136 15.78 -24.24 4.82
N THR E 137 16.82 -24.29 5.65
CA THR E 137 16.84 -23.52 6.89
C THR E 137 18.04 -22.58 6.81
N GLY E 138 18.98 -22.68 7.75
CA GLY E 138 20.14 -21.78 7.74
C GLY E 138 21.00 -21.83 8.98
N THR E 139 21.98 -20.92 9.03
CA THR E 139 22.98 -20.85 10.08
C THR E 139 22.38 -20.55 11.45
N HIS E 141 20.35 -22.28 12.75
CA HIS E 141 20.31 -23.58 13.39
C HIS E 141 21.33 -23.65 14.53
N TYR E 142 22.48 -22.99 14.33
CA TYR E 142 23.60 -23.06 15.27
C TYR E 142 23.67 -21.85 16.21
N LEU E 143 23.04 -20.76 15.78
CA LEU E 143 23.08 -19.50 16.53
C LEU E 143 21.82 -19.24 17.33
N GLY E 144 20.73 -19.86 16.90
CA GLY E 144 19.43 -19.53 17.41
C GLY E 144 18.89 -18.27 16.75
N PRO E 145 17.65 -17.90 17.09
CA PRO E 145 17.01 -16.69 16.59
C PRO E 145 17.84 -15.45 16.91
N PHE E 146 17.64 -14.38 16.14
CA PHE E 146 18.32 -13.12 16.43
C PHE E 146 18.01 -12.67 17.85
N THR E 147 16.83 -13.04 18.35
CA THR E 147 16.45 -12.69 19.71
C THR E 147 17.08 -13.62 20.76
N ASN E 148 18.05 -14.43 20.35
CA ASN E 148 18.84 -15.25 21.27
C ASN E 148 20.07 -14.49 21.74
N VAL E 149 19.88 -13.58 22.68
CA VAL E 149 20.96 -12.68 23.09
C VAL E 149 21.89 -13.29 24.17
N ASP E 150 21.31 -14.00 25.14
CA ASP E 150 22.13 -14.56 26.21
C ASP E 150 21.92 -16.07 26.39
N GLY E 151 21.32 -16.72 25.40
CA GLY E 151 21.16 -18.17 25.47
C GLY E 151 22.43 -18.85 24.98
N PRO E 152 22.43 -20.19 24.99
CA PRO E 152 23.57 -20.99 24.51
C PRO E 152 23.88 -20.72 23.03
N ARG E 153 25.14 -20.88 22.64
CA ARG E 153 25.59 -20.70 21.26
C ARG E 153 26.75 -21.63 20.93
N HIS E 154 26.84 -22.09 19.70
CA HIS E 154 27.97 -22.92 19.30
C HIS E 154 29.16 -22.04 18.91
N ASP E 155 30.35 -22.62 18.91
CA ASP E 155 31.56 -21.93 18.47
C ASP E 155 31.84 -22.25 16.99
N PRO E 156 31.91 -21.21 16.14
CA PRO E 156 32.24 -21.46 14.73
C PRO E 156 33.66 -22.05 14.58
N PRO E 157 33.94 -22.76 13.47
CA PRO E 157 33.00 -22.99 12.36
C PRO E 157 31.95 -24.05 12.69
N PHE E 158 30.70 -23.77 12.33
CA PHE E 158 29.61 -24.67 12.66
C PHE E 158 29.62 -25.91 11.78
N THR E 159 29.33 -27.05 12.40
CA THR E 159 29.24 -28.31 11.71
C THR E 159 27.87 -28.92 11.99
N GLU E 160 27.43 -29.75 11.05
CA GLU E 160 26.06 -30.22 11.03
C GLU E 160 25.72 -31.13 12.20
N ASP E 161 26.73 -31.79 12.76
CA ASP E 161 26.52 -32.71 13.88
C ASP E 161 26.53 -32.01 15.24
N MET E 162 26.66 -30.69 15.26
CA MET E 162 26.52 -29.96 16.52
C MET E 162 25.12 -30.17 17.09
N PRO E 163 25.02 -30.45 18.38
CA PRO E 163 23.68 -30.70 18.96
C PRO E 163 22.80 -29.46 18.90
N ARG E 164 21.50 -29.65 18.74
CA ARG E 164 20.58 -28.52 18.82
C ARG E 164 20.77 -27.75 20.12
N LEU E 165 20.67 -26.44 20.04
CA LEU E 165 20.66 -25.60 21.23
C LEU E 165 19.38 -25.85 22.02
N GLN E 166 19.42 -25.68 23.34
CA GLN E 166 18.23 -25.91 24.17
C GLN E 166 17.40 -24.64 24.31
N ILE E 167 16.89 -24.19 23.16
CA ILE E 167 16.08 -22.99 23.04
C ILE E 167 15.01 -23.19 21.96
N GLN E 168 14.01 -22.34 21.97
CA GLN E 168 13.01 -22.31 20.91
C GLN E 168 13.67 -21.88 19.59
N ASN E 169 13.33 -22.57 18.51
CA ASN E 169 13.97 -22.30 17.21
C ASN E 169 13.12 -22.95 16.13
N PHE E 170 12.48 -22.14 15.27
CA PHE E 170 11.48 -22.72 14.38
C PHE E 170 12.10 -23.67 13.37
N TYR E 171 13.42 -23.57 13.14
CA TYR E 171 14.11 -24.57 12.33
C TYR E 171 13.98 -25.97 12.93
N TYR E 172 14.13 -26.07 14.25
CA TYR E 172 14.03 -27.36 14.92
C TYR E 172 12.61 -27.90 14.77
N THR E 173 11.64 -27.01 14.99
CA THR E 173 10.22 -27.35 14.85
C THR E 173 9.96 -27.90 13.45
N GLN E 174 10.48 -27.19 12.45
CA GLN E 174 10.31 -27.60 11.06
C GLN E 174 10.96 -28.94 10.72
N GLU E 175 12.20 -29.15 11.14
CA GLU E 175 12.85 -30.45 10.93
C GLU E 175 11.99 -31.59 11.44
N ASP E 176 11.48 -31.44 12.64
CA ASP E 176 10.73 -32.51 13.29
C ASP E 176 9.39 -32.77 12.60
N ILE E 177 8.77 -31.71 12.08
CA ILE E 177 7.56 -31.86 11.31
C ILE E 177 7.87 -32.59 10.00
N LEU E 178 9.01 -32.22 9.38
CA LEU E 178 9.47 -32.90 8.18
C LEU E 178 9.62 -34.39 8.45
N PHE E 179 10.33 -34.72 9.53
CA PHE E 179 10.60 -36.13 9.84
C PHE E 179 9.32 -36.89 10.16
N GLU E 180 8.43 -36.23 10.90
CA GLU E 180 7.18 -36.82 11.32
C GLU E 180 6.31 -37.20 10.12
N GLU E 181 6.22 -36.29 9.16
CA GLU E 181 5.43 -36.55 7.96
C GLU E 181 6.12 -37.58 7.03
N ILE E 182 7.44 -37.48 6.91
CA ILE E 182 8.21 -38.46 6.13
C ILE E 182 8.06 -39.90 6.66
N LYS E 183 8.11 -40.03 7.98
CA LYS E 183 7.96 -41.33 8.64
C LYS E 183 6.70 -42.08 8.19
N ILE E 185 5.52 -42.49 5.36
CA ILE E 185 5.65 -43.11 4.03
C ILE E 185 7.06 -43.69 3.93
N GLU E 186 7.30 -44.59 2.97
CA GLU E 186 8.59 -45.27 2.91
C GLU E 186 9.36 -44.98 1.62
N THR E 187 8.77 -44.20 0.73
CA THR E 187 9.35 -43.97 -0.60
C THR E 187 9.88 -42.55 -0.78
N VAL E 188 9.94 -41.77 0.29
CA VAL E 188 10.35 -40.38 0.16
C VAL E 188 11.57 -40.06 1.01
N THR E 189 12.60 -39.48 0.38
CA THR E 189 13.80 -39.07 1.10
C THR E 189 13.74 -37.57 1.36
N TRP E 190 14.65 -37.06 2.20
CA TRP E 190 14.68 -35.63 2.46
C TRP E 190 16.11 -35.12 2.53
N SER E 191 16.28 -33.82 2.36
CA SER E 191 17.56 -33.20 2.71
C SER E 191 17.30 -31.82 3.28
N ILE E 192 18.14 -31.43 4.21
CA ILE E 192 18.08 -30.13 4.85
C ILE E 192 19.31 -29.34 4.42
N HIS E 193 19.08 -28.06 4.10
CA HIS E 193 20.14 -27.21 3.59
C HIS E 193 20.21 -25.93 4.41
N ARG E 194 21.38 -25.64 4.94
CA ARG E 194 21.54 -24.53 5.89
C ARG E 194 22.51 -23.46 5.38
N PRO E 195 22.02 -22.57 4.50
CA PRO E 195 22.87 -21.48 3.99
C PRO E 195 23.18 -20.42 5.02
N ASN E 196 24.27 -19.72 4.78
CA ASN E 196 24.63 -18.54 5.55
C ASN E 196 23.93 -17.34 4.89
N MET E 197 24.38 -16.11 5.16
CA MET E 197 23.77 -14.94 4.50
C MET E 197 23.78 -15.17 2.98
N ILE E 198 22.66 -14.90 2.32
CA ILE E 198 22.56 -15.28 0.93
C ILE E 198 22.85 -14.12 -0.03
N PHE E 199 23.74 -14.38 -0.99
CA PHE E 199 23.98 -13.49 -2.11
C PHE E 199 23.07 -13.91 -3.26
N GLY E 200 22.06 -13.10 -3.58
CA GLY E 200 21.12 -13.50 -4.61
C GLY E 200 20.27 -12.38 -5.17
N PHE E 201 19.45 -12.70 -6.15
CA PHE E 201 18.52 -11.74 -6.70
C PHE E 201 17.05 -12.08 -6.38
N SER E 202 16.44 -11.22 -5.58
CA SER E 202 15.01 -11.23 -5.31
C SER E 202 14.66 -9.96 -4.57
N PRO E 203 14.07 -8.98 -5.28
CA PRO E 203 13.61 -7.76 -4.63
C PRO E 203 12.64 -8.06 -3.48
N TYR E 204 11.90 -9.16 -3.58
CA TYR E 204 10.90 -9.50 -2.56
C TYR E 204 11.46 -10.17 -1.30
N SER E 205 12.72 -10.57 -1.31
CA SER E 205 13.26 -11.35 -0.19
C SER E 205 13.22 -10.58 1.13
N LEU E 206 12.93 -11.26 2.24
CA LEU E 206 12.90 -10.60 3.53
C LEU E 206 14.30 -10.30 4.07
N MET E 207 15.31 -11.02 3.57
CA MET E 207 16.68 -10.85 4.04
C MET E 207 17.63 -10.91 2.85
N ASN E 208 18.22 -9.77 2.52
CA ASN E 208 18.84 -9.62 1.22
C ASN E 208 20.02 -8.65 1.27
N ILE E 209 21.18 -9.16 1.66
CA ILE E 209 22.32 -8.29 1.91
C ILE E 209 22.79 -7.58 0.63
N VAL E 210 22.80 -8.27 -0.51
CA VAL E 210 23.29 -7.62 -1.73
C VAL E 210 22.28 -6.59 -2.24
N GLY E 211 21.01 -6.95 -2.29
CA GLY E 211 19.98 -6.02 -2.74
C GLY E 211 20.03 -4.75 -1.91
N THR E 212 20.12 -4.92 -0.60
CA THR E 212 20.04 -3.78 0.32
C THR E 212 21.29 -2.89 0.26
N LEU E 213 22.48 -3.50 0.15
CA LEU E 213 23.70 -2.73 -0.05
C LEU E 213 23.72 -2.01 -1.40
N CYS E 214 23.11 -2.63 -2.39
CA CYS E 214 22.95 -2.00 -3.70
C CYS E 214 22.11 -0.73 -3.58
N VAL E 215 21.00 -0.81 -2.85
CA VAL E 215 20.15 0.37 -2.66
C VAL E 215 20.89 1.47 -1.87
N TYR E 216 21.56 1.09 -0.79
CA TYR E 216 22.37 2.03 -0.01
C TYR E 216 23.42 2.71 -0.89
N ALA E 217 24.16 1.92 -1.67
CA ALA E 217 25.20 2.46 -2.53
C ALA E 217 24.63 3.36 -3.64
N ALA E 218 23.50 2.95 -4.21
CA ALA E 218 22.84 3.77 -5.22
C ALA E 218 22.47 5.13 -4.65
N ILE E 219 21.93 5.15 -3.43
CA ILE E 219 21.52 6.40 -2.82
C ILE E 219 22.72 7.31 -2.57
N CYS E 220 23.78 6.74 -2.02
CA CYS E 220 25.02 7.49 -1.82
C CYS E 220 25.53 8.09 -3.12
N HIS E 222 23.84 8.74 -5.92
CA HIS E 222 22.91 9.81 -6.29
C HIS E 222 23.14 11.10 -5.48
N GLU E 223 23.30 10.97 -4.17
CA GLU E 223 23.58 12.13 -3.33
C GLU E 223 24.99 12.69 -3.50
N GLY E 224 25.87 11.91 -4.10
CA GLY E 224 27.29 12.24 -4.15
C GLY E 224 27.95 12.19 -2.78
N SER E 225 27.38 11.41 -1.87
CA SER E 225 27.92 11.28 -0.51
C SER E 225 28.77 10.01 -0.35
N PRO E 226 29.68 9.98 0.63
CA PRO E 226 30.61 8.84 0.70
C PRO E 226 29.93 7.53 1.08
N LEU E 227 30.46 6.41 0.58
CA LEU E 227 29.97 5.10 0.97
C LEU E 227 30.55 4.73 2.34
N LEU E 228 29.89 5.15 3.40
CA LEU E 228 30.37 4.93 4.75
C LEU E 228 29.84 3.60 5.27
N PHE E 229 30.72 2.80 5.86
CA PHE E 229 30.30 1.52 6.42
C PHE E 229 29.35 1.78 7.59
N PRO E 230 28.18 1.14 7.56
CA PRO E 230 27.16 1.37 8.58
C PRO E 230 27.37 0.56 9.87
N GLY E 231 28.17 -0.50 9.79
CA GLY E 231 28.24 -1.47 10.87
C GLY E 231 29.44 -1.33 11.79
N SER E 232 29.73 -2.39 12.52
CA SER E 232 30.74 -2.35 13.58
C SER E 232 32.17 -2.51 13.05
N LYS E 234 34.29 -4.52 14.29
CA LYS E 234 34.59 -5.95 14.31
C LYS E 234 34.08 -6.64 13.06
N ALA E 235 32.93 -6.22 12.56
CA ALA E 235 32.39 -6.76 11.32
C ALA E 235 33.23 -6.31 10.12
N TRP E 236 33.76 -5.10 10.18
CA TRP E 236 34.61 -4.56 9.12
C TRP E 236 35.90 -5.38 9.00
N GLU E 237 36.47 -5.76 10.13
CA GLU E 237 37.80 -6.39 10.18
C GLU E 237 37.75 -7.91 10.26
N GLY E 238 36.59 -8.45 10.59
CA GLY E 238 36.44 -9.88 10.84
C GLY E 238 36.23 -10.71 9.60
N PHE E 239 36.23 -12.03 9.76
CA PHE E 239 36.00 -12.91 8.63
C PHE E 239 34.54 -13.33 8.60
N MET E 240 33.99 -13.40 7.39
CA MET E 240 32.64 -13.90 7.20
C MET E 240 32.60 -14.82 6.00
N THR E 241 31.48 -15.51 5.82
CA THR E 241 31.26 -16.23 4.57
C THR E 241 29.84 -15.96 4.08
N ALA E 242 29.54 -16.36 2.85
CA ALA E 242 28.21 -16.12 2.31
C ALA E 242 27.79 -17.29 1.43
N SER E 243 26.51 -17.31 1.07
CA SER E 243 25.95 -18.41 0.31
C SER E 243 25.32 -17.91 -0.98
N ASP E 244 26.00 -18.09 -2.10
CA ASP E 244 25.47 -17.76 -3.42
C ASP E 244 24.17 -18.51 -3.69
N ALA E 245 23.11 -17.79 -4.05
CA ALA E 245 21.79 -18.39 -4.27
C ALA E 245 21.79 -19.44 -5.36
N ASP E 246 22.59 -19.24 -6.41
CA ASP E 246 22.71 -20.26 -7.44
C ASP E 246 23.39 -21.49 -6.86
N LEU E 247 24.39 -21.28 -6.02
CA LEU E 247 25.08 -22.41 -5.41
C LEU E 247 24.14 -23.23 -4.52
N ILE E 248 23.32 -22.52 -3.75
CA ILE E 248 22.32 -23.19 -2.90
C ILE E 248 21.40 -24.03 -3.77
N ALA E 249 20.98 -23.47 -4.90
CA ALA E 249 20.07 -24.18 -5.80
C ALA E 249 20.76 -25.44 -6.31
N GLU E 250 22.04 -25.30 -6.63
CA GLU E 250 22.84 -26.42 -7.13
C GLU E 250 22.94 -27.54 -6.10
N GLN E 251 23.11 -27.17 -4.83
CA GLN E 251 23.20 -28.18 -3.79
C GLN E 251 21.87 -28.87 -3.58
N GLN E 252 20.77 -28.12 -3.66
CA GLN E 252 19.46 -28.73 -3.49
C GLN E 252 19.20 -29.70 -4.63
N ILE E 253 19.58 -29.29 -5.83
CA ILE E 253 19.42 -30.14 -7.01
C ILE E 253 20.29 -31.38 -6.88
N TRP E 254 21.52 -31.20 -6.40
CA TRP E 254 22.41 -32.32 -6.14
C TRP E 254 21.75 -33.32 -5.17
N ALA E 255 21.19 -32.83 -4.07
CA ALA E 255 20.52 -33.69 -3.09
C ALA E 255 19.24 -34.30 -3.68
N ALA E 256 18.63 -33.61 -4.63
CA ALA E 256 17.42 -34.10 -5.28
C ALA E 256 17.69 -35.31 -6.16
N VAL E 257 18.91 -35.41 -6.71
CA VAL E 257 19.19 -36.42 -7.71
C VAL E 257 20.24 -37.46 -7.30
N ASP E 258 21.04 -37.16 -6.27
CA ASP E 258 22.11 -38.06 -5.86
C ASP E 258 21.73 -38.78 -4.56
N PRO E 259 21.45 -40.10 -4.66
CA PRO E 259 21.00 -40.88 -3.51
C PRO E 259 22.03 -40.89 -2.38
N TYR E 260 23.30 -40.66 -2.68
CA TYR E 260 24.33 -40.60 -1.64
C TYR E 260 24.06 -39.51 -0.57
N ALA E 261 23.30 -38.49 -0.94
CA ALA E 261 23.03 -37.38 -0.04
C ALA E 261 21.77 -37.56 0.80
N LYS E 262 21.11 -38.70 0.67
CA LYS E 262 19.76 -38.85 1.22
C LYS E 262 19.72 -38.72 2.74
N ASN E 263 18.64 -38.10 3.22
CA ASN E 263 18.34 -37.97 4.64
C ASN E 263 19.49 -37.41 5.47
N GLU E 264 20.08 -36.32 4.98
CA GLU E 264 21.15 -35.63 5.70
C GLU E 264 20.94 -34.11 5.64
N ALA E 265 21.44 -33.40 6.65
CA ALA E 265 21.52 -31.94 6.62
C ALA E 265 22.90 -31.52 6.16
N PHE E 266 22.94 -30.45 5.37
CA PHE E 266 24.19 -29.89 4.88
C PHE E 266 24.25 -28.38 5.03
N ASN E 267 25.36 -27.87 5.53
CA ASN E 267 25.68 -26.47 5.35
C ASN E 267 25.81 -26.19 3.85
N CYS E 268 25.67 -24.93 3.46
CA CYS E 268 25.88 -24.58 2.07
C CYS E 268 26.34 -23.14 1.94
N ASN E 269 27.66 -22.94 1.91
CA ASN E 269 28.19 -21.62 1.62
C ASN E 269 29.27 -21.70 0.53
N ASN E 270 29.80 -20.55 0.14
CA ASN E 270 30.68 -20.44 -1.02
C ASN E 270 32.00 -21.19 -0.86
N ALA E 271 32.32 -21.55 0.38
CA ALA E 271 33.50 -22.33 0.76
C ALA E 271 34.78 -21.50 0.86
N ASP E 272 34.66 -20.18 0.70
CA ASP E 272 35.77 -19.29 0.95
C ASP E 272 35.38 -18.33 2.06
N ILE E 273 36.28 -17.45 2.44
CA ILE E 273 35.97 -16.44 3.44
C ILE E 273 36.32 -15.05 2.90
N PHE E 274 35.70 -14.02 3.48
CA PHE E 274 35.97 -12.65 3.08
C PHE E 274 35.88 -11.71 4.27
N TRP E 276 34.47 -7.69 5.17
CA TRP E 276 33.60 -6.64 4.66
C TRP E 276 34.43 -5.44 4.15
N HIS E 278 37.09 -5.61 2.43
CA HIS E 278 37.44 -5.94 1.06
C HIS E 278 36.25 -5.84 0.10
N LEU E 279 35.09 -6.37 0.51
CA LEU E 279 33.90 -6.27 -0.34
C LEU E 279 33.43 -4.82 -0.48
N TRP E 280 33.68 -4.00 0.53
CA TRP E 280 33.24 -2.59 0.53
C TRP E 280 33.86 -1.83 -0.64
N ILE E 282 34.98 -3.16 -3.39
CA ILE E 282 34.35 -3.68 -4.59
C ILE E 282 32.99 -3.01 -4.81
N LEU E 283 32.20 -2.92 -3.75
CA LEU E 283 30.90 -2.28 -3.83
C LEU E 283 31.03 -0.85 -4.32
N ALA E 284 31.97 -0.12 -3.74
CA ALA E 284 32.18 1.27 -4.14
C ALA E 284 32.57 1.36 -5.60
N GLU E 285 33.48 0.47 -6.03
CA GLU E 285 33.93 0.44 -7.41
C GLU E 285 32.82 0.14 -8.41
N GLN E 286 31.95 -0.81 -8.07
CA GLN E 286 30.84 -1.15 -8.93
C GLN E 286 29.89 0.03 -9.12
N PHE E 287 29.77 0.86 -8.09
CA PHE E 287 28.84 1.99 -8.18
C PHE E 287 29.52 3.31 -8.55
N GLY E 288 30.82 3.25 -8.80
CA GLY E 288 31.59 4.42 -9.22
C GLY E 288 31.65 5.46 -8.12
N ILE E 289 31.79 5.01 -6.88
CA ILE E 289 31.86 5.89 -5.73
C ILE E 289 33.30 6.00 -5.28
N GLU E 290 33.91 7.18 -5.41
CA GLU E 290 35.32 7.32 -5.10
C GLU E 290 35.62 7.46 -3.61
N GLU E 291 34.68 8.04 -2.86
CA GLU E 291 34.87 8.18 -1.41
C GLU E 291 34.12 7.07 -0.66
N TYR E 292 34.88 6.17 -0.04
CA TYR E 292 34.31 5.05 0.71
C TYR E 292 35.23 4.64 1.85
N GLY E 293 34.67 3.93 2.82
CA GLY E 293 35.48 3.35 3.87
C GLY E 293 34.79 3.33 5.22
N PHE E 294 35.57 3.10 6.25
CA PHE E 294 35.02 3.03 7.59
C PHE E 294 35.36 4.28 8.37
N GLU E 295 34.34 4.91 8.96
CA GLU E 295 34.57 6.04 9.83
C GLU E 295 33.79 5.89 11.14
N GLU E 296 34.51 5.68 12.24
CA GLU E 296 33.88 5.45 13.53
C GLU E 296 33.06 6.66 13.91
N GLY E 297 31.85 6.41 14.38
CA GLY E 297 30.92 7.46 14.73
C GLY E 297 29.91 7.75 13.65
N LYS E 298 30.23 7.38 12.41
CA LYS E 298 29.30 7.51 11.30
C LYS E 298 28.63 6.17 11.01
N ASN E 299 29.19 5.12 11.59
CA ASN E 299 28.65 3.77 11.49
C ASN E 299 27.47 3.57 12.44
N LEU E 300 26.30 4.06 12.03
CA LEU E 300 25.14 4.13 12.91
C LEU E 300 24.05 3.09 12.60
N GLY E 301 24.33 2.19 11.67
CA GLY E 301 23.34 1.23 11.22
C GLY E 301 22.50 1.88 10.14
N LEU E 302 22.09 1.09 9.14
CA LEU E 302 21.32 1.65 8.04
C LEU E 302 19.89 2.02 8.44
N VAL E 303 19.34 1.41 9.47
CA VAL E 303 18.00 1.76 9.92
C VAL E 303 17.98 3.24 10.30
N GLU E 304 19.00 3.68 11.04
CA GLU E 304 19.14 5.09 11.39
C GLU E 304 19.62 5.94 10.20
N MET E 305 20.64 5.47 9.50
CA MET E 305 21.27 6.28 8.46
C MET E 305 20.32 6.57 7.31
N MET E 306 19.43 5.63 7.04
CA MET E 306 18.51 5.74 5.91
C MET E 306 17.15 6.32 6.28
N LYS E 307 16.99 6.74 7.53
CA LYS E 307 15.76 7.39 7.95
C LYS E 307 15.49 8.62 7.09
N GLY E 308 14.25 8.76 6.62
CA GLY E 308 13.87 9.92 5.84
C GLY E 308 14.41 10.00 4.42
N GLU E 310 13.11 8.48 1.87
CA GLU E 310 12.03 8.14 0.95
C GLU E 310 11.97 9.12 -0.22
N ARG E 311 12.14 10.39 0.09
CA ARG E 311 12.07 11.44 -0.91
C ARG E 311 13.21 11.32 -1.92
N VAL E 312 14.43 11.04 -1.48
CA VAL E 312 15.52 10.94 -2.44
C VAL E 312 15.35 9.67 -3.29
N TRP E 313 14.82 8.60 -2.69
CA TRP E 313 14.58 7.37 -3.43
C TRP E 313 13.56 7.60 -4.54
N GLU E 314 12.48 8.29 -4.22
CA GLU E 314 11.45 8.63 -5.20
C GLU E 314 12.08 9.43 -6.35
N GLU E 315 12.92 10.38 -6.00
CA GLU E 315 13.64 11.16 -6.99
C GLU E 315 14.49 10.25 -7.89
N MET E 316 15.17 9.29 -7.29
CA MET E 316 16.01 8.37 -8.06
C MET E 316 15.21 7.47 -8.97
N VAL E 317 14.07 6.98 -8.47
CA VAL E 317 13.22 6.10 -9.25
C VAL E 317 12.73 6.83 -10.49
N GLU E 319 14.00 9.62 -11.89
CA GLU E 319 15.11 10.02 -12.75
C GLU E 319 15.69 8.86 -13.54
N ASN E 320 15.67 7.66 -12.95
CA ASN E 320 16.36 6.53 -13.56
C ASN E 320 15.47 5.42 -14.09
N GLN E 321 14.16 5.64 -14.05
CA GLN E 321 13.19 4.66 -14.53
C GLN E 321 13.36 3.31 -13.81
N LEU E 322 13.49 3.37 -12.49
CA LEU E 322 13.65 2.16 -11.68
C LEU E 322 12.30 1.47 -11.54
N GLN E 323 12.32 0.18 -11.22
CA GLN E 323 11.09 -0.59 -11.29
C GLN E 323 10.38 -0.78 -9.96
N GLU E 324 11.05 -0.55 -8.84
CA GLU E 324 10.42 -0.68 -7.52
C GLU E 324 10.41 0.64 -6.77
N LYS E 326 8.89 1.43 -3.88
CA LYS E 326 8.82 1.38 -2.43
C LYS E 326 10.20 1.12 -1.81
N LEU E 327 10.77 2.14 -1.19
CA LEU E 327 12.11 2.02 -0.63
C LEU E 327 12.22 0.86 0.37
N GLU E 328 11.20 0.70 1.20
CA GLU E 328 11.22 -0.34 2.22
C GLU E 328 11.13 -1.76 1.66
N GLU E 329 10.72 -1.92 0.40
CA GLU E 329 10.69 -3.24 -0.23
C GLU E 329 12.10 -3.74 -0.60
N VAL E 330 12.96 -2.84 -1.03
CA VAL E 330 14.30 -3.21 -1.49
C VAL E 330 15.41 -2.74 -0.56
N GLY E 331 15.11 -1.74 0.27
CA GLY E 331 16.04 -1.31 1.30
C GLY E 331 15.65 -1.96 2.62
N VAL E 332 16.09 -3.20 2.81
CA VAL E 332 15.73 -3.98 3.98
C VAL E 332 16.80 -3.80 5.06
N TRP E 333 16.78 -2.61 5.66
CA TRP E 333 17.84 -2.13 6.52
C TRP E 333 18.09 -3.01 7.75
N TRP E 334 17.01 -3.52 8.36
CA TRP E 334 17.13 -4.23 9.64
C TRP E 334 18.04 -5.43 9.50
N PHE E 335 17.94 -6.15 8.39
CA PHE E 335 18.73 -7.36 8.22
C PHE E 335 20.20 -7.04 7.98
N ALA E 336 20.45 -6.08 7.09
CA ALA E 336 21.82 -5.65 6.85
C ALA E 336 22.49 -5.24 8.16
N ASP E 337 21.72 -4.60 9.04
CA ASP E 337 22.27 -4.15 10.32
C ASP E 337 22.62 -5.34 11.23
N VAL E 338 21.83 -6.41 11.17
CA VAL E 338 22.17 -7.64 11.88
C VAL E 338 23.49 -8.19 11.36
N ILE E 339 23.56 -8.39 10.04
CA ILE E 339 24.76 -8.92 9.38
C ILE E 339 26.02 -8.10 9.67
N LEU E 340 25.91 -6.79 9.56
CA LEU E 340 27.09 -5.93 9.65
C LEU E 340 27.43 -5.56 11.09
N GLY E 341 26.75 -6.22 12.04
CA GLY E 341 27.01 -6.03 13.45
C GLY E 341 27.72 -7.23 14.06
N VAL E 342 28.01 -8.23 13.24
CA VAL E 342 28.60 -9.47 13.74
C VAL E 342 29.85 -9.86 12.99
N GLU E 343 30.49 -10.93 13.44
CA GLU E 343 31.76 -11.31 12.89
C GLU E 343 32.04 -12.78 13.14
N GLY E 344 32.64 -13.44 12.15
CA GLY E 344 33.11 -14.80 12.34
C GLY E 344 32.04 -15.89 12.42
N MET E 345 30.80 -15.57 12.07
CA MET E 345 29.73 -16.58 12.09
C MET E 345 29.80 -17.50 10.87
N ILE E 346 30.83 -18.35 10.83
CA ILE E 346 31.17 -19.11 9.65
C ILE E 346 30.85 -20.59 9.84
N ASP E 347 30.40 -21.26 8.78
CA ASP E 347 30.04 -22.66 8.79
C ASP E 347 31.01 -23.49 7.98
N SER E 348 31.15 -24.73 8.34
CA SER E 348 32.08 -25.61 7.65
C SER E 348 31.46 -26.27 6.42
N MET E 349 32.22 -26.39 5.33
CA MET E 349 31.72 -27.12 4.17
C MET E 349 32.36 -28.52 4.06
N ASN E 350 33.01 -28.99 5.12
CA ASN E 350 33.67 -30.28 5.09
C ASN E 350 32.71 -31.44 4.80
N LYS E 351 31.54 -31.46 5.44
CA LYS E 351 30.59 -32.54 5.21
C LYS E 351 30.14 -32.60 3.75
N SER E 352 29.76 -31.45 3.19
CA SER E 352 29.36 -31.42 1.78
C SER E 352 30.43 -32.03 0.88
N LYS E 353 31.68 -31.63 1.09
CA LYS E 353 32.79 -32.09 0.25
C LYS E 353 33.01 -33.59 0.42
N GLU E 354 32.92 -34.04 1.67
CA GLU E 354 33.05 -35.44 2.01
C GLU E 354 31.96 -36.27 1.37
N TYR E 355 30.77 -35.71 1.19
CA TYR E 355 29.71 -36.38 0.47
C TYR E 355 29.79 -36.23 -1.05
N GLY E 356 30.78 -35.47 -1.51
CA GLY E 356 31.03 -35.34 -2.93
C GLY E 356 30.35 -34.14 -3.58
N PHE E 357 29.80 -33.23 -2.78
CA PHE E 357 29.33 -31.97 -3.33
C PHE E 357 30.49 -30.98 -3.32
N LEU E 358 31.01 -30.68 -4.49
CA LEU E 358 32.22 -29.87 -4.62
C LEU E 358 31.92 -28.48 -5.20
N GLY E 359 30.65 -28.14 -5.30
CA GLY E 359 30.25 -26.81 -5.71
C GLY E 359 30.84 -25.75 -4.80
N PHE E 360 31.18 -24.60 -5.38
CA PHE E 360 31.79 -23.47 -4.68
C PHE E 360 31.50 -22.19 -5.44
N ARG E 361 31.77 -21.05 -4.81
CA ARG E 361 31.86 -19.78 -5.52
C ARG E 361 32.99 -18.92 -4.94
N ASN E 362 33.65 -18.18 -5.83
CA ASN E 362 34.53 -17.09 -5.41
C ASN E 362 33.62 -15.94 -4.96
N SER E 363 33.68 -15.61 -3.67
CA SER E 363 32.74 -14.63 -3.10
C SER E 363 32.87 -13.24 -3.71
N ASN E 364 34.07 -12.87 -4.12
CA ASN E 364 34.26 -11.60 -4.82
C ASN E 364 33.46 -11.58 -6.10
N ASN E 365 33.55 -12.64 -6.88
CA ASN E 365 32.90 -12.70 -8.17
C ASN E 365 31.39 -12.89 -8.04
N SER E 366 30.98 -13.62 -7.01
CA SER E 366 29.57 -13.79 -6.68
C SER E 366 28.95 -12.43 -6.35
N PHE E 367 29.58 -11.72 -5.42
CA PHE E 367 29.13 -10.40 -5.00
C PHE E 367 28.94 -9.50 -6.23
N ILE E 368 29.96 -9.45 -7.10
CA ILE E 368 29.89 -8.61 -8.30
C ILE E 368 28.77 -9.03 -9.24
N SER E 369 28.60 -10.34 -9.42
CA SER E 369 27.57 -10.87 -10.31
C SER E 369 26.16 -10.49 -9.84
N TRP E 370 25.92 -10.57 -8.53
CA TRP E 370 24.59 -10.26 -8.02
C TRP E 370 24.34 -8.76 -8.02
N ILE E 371 25.36 -7.95 -7.77
CA ILE E 371 25.22 -6.50 -7.94
C ILE E 371 24.74 -6.19 -9.37
N ASP E 372 25.35 -6.82 -10.37
CA ASP E 372 24.98 -6.56 -11.75
CA ASP E 372 24.99 -6.56 -11.75
C ASP E 372 23.51 -6.88 -12.02
N LYS E 373 22.98 -7.91 -11.35
CA LYS E 373 21.58 -8.28 -11.54
C LYS E 373 20.61 -7.19 -11.08
N TYR E 374 20.93 -6.55 -9.96
CA TYR E 374 20.08 -5.47 -9.46
C TYR E 374 20.10 -4.27 -10.41
N ALA E 376 20.73 -4.71 -13.78
CA ALA E 376 20.13 -5.21 -15.03
C ALA E 376 18.60 -5.20 -14.99
N PHE E 377 18.04 -5.47 -13.81
CA PHE E 377 16.59 -5.49 -13.63
C PHE E 377 16.07 -4.12 -13.20
N LYS E 378 16.92 -3.10 -13.31
CA LYS E 378 16.53 -1.73 -13.03
C LYS E 378 15.95 -1.54 -11.64
N ILE E 379 16.53 -2.21 -10.65
CA ILE E 379 16.13 -1.95 -9.26
C ILE E 379 16.93 -0.76 -8.75
N VAL E 380 18.20 -0.70 -9.16
CA VAL E 380 19.03 0.48 -8.88
C VAL E 380 19.69 0.95 -10.18
N PRO E 381 20.14 2.21 -10.24
CA PRO E 381 20.86 2.62 -11.45
C PRO E 381 22.20 1.89 -11.56
N PHE F 18 58.07 -47.05 -17.22
CA PHE F 18 57.81 -45.80 -16.51
C PHE F 18 57.29 -44.71 -17.43
N GLU F 19 56.13 -44.16 -17.10
CA GLU F 19 55.58 -43.05 -17.86
C GLU F 19 56.30 -41.76 -17.48
N SER F 20 56.60 -41.63 -16.19
CA SER F 20 57.21 -40.41 -15.67
C SER F 20 58.32 -40.72 -14.68
N VAL F 21 59.28 -39.80 -14.58
CA VAL F 21 60.44 -39.98 -13.72
C VAL F 21 60.64 -38.75 -12.83
N ALA F 22 60.41 -38.91 -11.53
CA ALA F 22 60.48 -37.79 -10.61
C ALA F 22 61.86 -37.61 -9.97
N LEU F 23 62.23 -36.34 -9.78
CA LEU F 23 63.36 -36.00 -8.94
C LEU F 23 62.87 -35.11 -7.80
N ILE F 24 62.89 -35.65 -6.58
CA ILE F 24 62.46 -34.91 -5.40
C ILE F 24 63.67 -34.33 -4.69
N ILE F 25 63.72 -33.01 -4.60
CA ILE F 25 64.79 -32.36 -3.83
C ILE F 25 64.25 -32.05 -2.44
N GLY F 26 64.71 -32.81 -1.44
CA GLY F 26 64.23 -32.70 -0.08
C GLY F 26 63.33 -33.88 0.28
N VAL F 27 63.78 -35.10 -0.04
CA VAL F 27 62.88 -36.26 -0.01
C VAL F 27 62.59 -36.74 1.42
N THR F 28 63.37 -36.31 2.40
CA THR F 28 63.07 -36.63 3.80
C THR F 28 62.33 -35.49 4.51
N GLY F 29 61.95 -34.46 3.74
CA GLY F 29 61.21 -33.34 4.31
C GLY F 29 59.72 -33.61 4.50
N ILE F 30 59.02 -32.65 5.09
CA ILE F 30 57.61 -32.81 5.41
C ILE F 30 56.74 -33.01 4.17
N VAL F 31 57.13 -32.45 3.02
CA VAL F 31 56.39 -32.74 1.78
C VAL F 31 57.11 -33.81 0.96
N GLY F 32 58.44 -33.76 0.94
CA GLY F 32 59.23 -34.72 0.19
C GLY F 32 58.90 -36.15 0.58
N ASN F 33 58.72 -36.37 1.88
CA ASN F 33 58.36 -37.71 2.37
C ASN F 33 56.96 -38.15 1.90
N SER F 34 56.03 -37.21 1.75
CA SER F 34 54.73 -37.52 1.18
C SER F 34 54.85 -37.86 -0.32
N LEU F 35 55.58 -37.02 -1.05
CA LEU F 35 55.78 -37.27 -2.48
C LEU F 35 56.42 -38.64 -2.71
N ALA F 36 57.36 -38.99 -1.83
CA ALA F 36 58.08 -40.26 -1.94
C ALA F 36 57.12 -41.45 -1.79
N GLU F 37 56.10 -41.29 -0.97
CA GLU F 37 55.13 -42.36 -0.75
C GLU F 37 54.04 -42.41 -1.83
N ILE F 38 53.63 -41.25 -2.32
CA ILE F 38 52.45 -41.18 -3.18
C ILE F 38 52.78 -41.39 -4.65
N LEU F 39 53.87 -40.78 -5.11
CA LEU F 39 54.24 -40.89 -6.53
C LEU F 39 54.30 -42.34 -7.04
N PRO F 40 54.89 -43.28 -6.26
CA PRO F 40 55.01 -44.62 -6.81
C PRO F 40 53.72 -45.44 -6.83
N LEU F 41 52.64 -44.93 -6.23
CA LEU F 41 51.40 -45.70 -6.15
C LEU F 41 50.80 -45.97 -7.52
N SER F 42 50.13 -47.11 -7.66
CA SER F 42 49.64 -47.56 -8.95
C SER F 42 48.66 -46.58 -9.60
N ASP F 43 47.86 -45.90 -8.79
CA ASP F 43 46.81 -45.04 -9.32
C ASP F 43 47.20 -43.56 -9.40
N THR F 44 48.45 -43.23 -9.12
CA THR F 44 48.89 -41.83 -9.13
C THR F 44 48.93 -41.30 -10.56
N PRO F 45 48.31 -40.13 -10.80
CA PRO F 45 48.31 -39.52 -12.15
C PRO F 45 49.71 -39.37 -12.73
N GLY F 46 49.85 -39.59 -14.02
CA GLY F 46 51.14 -39.54 -14.70
C GLY F 46 51.97 -40.79 -14.49
N GLY F 47 51.43 -41.76 -13.76
CA GLY F 47 52.13 -42.99 -13.47
C GLY F 47 52.14 -43.99 -14.61
N PRO F 48 52.91 -45.08 -14.46
CA PRO F 48 53.70 -45.37 -13.26
C PRO F 48 54.94 -44.50 -13.16
N TRP F 49 55.29 -44.12 -11.93
CA TRP F 49 56.39 -43.22 -11.68
C TRP F 49 57.64 -43.94 -11.24
N VAL F 51 61.03 -42.83 -9.14
CA VAL F 51 61.33 -41.72 -8.23
C VAL F 51 62.79 -41.70 -7.77
N TYR F 52 63.45 -40.56 -7.97
CA TYR F 52 64.72 -40.24 -7.32
C TYR F 52 64.47 -39.32 -6.13
N GLY F 53 65.14 -39.58 -5.01
CA GLY F 53 65.03 -38.70 -3.87
C GLY F 53 66.35 -38.19 -3.35
N VAL F 54 66.43 -36.88 -3.10
CA VAL F 54 67.66 -36.25 -2.67
C VAL F 54 67.55 -35.61 -1.29
N ALA F 55 68.59 -35.80 -0.48
CA ALA F 55 68.79 -35.14 0.79
C ALA F 55 70.27 -35.31 1.13
N ARG F 56 70.73 -34.59 2.15
CA ARG F 56 72.13 -34.67 2.54
C ARG F 56 72.41 -35.86 3.44
N ARG F 57 71.61 -36.01 4.49
CA ARG F 57 71.82 -37.06 5.49
C ARG F 57 71.57 -38.46 4.92
N PRO F 58 72.20 -39.47 5.54
CA PRO F 58 71.85 -40.85 5.21
C PRO F 58 70.36 -41.06 5.39
N ARG F 59 69.79 -41.97 4.62
CA ARG F 59 68.35 -42.20 4.66
C ARG F 59 67.91 -42.69 6.04
N PRO F 60 66.98 -41.97 6.68
CA PRO F 60 66.50 -42.38 8.01
C PRO F 60 65.51 -43.53 7.90
N THR F 61 65.36 -44.32 8.96
CA THR F 61 64.54 -45.53 8.86
C THR F 61 63.07 -45.25 8.57
N TRP F 62 62.54 -44.14 9.05
CA TRP F 62 61.14 -43.80 8.83
C TRP F 62 60.83 -43.41 7.36
N ASN F 63 61.88 -43.19 6.58
CA ASN F 63 61.73 -42.85 5.15
C ASN F 63 61.99 -44.08 4.29
N ALA F 64 62.39 -45.18 4.92
CA ALA F 64 62.99 -46.31 4.21
C ALA F 64 62.04 -47.13 3.34
N ASP F 65 60.75 -47.14 3.66
CA ASP F 65 59.82 -48.03 2.96
C ASP F 65 59.49 -47.60 1.54
N HIS F 66 59.66 -46.31 1.23
CA HIS F 66 59.28 -45.81 -0.07
C HIS F 66 60.16 -46.41 -1.17
N PRO F 67 59.54 -46.92 -2.24
CA PRO F 67 60.32 -47.50 -3.32
C PRO F 67 60.95 -46.41 -4.21
N ILE F 68 62.04 -45.82 -3.74
CA ILE F 68 62.71 -44.76 -4.49
C ILE F 68 64.19 -45.04 -4.55
N ASP F 69 64.89 -44.33 -5.45
CA ASP F 69 66.34 -44.28 -5.42
C ASP F 69 66.79 -43.06 -4.61
N TYR F 70 67.30 -43.30 -3.41
CA TYR F 70 67.77 -42.25 -2.51
C TYR F 70 69.19 -41.83 -2.86
N ILE F 71 69.39 -40.53 -3.12
CA ILE F 71 70.70 -40.02 -3.47
C ILE F 71 71.15 -38.96 -2.47
N GLN F 72 72.28 -39.21 -1.82
CA GLN F 72 72.85 -38.18 -0.97
C GLN F 72 73.54 -37.16 -1.85
N CYS F 73 73.12 -35.90 -1.71
CA CYS F 73 73.67 -34.80 -2.49
C CYS F 73 73.37 -33.50 -1.76
N ASP F 74 74.38 -32.65 -1.66
CA ASP F 74 74.20 -31.32 -1.10
C ASP F 74 73.97 -30.36 -2.26
N VAL F 75 72.74 -29.88 -2.43
CA VAL F 75 72.44 -29.06 -3.60
C VAL F 75 72.93 -27.61 -3.45
N SER F 76 73.53 -27.26 -2.31
CA SER F 76 74.19 -25.96 -2.22
C SER F 76 75.62 -26.06 -2.81
N ASP F 77 76.01 -27.26 -3.19
CA ASP F 77 77.34 -27.48 -3.75
C ASP F 77 77.23 -27.80 -5.23
N ALA F 78 77.57 -26.81 -6.07
CA ALA F 78 77.33 -26.92 -7.51
C ALA F 78 78.08 -28.12 -8.11
N GLU F 79 79.30 -28.36 -7.64
CA GLU F 79 80.07 -29.49 -8.12
C GLU F 79 79.40 -30.80 -7.75
N ASP F 80 78.83 -30.83 -6.55
CA ASP F 80 78.12 -32.01 -6.08
C ASP F 80 76.87 -32.31 -6.90
N THR F 81 76.15 -31.26 -7.29
CA THR F 81 74.93 -31.43 -8.07
C THR F 81 75.24 -31.89 -9.48
N ARG F 82 76.27 -31.34 -10.09
CA ARG F 82 76.69 -31.81 -11.40
C ARG F 82 77.12 -33.28 -11.36
N SER F 83 77.79 -33.66 -10.29
CA SER F 83 78.28 -35.03 -10.18
C SER F 83 77.14 -36.01 -9.92
N LEU F 85 73.50 -35.26 -9.88
CA LEU F 85 72.20 -35.06 -10.52
C LEU F 85 72.28 -35.06 -12.05
N SER F 86 73.31 -34.44 -12.61
CA SER F 86 73.46 -34.48 -14.07
C SER F 86 73.42 -35.89 -14.68
N PRO F 87 73.89 -36.92 -13.94
CA PRO F 87 73.73 -38.26 -14.52
C PRO F 87 72.29 -38.79 -14.57
N LEU F 88 71.33 -38.10 -13.99
CA LEU F 88 69.97 -38.63 -13.95
C LEU F 88 69.23 -38.22 -15.22
N THR F 89 69.63 -38.79 -16.34
CA THR F 89 69.25 -38.29 -17.66
C THR F 89 67.80 -38.59 -18.04
N ASP F 90 67.12 -39.43 -17.26
CA ASP F 90 65.78 -39.83 -17.60
C ASP F 90 64.71 -39.05 -16.82
N VAL F 91 65.13 -38.12 -15.97
CA VAL F 91 64.20 -37.27 -15.22
C VAL F 91 63.22 -36.53 -16.13
N THR F 92 61.92 -36.59 -15.81
CA THR F 92 60.92 -35.82 -16.55
C THR F 92 60.26 -34.72 -15.72
N HIS F 93 60.30 -34.85 -14.39
CA HIS F 93 59.69 -33.90 -13.47
C HIS F 93 60.55 -33.64 -12.24
N VAL F 94 60.73 -32.37 -11.89
CA VAL F 94 61.43 -32.02 -10.65
C VAL F 94 60.42 -31.50 -9.64
N PHE F 95 60.53 -31.95 -8.38
CA PHE F 95 59.74 -31.41 -7.29
C PHE F 95 60.70 -30.84 -6.26
N TYR F 96 60.73 -29.53 -6.14
CA TYR F 96 61.71 -28.85 -5.30
C TYR F 96 61.05 -28.45 -3.98
N VAL F 97 61.40 -29.16 -2.92
CA VAL F 97 60.73 -29.00 -1.62
C VAL F 97 61.77 -28.98 -0.49
N THR F 98 62.58 -27.93 -0.50
CA THR F 98 63.65 -27.81 0.46
C THR F 98 63.99 -26.36 0.71
N TRP F 99 64.66 -26.10 1.83
CA TRP F 99 65.27 -24.80 2.05
C TRP F 99 66.33 -24.88 3.12
N THR F 100 67.09 -23.80 3.23
CA THR F 100 68.11 -23.64 4.26
C THR F 100 67.78 -22.38 5.04
N ASN F 101 67.91 -22.48 6.36
CA ASN F 101 67.52 -21.40 7.25
C ASN F 101 68.73 -20.62 7.74
N ARG F 102 68.97 -19.46 7.14
CA ARG F 102 70.14 -18.63 7.47
C ARG F 102 69.77 -17.45 8.37
N GLU F 103 70.77 -16.78 8.92
CA GLU F 103 70.50 -15.79 9.95
C GLU F 103 70.23 -14.37 9.44
N SER F 104 70.29 -14.17 8.13
CA SER F 104 69.81 -12.92 7.54
C SER F 104 69.04 -13.23 6.26
N GLU F 105 68.09 -12.38 5.90
CA GLU F 105 67.33 -12.67 4.69
C GLU F 105 68.19 -12.53 3.43
N SER F 106 69.20 -11.66 3.44
CA SER F 106 70.05 -11.54 2.26
C SER F 106 70.80 -12.85 2.06
N GLU F 107 71.22 -13.48 3.16
CA GLU F 107 71.87 -14.77 3.04
C GLU F 107 70.88 -15.85 2.60
N ASN F 108 69.65 -15.80 3.13
CA ASN F 108 68.59 -16.68 2.65
C ASN F 108 68.42 -16.59 1.15
N CYS F 109 68.40 -15.37 0.63
CA CYS F 109 68.25 -15.19 -0.82
C CYS F 109 69.43 -15.80 -1.58
N GLU F 110 70.65 -15.49 -1.17
CA GLU F 110 71.79 -16.07 -1.87
C GLU F 110 71.82 -17.61 -1.79
N ALA F 111 71.66 -18.15 -0.59
CA ALA F 111 71.80 -19.59 -0.40
C ALA F 111 70.64 -20.39 -1.01
N ASN F 112 69.41 -19.98 -0.76
CA ASN F 112 68.26 -20.71 -1.30
C ASN F 112 68.13 -20.51 -2.80
N GLY F 113 68.50 -19.33 -3.28
CA GLY F 113 68.58 -19.10 -4.72
C GLY F 113 69.58 -20.04 -5.38
N SER F 114 70.76 -20.15 -4.80
CA SER F 114 71.81 -20.97 -5.40
C SER F 114 71.44 -22.45 -5.38
N MET F 115 70.77 -22.90 -4.32
CA MET F 115 70.34 -24.29 -4.23
C MET F 115 69.41 -24.63 -5.39
N LEU F 116 68.42 -23.78 -5.60
CA LEU F 116 67.50 -23.97 -6.72
C LEU F 116 68.23 -23.86 -8.05
N ARG F 117 69.06 -22.85 -8.19
CA ARG F 117 69.80 -22.66 -9.44
C ARG F 117 70.68 -23.88 -9.75
N ASN F 118 71.36 -24.38 -8.73
CA ASN F 118 72.23 -25.54 -8.90
C ASN F 118 71.46 -26.77 -9.41
N VAL F 119 70.32 -27.05 -8.80
CA VAL F 119 69.48 -28.15 -9.27
C VAL F 119 69.09 -27.96 -10.74
N LEU F 120 68.60 -26.78 -11.07
CA LEU F 120 68.11 -26.52 -12.42
C LEU F 120 69.25 -26.62 -13.43
N GLN F 121 70.39 -26.04 -13.11
CA GLN F 121 71.51 -26.03 -14.05
C GLN F 121 72.15 -27.41 -14.16
N ALA F 122 71.98 -28.25 -13.15
CA ALA F 122 72.51 -29.60 -13.22
C ALA F 122 71.66 -30.52 -14.10
N ILE F 123 70.36 -30.26 -14.18
CA ILE F 123 69.41 -31.18 -14.79
C ILE F 123 68.95 -30.74 -16.19
N ILE F 124 68.62 -29.46 -16.34
CA ILE F 124 68.05 -28.95 -17.59
C ILE F 124 68.86 -29.34 -18.83
N PRO F 125 70.20 -29.14 -18.82
CA PRO F 125 70.94 -29.50 -20.03
C PRO F 125 71.10 -31.00 -20.27
N TYR F 126 70.86 -31.83 -19.26
CA TYR F 126 71.20 -33.25 -19.35
C TYR F 126 70.03 -34.23 -19.30
N ALA F 127 68.83 -33.71 -19.10
CA ALA F 127 67.64 -34.55 -19.13
C ALA F 127 66.78 -34.14 -20.31
N PRO F 128 66.96 -34.82 -21.45
CA PRO F 128 66.31 -34.42 -22.70
C PRO F 128 64.79 -34.49 -22.66
N ASN F 129 64.21 -35.24 -21.73
CA ASN F 129 62.76 -35.29 -21.66
C ASN F 129 62.18 -34.65 -20.40
N LEU F 130 62.96 -33.77 -19.79
CA LEU F 130 62.45 -32.95 -18.71
C LEU F 130 61.23 -32.17 -19.18
N ARG F 131 60.11 -32.27 -18.46
CA ARG F 131 58.91 -31.54 -18.86
C ARG F 131 58.45 -30.45 -17.88
N HIS F 132 58.79 -30.59 -16.61
CA HIS F 132 58.15 -29.74 -15.62
C HIS F 132 58.91 -29.63 -14.30
N VAL F 133 58.84 -28.45 -13.70
CA VAL F 133 59.44 -28.18 -12.40
C VAL F 133 58.40 -27.59 -11.45
N CYS F 134 58.13 -28.29 -10.35
CA CYS F 134 57.32 -27.74 -9.25
C CYS F 134 58.25 -27.07 -8.24
N LEU F 135 57.96 -25.83 -7.91
CA LEU F 135 58.69 -25.14 -6.87
C LEU F 135 57.77 -24.86 -5.68
N GLN F 136 58.16 -25.34 -4.50
CA GLN F 136 57.37 -25.05 -3.31
C GLN F 136 57.92 -23.84 -2.58
N THR F 137 57.05 -22.86 -2.33
CA THR F 137 57.38 -21.77 -1.45
C THR F 137 56.35 -21.77 -0.32
N GLY F 138 55.57 -20.71 -0.16
CA GLY F 138 54.65 -20.64 0.97
C GLY F 138 54.00 -19.29 1.20
N THR F 139 53.18 -19.24 2.25
CA THR F 139 52.42 -18.06 2.65
C THR F 139 53.29 -16.83 2.93
N HIS F 141 55.23 -15.61 1.05
CA HIS F 141 55.16 -14.81 -0.18
C HIS F 141 54.34 -13.54 0.04
N TYR F 142 53.32 -13.64 0.88
CA TYR F 142 52.36 -12.57 1.13
C TYR F 142 52.70 -11.78 2.38
N LEU F 143 53.56 -12.34 3.23
CA LEU F 143 53.81 -11.78 4.54
C LEU F 143 55.22 -11.22 4.72
N GLY F 144 56.13 -11.68 3.86
CA GLY F 144 57.54 -11.42 4.07
C GLY F 144 58.11 -12.42 5.06
N PRO F 145 59.43 -12.32 5.34
CA PRO F 145 60.08 -13.17 6.34
C PRO F 145 59.50 -12.91 7.72
N PHE F 146 59.69 -13.83 8.67
CA PHE F 146 59.10 -13.69 10.00
C PHE F 146 59.55 -12.42 10.72
N THR F 147 60.71 -11.89 10.35
CA THR F 147 61.20 -10.64 10.91
C THR F 147 60.45 -9.39 10.40
N ASN F 148 59.68 -9.55 9.33
CA ASN F 148 58.90 -8.42 8.82
C ASN F 148 57.71 -8.11 9.71
N VAL F 149 57.97 -7.42 10.83
CA VAL F 149 56.92 -7.12 11.79
C VAL F 149 56.36 -5.72 11.59
N ASP F 150 57.17 -4.84 11.00
CA ASP F 150 56.80 -3.45 10.84
C ASP F 150 56.54 -3.06 9.40
N GLY F 151 57.19 -3.74 8.47
CA GLY F 151 57.05 -3.43 7.05
C GLY F 151 55.65 -3.72 6.51
N PRO F 152 55.45 -3.48 5.20
CA PRO F 152 54.15 -3.73 4.60
C PRO F 152 53.80 -5.22 4.61
N ARG F 153 52.50 -5.51 4.56
CA ARG F 153 52.05 -6.89 4.45
C ARG F 153 50.64 -6.86 3.84
N HIS F 154 50.26 -7.93 3.18
CA HIS F 154 48.95 -8.01 2.55
C HIS F 154 47.85 -8.36 3.56
N ASP F 155 46.61 -8.05 3.22
CA ASP F 155 45.45 -8.37 4.06
C ASP F 155 44.83 -9.70 3.64
N PRO F 156 44.81 -10.68 4.56
CA PRO F 156 44.18 -11.96 4.24
C PRO F 156 42.68 -11.81 3.93
N PRO F 157 42.09 -12.74 3.15
CA PRO F 157 42.71 -13.94 2.58
C PRO F 157 43.65 -13.63 1.41
N PHE F 158 44.81 -14.26 1.45
CA PHE F 158 45.84 -14.04 0.43
C PHE F 158 45.42 -14.65 -0.89
N THR F 159 45.61 -13.91 -1.98
CA THR F 159 45.34 -14.45 -3.29
C THR F 159 46.60 -14.38 -4.13
N GLU F 160 46.74 -15.30 -5.09
CA GLU F 160 47.95 -15.39 -5.89
C GLU F 160 48.22 -14.14 -6.72
N ASP F 161 47.18 -13.43 -7.12
CA ASP F 161 47.39 -12.25 -7.95
C ASP F 161 47.79 -11.01 -7.13
N MET F 162 47.96 -11.15 -5.82
CA MET F 162 48.51 -10.05 -5.03
C MET F 162 49.95 -9.78 -5.47
N PRO F 163 50.33 -8.49 -5.56
CA PRO F 163 51.69 -8.15 -6.00
C PRO F 163 52.73 -8.45 -4.94
N ARG F 164 53.97 -8.69 -5.36
CA ARG F 164 55.05 -8.88 -4.41
C ARG F 164 55.17 -7.67 -3.50
N LEU F 165 55.42 -7.92 -2.23
CA LEU F 165 55.74 -6.85 -1.31
C LEU F 165 57.11 -6.29 -1.67
N GLN F 166 57.32 -5.01 -1.40
CA GLN F 166 58.61 -4.40 -1.64
C GLN F 166 59.51 -4.61 -0.42
N ILE F 167 59.70 -5.87 -0.06
CA ILE F 167 60.63 -6.25 0.99
C ILE F 167 61.35 -7.53 0.60
N GLN F 168 62.61 -7.65 1.00
CA GLN F 168 63.42 -8.78 0.62
C GLN F 168 62.79 -10.11 1.03
N ASN F 169 62.80 -11.07 0.10
CA ASN F 169 62.16 -12.38 0.28
C ASN F 169 62.80 -13.44 -0.63
N PHE F 170 63.37 -14.50 -0.05
CA PHE F 170 64.07 -15.46 -0.89
C PHE F 170 63.09 -16.23 -1.80
N TYR F 171 61.81 -16.24 -1.46
CA TYR F 171 60.81 -16.77 -2.39
C TYR F 171 60.82 -16.00 -3.73
N TYR F 172 60.98 -14.69 -3.67
CA TYR F 172 60.99 -13.88 -4.88
C TYR F 172 62.23 -14.20 -5.72
N THR F 173 63.36 -14.21 -5.03
CA THR F 173 64.64 -14.60 -5.62
C THR F 173 64.53 -15.95 -6.32
N GLN F 174 63.88 -16.91 -5.68
CA GLN F 174 63.75 -18.24 -6.25
C GLN F 174 62.85 -18.25 -7.48
N GLU F 175 61.70 -17.58 -7.39
CA GLU F 175 60.81 -17.48 -8.55
C GLU F 175 61.54 -16.91 -9.78
N ASP F 176 62.26 -15.82 -9.57
CA ASP F 176 62.98 -15.15 -10.65
C ASP F 176 63.97 -16.10 -11.32
N ILE F 177 64.71 -16.85 -10.50
CA ILE F 177 65.67 -17.83 -10.99
C ILE F 177 64.97 -18.96 -11.76
N LEU F 178 63.88 -19.46 -11.20
CA LEU F 178 63.05 -20.44 -11.89
C LEU F 178 62.66 -19.93 -13.28
N PHE F 179 62.08 -18.74 -13.34
CA PHE F 179 61.60 -18.19 -14.60
C PHE F 179 62.73 -18.09 -15.63
N GLU F 180 63.87 -17.52 -15.21
CA GLU F 180 64.98 -17.31 -16.14
C GLU F 180 65.57 -18.62 -16.65
N GLU F 181 65.81 -19.57 -15.74
CA GLU F 181 66.39 -20.84 -16.14
C GLU F 181 65.44 -21.61 -17.07
N ILE F 182 64.14 -21.49 -16.83
CA ILE F 182 63.16 -22.25 -17.60
C ILE F 182 62.93 -21.65 -18.99
N LYS F 183 62.99 -20.32 -19.11
CA LYS F 183 62.86 -19.68 -20.43
C LYS F 183 63.97 -20.10 -21.39
N LYS F 184 65.12 -20.47 -20.87
CA LYS F 184 66.22 -20.97 -21.70
C LYS F 184 65.83 -22.23 -22.45
N ILE F 185 65.02 -23.06 -21.82
CA ILE F 185 64.60 -24.35 -22.38
C ILE F 185 63.08 -24.34 -22.61
N GLU F 186 62.69 -24.30 -23.88
CA GLU F 186 61.30 -23.99 -24.21
C GLU F 186 60.36 -25.19 -24.04
N THR F 187 60.91 -26.35 -23.75
CA THR F 187 60.09 -27.54 -23.58
C THR F 187 59.64 -27.76 -22.13
N VAL F 188 60.02 -26.87 -21.23
CA VAL F 188 59.75 -27.07 -19.80
C VAL F 188 58.76 -26.06 -19.25
N THR F 189 57.81 -26.54 -18.47
CA THR F 189 56.85 -25.69 -17.78
C THR F 189 57.14 -25.68 -16.29
N TRP F 190 56.51 -24.77 -15.56
CA TRP F 190 56.72 -24.70 -14.11
C TRP F 190 55.40 -24.51 -13.37
N SER F 191 55.41 -24.82 -12.08
CA SER F 191 54.30 -24.45 -11.24
C SER F 191 54.86 -24.08 -9.88
N ILE F 192 54.19 -23.15 -9.22
CA ILE F 192 54.61 -22.71 -7.90
C ILE F 192 53.51 -23.04 -6.90
N HIS F 193 53.91 -23.52 -5.73
CA HIS F 193 52.97 -24.00 -4.72
C HIS F 193 53.26 -23.35 -3.38
N ARG F 194 52.25 -22.72 -2.79
CA ARG F 194 52.42 -21.87 -1.63
C ARG F 194 51.61 -22.36 -0.44
N PRO F 195 52.08 -23.41 0.22
CA PRO F 195 51.35 -23.93 1.39
C PRO F 195 51.44 -23.01 2.59
N ASN F 196 50.44 -23.11 3.45
CA ASN F 196 50.43 -22.49 4.78
C ASN F 196 51.16 -23.44 5.76
N MET F 197 50.91 -23.32 7.07
CA MET F 197 51.55 -24.26 8.02
C MET F 197 51.25 -25.69 7.59
N ILE F 198 52.28 -26.53 7.54
CA ILE F 198 52.09 -27.86 6.99
C ILE F 198 51.80 -28.89 8.08
N PHE F 199 50.74 -29.65 7.88
CA PHE F 199 50.45 -30.82 8.72
C PHE F 199 51.05 -32.03 8.00
N GLY F 200 52.10 -32.62 8.55
CA GLY F 200 52.74 -33.75 7.90
C GLY F 200 53.72 -34.53 8.77
N PHE F 201 54.31 -35.58 8.19
CA PHE F 201 55.28 -36.39 8.93
C PHE F 201 56.68 -36.29 8.36
N SER F 202 57.55 -35.68 9.17
CA SER F 202 58.99 -35.65 8.93
C SER F 202 59.68 -35.18 10.19
N PRO F 203 60.26 -36.12 10.95
CA PRO F 203 61.06 -35.75 12.12
C PRO F 203 62.14 -34.72 11.76
N TYR F 204 62.68 -34.80 10.55
CA TYR F 204 63.78 -33.93 10.10
C TYR F 204 63.38 -32.50 9.71
N SER F 205 62.10 -32.28 9.49
CA SER F 205 61.61 -30.98 9.03
C SER F 205 61.97 -29.80 9.94
N LEU F 206 62.35 -28.68 9.34
CA LEU F 206 62.70 -27.47 10.10
C LEU F 206 61.49 -26.75 10.70
N MET F 207 60.33 -26.96 10.10
CA MET F 207 59.11 -26.30 10.57
C MET F 207 57.98 -27.32 10.59
N ASN F 208 57.56 -27.70 11.78
CA ASN F 208 56.75 -28.90 11.92
C ASN F 208 55.77 -28.81 13.09
N ILE F 209 54.62 -28.19 12.86
CA ILE F 209 53.70 -27.92 13.95
C ILE F 209 53.12 -29.21 14.57
N VAL F 210 52.79 -30.22 13.77
CA VAL F 210 52.18 -31.41 14.35
C VAL F 210 53.21 -32.24 15.13
N GLY F 211 54.37 -32.45 14.51
CA GLY F 211 55.46 -33.15 15.16
C GLY F 211 55.83 -32.53 16.50
N THR F 212 55.98 -31.22 16.49
CA THR F 212 56.42 -30.50 17.69
C THR F 212 55.34 -30.49 18.79
N LEU F 213 54.08 -30.37 18.39
CA LEU F 213 52.98 -30.42 19.36
C LEU F 213 52.84 -31.82 19.94
N CYS F 214 53.12 -32.83 19.12
CA CYS F 214 53.09 -34.21 19.57
C CYS F 214 54.13 -34.45 20.66
N VAL F 215 55.33 -33.93 20.44
CA VAL F 215 56.40 -34.06 21.43
C VAL F 215 55.98 -33.36 22.72
N TYR F 216 55.41 -32.17 22.59
CA TYR F 216 54.93 -31.42 23.75
C TYR F 216 53.85 -32.17 24.52
N ALA F 217 52.85 -32.67 23.80
CA ALA F 217 51.77 -33.41 24.43
C ALA F 217 52.29 -34.70 25.08
N ALA F 218 53.19 -35.39 24.38
CA ALA F 218 53.79 -36.62 24.90
C ALA F 218 54.50 -36.38 26.24
N ILE F 219 55.19 -35.25 26.34
CA ILE F 219 55.91 -34.90 27.56
C ILE F 219 54.93 -34.57 28.68
N CYS F 220 53.86 -33.85 28.35
CA CYS F 220 52.84 -33.51 29.35
C CYS F 220 52.15 -34.76 29.87
N HIS F 222 53.42 -37.86 29.87
CA HIS F 222 54.39 -38.59 30.68
C HIS F 222 54.48 -38.01 32.09
N GLU F 223 54.68 -36.71 32.18
CA GLU F 223 54.74 -36.03 33.47
C GLU F 223 53.42 -36.13 34.23
N GLY F 224 52.30 -36.10 33.51
CA GLY F 224 51.00 -36.01 34.14
C GLY F 224 50.61 -34.57 34.37
N SER F 225 51.30 -33.66 33.69
CA SER F 225 51.05 -32.23 33.83
C SER F 225 50.00 -31.78 32.80
N PRO F 226 49.34 -30.62 33.03
CA PRO F 226 48.25 -30.22 32.12
C PRO F 226 48.75 -29.81 30.75
N LEU F 227 47.97 -30.09 29.71
CA LEU F 227 48.31 -29.61 28.37
C LEU F 227 47.93 -28.15 28.23
N LEU F 228 48.81 -27.28 28.66
CA LEU F 228 48.58 -25.84 28.63
C LEU F 228 48.97 -25.24 27.28
N PHE F 229 48.13 -24.33 26.78
CA PHE F 229 48.43 -23.67 25.51
C PHE F 229 49.58 -22.71 25.68
N PRO F 230 50.64 -22.89 24.87
CA PRO F 230 51.84 -22.07 25.02
C PRO F 230 51.73 -20.69 24.40
N GLY F 231 50.78 -20.48 23.50
CA GLY F 231 50.72 -19.27 22.71
C GLY F 231 49.76 -18.18 23.16
N SER F 232 49.47 -17.24 22.27
CA SER F 232 48.71 -16.06 22.64
C SER F 232 47.20 -16.31 22.63
N LYS F 234 44.93 -14.42 21.27
CA LYS F 234 44.42 -14.17 19.92
C LYS F 234 44.56 -15.38 19.01
N ALA F 235 45.65 -16.14 19.15
CA ALA F 235 45.83 -17.35 18.35
C ALA F 235 44.90 -18.46 18.80
N TRP F 236 44.64 -18.52 20.11
CA TRP F 236 43.70 -19.47 20.69
C TRP F 236 42.29 -19.30 20.11
N GLU F 237 41.86 -18.06 20.03
CA GLU F 237 40.50 -17.69 19.62
C GLU F 237 40.35 -17.41 18.11
N GLY F 238 41.47 -17.19 17.43
CA GLY F 238 41.43 -16.74 16.05
C GLY F 238 41.23 -17.86 15.06
N PHE F 239 41.01 -17.51 13.80
CA PHE F 239 40.87 -18.50 12.74
C PHE F 239 42.20 -18.72 12.04
N MET F 240 42.49 -19.98 11.72
CA MET F 240 43.68 -20.29 10.94
C MET F 240 43.35 -21.36 9.92
N THR F 241 44.29 -21.63 9.04
CA THR F 241 44.17 -22.81 8.19
C THR F 241 45.51 -23.54 8.14
N ALA F 242 45.51 -24.73 7.55
CA ALA F 242 46.73 -25.51 7.46
C ALA F 242 46.77 -26.25 6.15
N SER F 243 47.94 -26.83 5.87
CA SER F 243 48.19 -27.48 4.59
C SER F 243 48.64 -28.91 4.80
N ASP F 244 47.74 -29.84 4.59
CA ASP F 244 48.05 -31.25 4.67
C ASP F 244 49.16 -31.63 3.69
N ALA F 245 50.22 -32.28 4.18
CA ALA F 245 51.37 -32.62 3.32
C ALA F 245 51.01 -33.51 2.14
N ASP F 246 50.12 -34.48 2.35
CA ASP F 246 49.64 -35.31 1.25
C ASP F 246 48.87 -34.47 0.21
N LEU F 247 48.05 -33.54 0.70
CA LEU F 247 47.30 -32.65 -0.18
C LEU F 247 48.26 -31.79 -1.03
N ILE F 248 49.32 -31.29 -0.43
CA ILE F 248 50.34 -30.53 -1.17
C ILE F 248 50.94 -31.40 -2.28
N ALA F 249 51.32 -32.63 -1.92
CA ALA F 249 51.86 -33.56 -2.91
C ALA F 249 50.85 -33.79 -4.03
N GLU F 250 49.57 -33.92 -3.67
CA GLU F 250 48.50 -34.11 -4.66
C GLU F 250 48.39 -32.92 -5.61
N GLN F 251 48.50 -31.71 -5.10
CA GLN F 251 48.43 -30.54 -5.97
C GLN F 251 49.66 -30.44 -6.89
N GLN F 252 50.84 -30.82 -6.41
CA GLN F 252 52.03 -30.75 -7.24
C GLN F 252 51.93 -31.77 -8.35
N ILE F 253 51.45 -32.96 -8.02
CA ILE F 253 51.24 -34.01 -9.01
C ILE F 253 50.20 -33.56 -10.04
N TRP F 254 49.12 -32.93 -9.57
CA TRP F 254 48.11 -32.38 -10.48
C TRP F 254 48.75 -31.40 -11.46
N ALA F 255 49.47 -30.41 -10.94
CA ALA F 255 50.11 -29.39 -11.77
C ALA F 255 51.12 -30.03 -12.72
N ALA F 256 51.77 -31.10 -12.28
CA ALA F 256 52.78 -31.77 -13.08
C ALA F 256 52.18 -32.43 -14.32
N VAL F 257 50.91 -32.79 -14.28
CA VAL F 257 50.33 -33.54 -15.41
C VAL F 257 49.15 -32.85 -16.08
N ASP F 258 48.52 -31.91 -15.39
CA ASP F 258 47.33 -31.25 -15.93
C ASP F 258 47.66 -30.07 -16.85
N PRO F 259 47.13 -30.09 -18.09
CA PRO F 259 47.41 -29.06 -19.09
C PRO F 259 46.93 -27.66 -18.71
N TYR F 260 45.99 -27.56 -17.76
CA TYR F 260 45.46 -26.26 -17.37
C TYR F 260 46.31 -25.53 -16.33
N ALA F 261 47.18 -26.27 -15.65
CA ALA F 261 47.90 -25.75 -14.50
C ALA F 261 49.23 -25.11 -14.85
N LYS F 262 49.59 -25.12 -16.12
CA LYS F 262 50.94 -24.78 -16.55
C LYS F 262 51.30 -23.32 -16.31
N ASN F 263 52.47 -23.12 -15.72
CA ASN F 263 53.07 -21.80 -15.56
C ASN F 263 52.22 -20.89 -14.69
N GLU F 264 51.76 -21.42 -13.57
CA GLU F 264 50.97 -20.65 -12.61
C GLU F 264 51.41 -20.91 -11.17
N ALA F 265 51.18 -19.94 -10.31
CA ALA F 265 51.38 -20.15 -8.89
C ALA F 265 50.05 -20.48 -8.23
N PHE F 266 50.04 -21.42 -7.29
CA PHE F 266 48.82 -21.74 -6.54
C PHE F 266 49.05 -21.77 -5.03
N ASN F 267 48.14 -21.18 -4.27
CA ASN F 267 48.04 -21.51 -2.86
C ASN F 267 47.66 -22.98 -2.71
N CYS F 268 47.91 -23.56 -1.54
CA CYS F 268 47.49 -24.93 -1.26
C CYS F 268 47.32 -25.18 0.21
N ASN F 269 46.10 -24.99 0.71
CA ASN F 269 45.77 -25.37 2.07
C ASN F 269 44.53 -26.25 2.05
N ASN F 270 44.11 -26.73 3.21
CA ASN F 270 43.04 -27.74 3.31
C ASN F 270 41.65 -27.23 2.90
N ALA F 271 41.53 -25.92 2.75
CA ALA F 271 40.33 -25.21 2.28
C ALA F 271 39.25 -25.05 3.35
N ASP F 272 39.56 -25.42 4.59
CA ASP F 272 38.66 -25.11 5.69
C ASP F 272 39.41 -24.21 6.65
N ILE F 273 38.74 -23.77 7.72
CA ILE F 273 39.43 -23.02 8.76
C ILE F 273 39.17 -23.67 10.11
N PHE F 274 40.03 -23.38 11.07
CA PHE F 274 39.90 -23.94 12.40
C PHE F 274 40.34 -22.91 13.43
N TRP F 276 42.64 -22.80 17.13
CA TRP F 276 43.52 -23.63 17.93
C TRP F 276 42.82 -24.15 19.18
N HIS F 278 39.96 -25.35 19.38
CA HIS F 278 39.27 -26.56 18.97
C HIS F 278 40.24 -27.72 18.75
N LEU F 279 41.33 -27.46 18.05
CA LEU F 279 42.33 -28.50 17.79
C LEU F 279 43.02 -28.93 19.09
N TRP F 280 43.14 -28.01 20.03
CA TRP F 280 43.76 -28.30 21.32
C TRP F 280 43.03 -29.42 22.02
N ILE F 282 41.30 -31.73 20.61
CA ILE F 282 41.59 -32.93 19.87
C ILE F 282 42.97 -33.48 20.25
N LEU F 283 43.96 -32.59 20.36
CA LEU F 283 45.31 -33.01 20.71
C LEU F 283 45.33 -33.73 22.07
N ALA F 284 44.71 -33.10 23.07
CA ALA F 284 44.62 -33.70 24.40
C ALA F 284 44.00 -35.08 24.35
N GLU F 285 42.89 -35.20 23.62
CA GLU F 285 42.16 -36.45 23.52
C GLU F 285 42.98 -37.56 22.87
N GLN F 286 43.73 -37.22 21.83
CA GLN F 286 44.57 -38.20 21.17
C GLN F 286 45.70 -38.68 22.09
N PHE F 287 46.08 -37.84 23.05
CA PHE F 287 47.18 -38.21 23.94
C PHE F 287 46.72 -38.66 25.32
N GLY F 288 45.41 -38.68 25.53
CA GLY F 288 44.84 -39.16 26.78
C GLY F 288 45.03 -38.20 27.94
N ILE F 289 45.10 -36.91 27.63
CA ILE F 289 45.32 -35.89 28.65
C ILE F 289 43.99 -35.23 29.04
N GLU F 290 43.57 -35.42 30.28
CA GLU F 290 42.25 -34.94 30.70
C GLU F 290 42.27 -33.48 31.08
N GLU F 291 43.43 -33.00 31.52
CA GLU F 291 43.59 -31.59 31.90
C GLU F 291 44.27 -30.83 30.77
N TYR F 292 43.51 -29.97 30.11
CA TYR F 292 44.01 -29.22 28.98
C TYR F 292 43.30 -27.89 28.89
N GLY F 293 43.93 -26.90 28.28
CA GLY F 293 43.28 -25.63 28.05
C GLY F 293 44.18 -24.43 28.01
N PHE F 294 43.57 -23.25 28.08
CA PHE F 294 44.29 -21.98 28.04
C PHE F 294 44.31 -21.34 29.43
N GLU F 295 45.49 -20.99 29.89
CA GLU F 295 45.65 -20.25 31.14
C GLU F 295 46.63 -19.11 30.95
N GLU F 296 46.13 -17.87 30.94
CA GLU F 296 47.00 -16.72 30.78
C GLU F 296 48.02 -16.71 31.90
N GLY F 297 49.25 -16.32 31.57
CA GLY F 297 50.33 -16.33 32.53
C GLY F 297 51.18 -17.60 32.45
N LYS F 298 50.59 -18.69 31.98
CA LYS F 298 51.33 -19.93 31.79
C LYS F 298 51.63 -20.17 30.30
N ASN F 299 51.07 -19.33 29.44
CA ASN F 299 51.38 -19.35 28.01
C ASN F 299 52.67 -18.59 27.73
N LEU F 300 53.80 -19.23 27.97
CA LEU F 300 55.09 -18.55 27.92
C LEU F 300 55.89 -18.85 26.66
N GLY F 301 55.32 -19.69 25.79
CA GLY F 301 56.02 -20.11 24.59
C GLY F 301 56.76 -21.40 24.88
N LEU F 302 56.78 -22.31 23.92
CA LEU F 302 57.39 -23.62 24.15
C LEU F 302 58.90 -23.53 24.33
N VAL F 303 59.53 -22.51 23.76
CA VAL F 303 60.95 -22.32 23.95
C VAL F 303 61.25 -22.19 25.45
N GLU F 304 60.53 -21.30 26.12
CA GLU F 304 60.67 -21.16 27.56
C GLU F 304 60.19 -22.41 28.30
N MET F 305 58.98 -22.86 27.99
CA MET F 305 58.33 -23.90 28.77
C MET F 305 59.04 -25.24 28.67
N MET F 306 59.76 -25.48 27.57
CA MET F 306 60.34 -26.80 27.34
C MET F 306 61.81 -26.87 27.73
N LYS F 307 62.40 -25.75 28.12
CA LYS F 307 63.82 -25.79 28.47
C LYS F 307 63.98 -26.62 29.74
N GLY F 308 65.01 -27.45 29.76
CA GLY F 308 65.29 -28.30 30.90
C GLY F 308 64.44 -29.55 30.97
N GLU F 310 65.13 -32.20 28.97
CA GLU F 310 65.94 -33.25 28.34
C GLU F 310 65.86 -34.56 29.09
N ARG F 311 65.98 -34.50 30.41
CA ARG F 311 66.03 -35.69 31.25
C ARG F 311 64.74 -36.52 31.12
N VAL F 312 63.60 -35.85 31.23
CA VAL F 312 62.33 -36.55 31.15
C VAL F 312 62.07 -37.07 29.74
N TRP F 313 62.66 -36.42 28.73
CA TRP F 313 62.56 -36.92 27.37
C TRP F 313 63.41 -38.18 27.23
N GLU F 314 64.65 -38.09 27.72
CA GLU F 314 65.55 -39.23 27.80
C GLU F 314 64.84 -40.43 28.43
N GLU F 315 64.14 -40.17 29.53
CA GLU F 315 63.38 -41.18 30.23
C GLU F 315 62.28 -41.78 29.34
N MET F 316 61.53 -40.92 28.66
CA MET F 316 60.48 -41.38 27.76
C MET F 316 61.03 -42.24 26.63
N VAL F 317 62.18 -41.84 26.10
CA VAL F 317 62.77 -42.54 24.96
C VAL F 317 63.18 -43.96 25.36
N LYS F 318 63.87 -44.07 26.51
CA LYS F 318 64.21 -45.37 27.07
C LYS F 318 62.97 -46.22 27.31
N GLU F 319 62.00 -45.69 28.06
CA GLU F 319 60.83 -46.47 28.47
C GLU F 319 59.93 -46.87 27.32
N ASN F 320 59.96 -46.13 26.21
CA ASN F 320 59.04 -46.42 25.12
C ASN F 320 59.75 -46.79 23.82
N GLN F 321 61.08 -46.92 23.88
CA GLN F 321 61.90 -47.30 22.74
C GLN F 321 61.66 -46.36 21.55
N LEU F 322 61.88 -45.07 21.78
CA LEU F 322 61.61 -44.07 20.75
C LEU F 322 62.79 -43.94 19.78
N GLN F 323 62.48 -43.54 18.56
CA GLN F 323 63.44 -43.57 17.47
C GLN F 323 64.40 -42.37 17.50
N GLU F 324 63.97 -41.24 18.07
CA GLU F 324 64.85 -40.07 18.14
C GLU F 324 65.13 -39.61 19.57
N LYS F 325 66.41 -39.61 19.92
CA LYS F 325 66.88 -39.27 21.27
C LYS F 325 66.97 -37.77 21.51
N LYS F 326 67.39 -37.04 20.50
CA LYS F 326 67.67 -35.62 20.64
C LYS F 326 66.38 -34.82 20.70
N LEU F 327 66.04 -34.32 21.88
CA LEU F 327 64.80 -33.55 22.05
C LEU F 327 64.68 -32.42 21.04
N GLU F 328 65.78 -31.69 20.83
CA GLU F 328 65.75 -30.51 19.96
C GLU F 328 65.60 -30.89 18.48
N GLU F 329 65.76 -32.17 18.15
CA GLU F 329 65.58 -32.60 16.77
C GLU F 329 64.08 -32.68 16.40
N VAL F 330 63.26 -33.16 17.32
CA VAL F 330 61.84 -33.33 17.05
C VAL F 330 60.98 -32.31 17.77
N GLY F 331 61.58 -31.60 18.74
CA GLY F 331 60.90 -30.52 19.43
C GLY F 331 61.34 -29.17 18.90
N VAL F 332 60.79 -28.79 17.75
CA VAL F 332 61.20 -27.56 17.11
C VAL F 332 60.38 -26.39 17.65
N TRP F 333 60.74 -25.98 18.86
CA TRP F 333 59.90 -25.08 19.65
C TRP F 333 59.71 -23.73 19.00
N TRP F 334 60.78 -23.20 18.38
CA TRP F 334 60.76 -21.85 17.87
C TRP F 334 59.67 -21.66 16.82
N PHE F 335 59.46 -22.66 15.97
CA PHE F 335 58.45 -22.51 14.90
C PHE F 335 57.04 -22.59 15.45
N ALA F 336 56.81 -23.52 16.37
CA ALA F 336 55.53 -23.61 17.05
C ALA F 336 55.18 -22.28 17.71
N ASP F 337 56.18 -21.67 18.34
CA ASP F 337 55.99 -20.36 18.97
C ASP F 337 55.66 -19.25 17.96
N VAL F 338 56.21 -19.35 16.75
CA VAL F 338 55.82 -18.38 15.72
C VAL F 338 54.35 -18.60 15.35
N ILE F 339 53.99 -19.85 15.05
CA ILE F 339 52.64 -20.20 14.62
C ILE F 339 51.59 -19.84 15.65
N LEU F 340 51.86 -20.15 16.92
CA LEU F 340 50.84 -20.00 17.95
C LEU F 340 50.82 -18.60 18.54
N GLY F 341 51.48 -17.67 17.87
CA GLY F 341 51.42 -16.27 18.23
C GLY F 341 50.66 -15.42 17.22
N VAL F 342 50.06 -16.04 16.23
CA VAL F 342 49.34 -15.33 15.19
C VAL F 342 47.98 -15.93 14.90
N GLU F 343 47.18 -15.15 14.18
CA GLU F 343 45.84 -15.52 13.79
C GLU F 343 45.43 -14.87 12.50
N GLY F 344 44.52 -15.50 11.82
CA GLY F 344 43.93 -14.98 10.61
C GLY F 344 44.75 -14.98 9.33
N MET F 345 45.93 -15.54 9.40
CA MET F 345 46.83 -15.55 8.25
C MET F 345 46.46 -16.65 7.28
N ILE F 346 45.38 -16.45 6.57
CA ILE F 346 44.76 -17.40 5.68
C ILE F 346 44.81 -17.05 4.21
N ASP F 347 45.00 -18.06 3.38
CA ASP F 347 45.11 -17.96 1.93
C ASP F 347 43.87 -18.50 1.24
N SER F 348 43.51 -17.92 0.11
CA SER F 348 42.33 -18.37 -0.60
C SER F 348 42.62 -19.56 -1.46
N MET F 349 41.68 -20.46 -1.58
CA MET F 349 41.83 -21.58 -2.50
C MET F 349 40.97 -21.42 -3.76
N ASN F 350 40.46 -20.22 -3.99
CA ASN F 350 39.60 -19.98 -5.14
C ASN F 350 40.30 -20.25 -6.48
N LYS F 351 41.54 -19.78 -6.64
CA LYS F 351 42.25 -20.00 -7.89
C LYS F 351 42.42 -21.48 -8.18
N SER F 352 42.84 -22.23 -7.17
CA SER F 352 42.96 -23.69 -7.29
C SER F 352 41.68 -24.31 -7.82
N LYS F 353 40.56 -23.99 -7.20
CA LYS F 353 39.29 -24.60 -7.59
C LYS F 353 38.89 -24.18 -8.99
N GLU F 354 39.10 -22.90 -9.30
CA GLU F 354 38.77 -22.36 -10.59
C GLU F 354 39.56 -23.06 -11.71
N TYR F 355 40.79 -23.48 -11.40
CA TYR F 355 41.62 -24.20 -12.36
C TYR F 355 41.31 -25.69 -12.44
N GLY F 356 40.50 -26.17 -11.50
CA GLY F 356 40.07 -27.55 -11.53
C GLY F 356 40.71 -28.44 -10.48
N PHE F 357 41.48 -27.85 -9.56
CA PHE F 357 41.99 -28.63 -8.44
C PHE F 357 41.02 -28.53 -7.27
N LEU F 358 40.31 -29.61 -7.00
CA LEU F 358 39.26 -29.60 -5.98
C LEU F 358 39.66 -30.40 -4.75
N GLY F 359 40.95 -30.71 -4.65
CA GLY F 359 41.48 -31.43 -3.51
C GLY F 359 41.24 -30.63 -2.25
N PHE F 360 41.05 -31.33 -1.13
CA PHE F 360 40.77 -30.69 0.16
C PHE F 360 41.13 -31.63 1.30
N ARG F 361 41.10 -31.10 2.51
CA ARG F 361 41.16 -31.93 3.71
C ARG F 361 40.32 -31.31 4.81
N ASN F 362 39.64 -32.18 5.55
CA ASN F 362 39.07 -31.83 6.83
C ASN F 362 40.21 -31.70 7.81
N SER F 363 40.44 -30.49 8.32
CA SER F 363 41.62 -30.21 9.15
C SER F 363 41.60 -30.95 10.48
N ASN F 364 40.41 -31.25 11.00
CA ASN F 364 40.30 -32.06 12.21
C ASN F 364 40.84 -33.45 11.94
N ASN F 365 40.40 -34.06 10.85
CA ASN F 365 40.81 -35.40 10.50
C ASN F 365 42.26 -35.48 10.04
N SER F 366 42.72 -34.42 9.35
CA SER F 366 44.11 -34.35 8.94
C SER F 366 44.99 -34.33 10.19
N PHE F 367 44.67 -33.45 11.12
CA PHE F 367 45.40 -33.29 12.36
C PHE F 367 45.54 -34.63 13.09
N ILE F 368 44.43 -35.34 13.22
CA ILE F 368 44.41 -36.64 13.89
C ILE F 368 45.24 -37.68 13.14
N SER F 369 45.11 -37.70 11.82
CA SER F 369 45.86 -38.64 11.01
C SER F 369 47.37 -38.47 11.17
N TRP F 370 47.85 -37.22 11.18
CA TRP F 370 49.29 -36.99 11.28
C TRP F 370 49.81 -37.24 12.69
N ILE F 371 48.99 -36.97 13.71
CA ILE F 371 49.34 -37.36 15.07
C ILE F 371 49.60 -38.87 15.13
N ASP F 372 48.72 -39.65 14.52
CA ASP F 372 48.86 -41.10 14.51
CA ASP F 372 48.87 -41.11 14.50
C ASP F 372 50.20 -41.54 13.92
N LYS F 373 50.69 -40.84 12.89
CA LYS F 373 51.95 -41.20 12.24
C LYS F 373 53.15 -41.03 13.16
N TYR F 374 53.13 -39.99 13.98
CA TYR F 374 54.24 -39.75 14.89
C TYR F 374 54.32 -40.83 15.99
N ALA F 376 53.00 -44.02 15.34
CA ALA F 376 53.29 -45.22 14.56
C ALA F 376 54.78 -45.39 14.29
N PHE F 377 55.47 -44.29 13.96
CA PHE F 377 56.90 -44.38 13.70
C PHE F 377 57.71 -44.20 14.99
N LYS F 378 57.03 -44.31 16.14
CA LYS F 378 57.70 -44.33 17.44
C LYS F 378 58.54 -43.08 17.71
N ILE F 379 58.08 -41.92 17.25
CA ILE F 379 58.71 -40.67 17.60
C ILE F 379 58.22 -40.22 18.97
N VAL F 380 56.95 -40.46 19.25
CA VAL F 380 56.39 -40.23 20.57
C VAL F 380 55.61 -41.47 20.98
N PRO F 381 55.34 -41.63 22.29
CA PRO F 381 54.52 -42.77 22.71
C PRO F 381 53.09 -42.63 22.24
#